data_4BXP
# 
_entry.id   4BXP 
# 
_audit_conform.dict_name       mmcif_pdbx.dic 
_audit_conform.dict_version    5.391 
_audit_conform.dict_location   http://mmcif.pdb.org/dictionaries/ascii/mmcif_pdbx.dic 
# 
loop_
_database_2.database_id 
_database_2.database_code 
_database_2.pdbx_database_accession 
_database_2.pdbx_DOI 
PDB   4BXP         pdb_00004bxp 10.2210/pdb4bxp/pdb 
PDBE  EBI-57682    ?            ?                   
WWPDB D_1290057682 ?            ?                   
# 
loop_
_pdbx_audit_revision_history.ordinal 
_pdbx_audit_revision_history.data_content_type 
_pdbx_audit_revision_history.major_revision 
_pdbx_audit_revision_history.minor_revision 
_pdbx_audit_revision_history.revision_date 
1 'Structure model' 1 0 2013-09-25 
2 'Structure model' 1 1 2013-10-02 
3 'Structure model' 1 2 2018-01-17 
4 'Structure model' 1 3 2024-05-08 
# 
_pdbx_audit_revision_details.ordinal             1 
_pdbx_audit_revision_details.revision_ordinal    1 
_pdbx_audit_revision_details.data_content_type   'Structure model' 
_pdbx_audit_revision_details.provider            repository 
_pdbx_audit_revision_details.type                'Initial release' 
_pdbx_audit_revision_details.description         ? 
_pdbx_audit_revision_details.details             ? 
# 
loop_
_pdbx_audit_revision_group.ordinal 
_pdbx_audit_revision_group.revision_ordinal 
_pdbx_audit_revision_group.data_content_type 
_pdbx_audit_revision_group.group 
1 2 'Structure model' 'Database references' 
2 3 'Structure model' 'Database references' 
3 4 'Structure model' 'Data collection'     
4 4 'Structure model' 'Database references' 
5 4 'Structure model' Other                 
# 
loop_
_pdbx_audit_revision_category.ordinal 
_pdbx_audit_revision_category.revision_ordinal 
_pdbx_audit_revision_category.data_content_type 
_pdbx_audit_revision_category.category 
1 3 'Structure model' citation             
2 3 'Structure model' citation_author      
3 4 'Structure model' chem_comp_atom       
4 4 'Structure model' chem_comp_bond       
5 4 'Structure model' database_2           
6 4 'Structure model' pdbx_database_status 
# 
loop_
_pdbx_audit_revision_item.ordinal 
_pdbx_audit_revision_item.revision_ordinal 
_pdbx_audit_revision_item.data_content_type 
_pdbx_audit_revision_item.item 
1 3 'Structure model' '_citation.page_first'                 
2 3 'Structure model' '_citation.page_last'                  
3 3 'Structure model' '_citation.pdbx_database_id_DOI'       
4 3 'Structure model' '_citation.title'                      
5 3 'Structure model' '_citation_author.name'                
6 4 'Structure model' '_database_2.pdbx_DOI'                 
7 4 'Structure model' '_database_2.pdbx_database_accession'  
8 4 'Structure model' '_pdbx_database_status.status_code_sf' 
# 
_pdbx_database_status.status_code                     REL 
_pdbx_database_status.entry_id                        4BXP 
_pdbx_database_status.deposit_site                    PDBE 
_pdbx_database_status.process_site                    PDBE 
_pdbx_database_status.SG_entry                        . 
_pdbx_database_status.recvd_initial_deposition_date   2013-07-15 
_pdbx_database_status.pdb_format_compatible           Y 
_pdbx_database_status.status_code_sf                  REL 
_pdbx_database_status.status_code_mr                  ? 
_pdbx_database_status.status_code_cs                  ? 
_pdbx_database_status.methods_development_category    ? 
_pdbx_database_status.status_code_nmr_data            ? 
# 
loop_
_pdbx_database_related.db_name 
_pdbx_database_related.db_id 
_pdbx_database_related.content_type 
_pdbx_database_related.details 
PDB 4BXQ unspecified 'STRUCTURE OF THE E1021V MUTANT OF THE TCP10 DOMAIN OF DANIO RERIO CPAP'                                    
PDB 4BXR unspecified 'STRUCTURE OF THE WILD-TYPE TCP10 DOMAIN OF DANIO RERIO CPAP IN COMPLEX WITH A PEPTIDE OF DANIO RERIO STIL' 
# 
_audit_author.name           'van Breugel, M.' 
_audit_author.pdbx_ordinal   1 
# 
_citation.id                        primary 
_citation.title                     
'Crystal structures of the CPAP/STIL complex reveal its role in centriole assembly and human microcephaly.' 
_citation.journal_abbrev            Elife 
_citation.journal_volume            2 
_citation.page_first                e01071 
_citation.page_last                 e01071 
_citation.year                      2013 
_citation.journal_id_ASTM           ? 
_citation.country                   US 
_citation.journal_id_ISSN           2050-084X 
_citation.journal_id_CSD            ? 
_citation.book_publisher            ? 
_citation.pdbx_database_id_PubMed   24052813 
_citation.pdbx_database_id_DOI      10.7554/eLife.01071 
# 
loop_
_citation_author.citation_id 
_citation_author.name 
_citation_author.ordinal 
_citation_author.identifier_ORCID 
primary 'Cottee, M.A.'    1  ? 
primary 'Muschalik, N.'   2  ? 
primary 'Wong, Y.L.'      3  ? 
primary 'Johnson, C.M.'   4  ? 
primary 'Johnson, S.'     5  ? 
primary 'Andreeva, A.'    6  ? 
primary 'Oegema, K.'      7  ? 
primary 'Lea, S.M.'       8  ? 
primary 'Raff, J.W.'      9  ? 
primary 'van Breugel, M.' 10 ? 
# 
loop_
_entity.id 
_entity.type 
_entity.src_method 
_entity.pdbx_description 
_entity.formula_weight 
_entity.pdbx_number_of_molecules 
_entity.pdbx_ec 
_entity.pdbx_mutation 
_entity.pdbx_fragment 
_entity.details 
1 polymer man CPAP  21891.539 1   ? ? 'TCP-10 DOMAIN, RESIDUES 937-1124' ? 
2 water   nat water 18.015    190 ? ? ?                                  ? 
# 
_entity_poly.entity_id                      1 
_entity_poly.type                           'polypeptide(L)' 
_entity_poly.nstd_linkage                   no 
_entity_poly.nstd_monomer                   no 
_entity_poly.pdbx_seq_one_letter_code       
;GPHMEEIMQSDSKIEKMLPDGGRLVVFPNGTRKELSADGQTVKVMFFNGDVKHTMPDQRVIYYYAEAQTTHITYPDGMEV
LQFPNNQTEKHFPDGRKEITFPDQTVKTLHPDGREESVLTDGTIIQLNPDGSKVIQFNTGQREIHTADFKRREYPDGTVK
TVYSDGRQETQYPTGRVRLKDPQGKVIMDTKA
;
_entity_poly.pdbx_seq_one_letter_code_can   
;GPHMEEIMQSDSKIEKMLPDGGRLVVFPNGTRKELSADGQTVKVMFFNGDVKHTMPDQRVIYYYAEAQTTHITYPDGMEV
LQFPNNQTEKHFPDGRKEITFPDQTVKTLHPDGREESVLTDGTIIQLNPDGSKVIQFNTGQREIHTADFKRREYPDGTVK
TVYSDGRQETQYPTGRVRLKDPQGKVIMDTKA
;
_entity_poly.pdbx_strand_id                 A 
_entity_poly.pdbx_target_identifier         ? 
# 
_pdbx_entity_nonpoly.entity_id   2 
_pdbx_entity_nonpoly.name        water 
_pdbx_entity_nonpoly.comp_id     HOH 
# 
loop_
_entity_poly_seq.entity_id 
_entity_poly_seq.num 
_entity_poly_seq.mon_id 
_entity_poly_seq.hetero 
1 1   GLY n 
1 2   PRO n 
1 3   HIS n 
1 4   MET n 
1 5   GLU n 
1 6   GLU n 
1 7   ILE n 
1 8   MET n 
1 9   GLN n 
1 10  SER n 
1 11  ASP n 
1 12  SER n 
1 13  LYS n 
1 14  ILE n 
1 15  GLU n 
1 16  LYS n 
1 17  MET n 
1 18  LEU n 
1 19  PRO n 
1 20  ASP n 
1 21  GLY n 
1 22  GLY n 
1 23  ARG n 
1 24  LEU n 
1 25  VAL n 
1 26  VAL n 
1 27  PHE n 
1 28  PRO n 
1 29  ASN n 
1 30  GLY n 
1 31  THR n 
1 32  ARG n 
1 33  LYS n 
1 34  GLU n 
1 35  LEU n 
1 36  SER n 
1 37  ALA n 
1 38  ASP n 
1 39  GLY n 
1 40  GLN n 
1 41  THR n 
1 42  VAL n 
1 43  LYS n 
1 44  VAL n 
1 45  MET n 
1 46  PHE n 
1 47  PHE n 
1 48  ASN n 
1 49  GLY n 
1 50  ASP n 
1 51  VAL n 
1 52  LYS n 
1 53  HIS n 
1 54  THR n 
1 55  MET n 
1 56  PRO n 
1 57  ASP n 
1 58  GLN n 
1 59  ARG n 
1 60  VAL n 
1 61  ILE n 
1 62  TYR n 
1 63  TYR n 
1 64  TYR n 
1 65  ALA n 
1 66  GLU n 
1 67  ALA n 
1 68  GLN n 
1 69  THR n 
1 70  THR n 
1 71  HIS n 
1 72  ILE n 
1 73  THR n 
1 74  TYR n 
1 75  PRO n 
1 76  ASP n 
1 77  GLY n 
1 78  MET n 
1 79  GLU n 
1 80  VAL n 
1 81  LEU n 
1 82  GLN n 
1 83  PHE n 
1 84  PRO n 
1 85  ASN n 
1 86  ASN n 
1 87  GLN n 
1 88  THR n 
1 89  GLU n 
1 90  LYS n 
1 91  HIS n 
1 92  PHE n 
1 93  PRO n 
1 94  ASP n 
1 95  GLY n 
1 96  ARG n 
1 97  LYS n 
1 98  GLU n 
1 99  ILE n 
1 100 THR n 
1 101 PHE n 
1 102 PRO n 
1 103 ASP n 
1 104 GLN n 
1 105 THR n 
1 106 VAL n 
1 107 LYS n 
1 108 THR n 
1 109 LEU n 
1 110 HIS n 
1 111 PRO n 
1 112 ASP n 
1 113 GLY n 
1 114 ARG n 
1 115 GLU n 
1 116 GLU n 
1 117 SER n 
1 118 VAL n 
1 119 LEU n 
1 120 THR n 
1 121 ASP n 
1 122 GLY n 
1 123 THR n 
1 124 ILE n 
1 125 ILE n 
1 126 GLN n 
1 127 LEU n 
1 128 ASN n 
1 129 PRO n 
1 130 ASP n 
1 131 GLY n 
1 132 SER n 
1 133 LYS n 
1 134 VAL n 
1 135 ILE n 
1 136 GLN n 
1 137 PHE n 
1 138 ASN n 
1 139 THR n 
1 140 GLY n 
1 141 GLN n 
1 142 ARG n 
1 143 GLU n 
1 144 ILE n 
1 145 HIS n 
1 146 THR n 
1 147 ALA n 
1 148 ASP n 
1 149 PHE n 
1 150 LYS n 
1 151 ARG n 
1 152 ARG n 
1 153 GLU n 
1 154 TYR n 
1 155 PRO n 
1 156 ASP n 
1 157 GLY n 
1 158 THR n 
1 159 VAL n 
1 160 LYS n 
1 161 THR n 
1 162 VAL n 
1 163 TYR n 
1 164 SER n 
1 165 ASP n 
1 166 GLY n 
1 167 ARG n 
1 168 GLN n 
1 169 GLU n 
1 170 THR n 
1 171 GLN n 
1 172 TYR n 
1 173 PRO n 
1 174 THR n 
1 175 GLY n 
1 176 ARG n 
1 177 VAL n 
1 178 ARG n 
1 179 LEU n 
1 180 LYS n 
1 181 ASP n 
1 182 PRO n 
1 183 GLN n 
1 184 GLY n 
1 185 LYS n 
1 186 VAL n 
1 187 ILE n 
1 188 MET n 
1 189 ASP n 
1 190 THR n 
1 191 LYS n 
1 192 ALA n 
# 
_entity_src_gen.entity_id                          1 
_entity_src_gen.pdbx_src_id                        1 
_entity_src_gen.pdbx_alt_source_flag               sample 
_entity_src_gen.pdbx_seq_type                      ? 
_entity_src_gen.pdbx_beg_seq_num                   ? 
_entity_src_gen.pdbx_end_seq_num                   ? 
_entity_src_gen.gene_src_common_name               ZEBRAFISH 
_entity_src_gen.gene_src_genus                     ? 
_entity_src_gen.pdbx_gene_src_gene                 ? 
_entity_src_gen.gene_src_species                   ? 
_entity_src_gen.gene_src_strain                    ? 
_entity_src_gen.gene_src_tissue                    ? 
_entity_src_gen.gene_src_tissue_fraction           ? 
_entity_src_gen.gene_src_details                   ? 
_entity_src_gen.pdbx_gene_src_fragment             ? 
_entity_src_gen.pdbx_gene_src_scientific_name      'DANIO RERIO' 
_entity_src_gen.pdbx_gene_src_ncbi_taxonomy_id     7955 
_entity_src_gen.pdbx_gene_src_variant              ? 
_entity_src_gen.pdbx_gene_src_cell_line            ? 
_entity_src_gen.pdbx_gene_src_atcc                 ? 
_entity_src_gen.pdbx_gene_src_organ                ? 
_entity_src_gen.pdbx_gene_src_organelle            ? 
_entity_src_gen.pdbx_gene_src_cell                 ? 
_entity_src_gen.pdbx_gene_src_cellular_location    ? 
_entity_src_gen.host_org_common_name               ? 
_entity_src_gen.pdbx_host_org_scientific_name      'ESCHERICHIA COLI' 
_entity_src_gen.pdbx_host_org_ncbi_taxonomy_id     469008 
_entity_src_gen.host_org_genus                     ? 
_entity_src_gen.pdbx_host_org_gene                 ? 
_entity_src_gen.pdbx_host_org_organ                ? 
_entity_src_gen.host_org_species                   ? 
_entity_src_gen.pdbx_host_org_tissue               ? 
_entity_src_gen.pdbx_host_org_tissue_fraction      ? 
_entity_src_gen.pdbx_host_org_strain               'BL21(DE3)' 
_entity_src_gen.pdbx_host_org_variant              ROSETTA 
_entity_src_gen.pdbx_host_org_cell_line            ? 
_entity_src_gen.pdbx_host_org_atcc                 ? 
_entity_src_gen.pdbx_host_org_culture_collection   ? 
_entity_src_gen.pdbx_host_org_cell                 ? 
_entity_src_gen.pdbx_host_org_organelle            ? 
_entity_src_gen.pdbx_host_org_cellular_location    ? 
_entity_src_gen.pdbx_host_org_vector_type          PLASMID 
_entity_src_gen.pdbx_host_org_vector               PET28 
_entity_src_gen.host_org_details                   ? 
_entity_src_gen.expression_system_id               ? 
_entity_src_gen.plasmid_name                       ? 
_entity_src_gen.plasmid_details                    ? 
_entity_src_gen.pdbx_description                   CDNA 
# 
loop_
_chem_comp.id 
_chem_comp.type 
_chem_comp.mon_nstd_flag 
_chem_comp.name 
_chem_comp.pdbx_synonyms 
_chem_comp.formula 
_chem_comp.formula_weight 
ALA 'L-peptide linking' y ALANINE         ? 'C3 H7 N O2'     89.093  
ARG 'L-peptide linking' y ARGININE        ? 'C6 H15 N4 O2 1' 175.209 
ASN 'L-peptide linking' y ASPARAGINE      ? 'C4 H8 N2 O3'    132.118 
ASP 'L-peptide linking' y 'ASPARTIC ACID' ? 'C4 H7 N O4'     133.103 
GLN 'L-peptide linking' y GLUTAMINE       ? 'C5 H10 N2 O3'   146.144 
GLU 'L-peptide linking' y 'GLUTAMIC ACID' ? 'C5 H9 N O4'     147.129 
GLY 'peptide linking'   y GLYCINE         ? 'C2 H5 N O2'     75.067  
HIS 'L-peptide linking' y HISTIDINE       ? 'C6 H10 N3 O2 1' 156.162 
HOH non-polymer         . WATER           ? 'H2 O'           18.015  
ILE 'L-peptide linking' y ISOLEUCINE      ? 'C6 H13 N O2'    131.173 
LEU 'L-peptide linking' y LEUCINE         ? 'C6 H13 N O2'    131.173 
LYS 'L-peptide linking' y LYSINE          ? 'C6 H15 N2 O2 1' 147.195 
MET 'L-peptide linking' y METHIONINE      ? 'C5 H11 N O2 S'  149.211 
PHE 'L-peptide linking' y PHENYLALANINE   ? 'C9 H11 N O2'    165.189 
PRO 'L-peptide linking' y PROLINE         ? 'C5 H9 N O2'     115.130 
SER 'L-peptide linking' y SERINE          ? 'C3 H7 N O3'     105.093 
THR 'L-peptide linking' y THREONINE       ? 'C4 H9 N O3'     119.119 
TYR 'L-peptide linking' y TYROSINE        ? 'C9 H11 N O3'    181.189 
VAL 'L-peptide linking' y VALINE          ? 'C5 H11 N O2'    117.146 
# 
loop_
_pdbx_poly_seq_scheme.asym_id 
_pdbx_poly_seq_scheme.entity_id 
_pdbx_poly_seq_scheme.seq_id 
_pdbx_poly_seq_scheme.mon_id 
_pdbx_poly_seq_scheme.ndb_seq_num 
_pdbx_poly_seq_scheme.pdb_seq_num 
_pdbx_poly_seq_scheme.auth_seq_num 
_pdbx_poly_seq_scheme.pdb_mon_id 
_pdbx_poly_seq_scheme.auth_mon_id 
_pdbx_poly_seq_scheme.pdb_strand_id 
_pdbx_poly_seq_scheme.pdb_ins_code 
_pdbx_poly_seq_scheme.hetero 
A 1 1   GLY 1   933  ?    ?   ?   A . n 
A 1 2   PRO 2   934  ?    ?   ?   A . n 
A 1 3   HIS 3   935  ?    ?   ?   A . n 
A 1 4   MET 4   936  ?    ?   ?   A . n 
A 1 5   GLU 5   937  ?    ?   ?   A . n 
A 1 6   GLU 6   938  ?    ?   ?   A . n 
A 1 7   ILE 7   939  ?    ?   ?   A . n 
A 1 8   MET 8   940  ?    ?   ?   A . n 
A 1 9   GLN 9   941  ?    ?   ?   A . n 
A 1 10  SER 10  942  ?    ?   ?   A . n 
A 1 11  ASP 11  943  ?    ?   ?   A . n 
A 1 12  SER 12  944  ?    ?   ?   A . n 
A 1 13  LYS 13  945  ?    ?   ?   A . n 
A 1 14  ILE 14  946  ?    ?   ?   A . n 
A 1 15  GLU 15  947  ?    ?   ?   A . n 
A 1 16  LYS 16  948  ?    ?   ?   A . n 
A 1 17  MET 17  949  ?    ?   ?   A . n 
A 1 18  LEU 18  950  ?    ?   ?   A . n 
A 1 19  PRO 19  951  ?    ?   ?   A . n 
A 1 20  ASP 20  952  ?    ?   ?   A . n 
A 1 21  GLY 21  953  ?    ?   ?   A . n 
A 1 22  GLY 22  954  ?    ?   ?   A . n 
A 1 23  ARG 23  955  955  ARG ARG A . n 
A 1 24  LEU 24  956  956  LEU LEU A . n 
A 1 25  VAL 25  957  957  VAL VAL A . n 
A 1 26  VAL 26  958  958  VAL VAL A . n 
A 1 27  PHE 27  959  959  PHE PHE A . n 
A 1 28  PRO 28  960  960  PRO PRO A . n 
A 1 29  ASN 29  961  961  ASN ASN A . n 
A 1 30  GLY 30  962  962  GLY GLY A . n 
A 1 31  THR 31  963  963  THR THR A . n 
A 1 32  ARG 32  964  964  ARG ARG A . n 
A 1 33  LYS 33  965  965  LYS LYS A . n 
A 1 34  GLU 34  966  966  GLU GLU A . n 
A 1 35  LEU 35  967  967  LEU LEU A . n 
A 1 36  SER 36  968  968  SER SER A . n 
A 1 37  ALA 37  969  969  ALA ALA A . n 
A 1 38  ASP 38  970  970  ASP ASP A . n 
A 1 39  GLY 39  971  971  GLY GLY A . n 
A 1 40  GLN 40  972  972  GLN GLN A . n 
A 1 41  THR 41  973  973  THR THR A . n 
A 1 42  VAL 42  974  974  VAL VAL A . n 
A 1 43  LYS 43  975  975  LYS LYS A . n 
A 1 44  VAL 44  976  976  VAL VAL A . n 
A 1 45  MET 45  977  977  MET MET A . n 
A 1 46  PHE 46  978  978  PHE PHE A . n 
A 1 47  PHE 47  979  979  PHE PHE A . n 
A 1 48  ASN 48  980  980  ASN ASN A . n 
A 1 49  GLY 49  981  981  GLY GLY A . n 
A 1 50  ASP 50  982  982  ASP ASP A . n 
A 1 51  VAL 51  983  983  VAL VAL A . n 
A 1 52  LYS 52  984  984  LYS LYS A . n 
A 1 53  HIS 53  985  985  HIS HIS A . n 
A 1 54  THR 54  986  986  THR THR A . n 
A 1 55  MET 55  987  987  MET MET A . n 
A 1 56  PRO 56  988  988  PRO PRO A . n 
A 1 57  ASP 57  989  989  ASP ASP A . n 
A 1 58  GLN 58  990  990  GLN GLN A . n 
A 1 59  ARG 59  991  991  ARG ARG A . n 
A 1 60  VAL 60  992  992  VAL VAL A . n 
A 1 61  ILE 61  993  993  ILE ILE A . n 
A 1 62  TYR 62  994  994  TYR TYR A . n 
A 1 63  TYR 63  995  995  TYR TYR A . n 
A 1 64  TYR 64  996  996  TYR TYR A . n 
A 1 65  ALA 65  997  997  ALA ALA A . n 
A 1 66  GLU 66  998  998  GLU GLU A . n 
A 1 67  ALA 67  999  999  ALA ALA A . n 
A 1 68  GLN 68  1000 1000 GLN GLN A . n 
A 1 69  THR 69  1001 1001 THR THR A . n 
A 1 70  THR 70  1002 1002 THR THR A . n 
A 1 71  HIS 71  1003 1003 HIS HIS A . n 
A 1 72  ILE 72  1004 1004 ILE ILE A . n 
A 1 73  THR 73  1005 1005 THR THR A . n 
A 1 74  TYR 74  1006 1006 TYR TYR A . n 
A 1 75  PRO 75  1007 1007 PRO PRO A . n 
A 1 76  ASP 76  1008 1008 ASP ASP A . n 
A 1 77  GLY 77  1009 1009 GLY GLY A . n 
A 1 78  MET 78  1010 1010 MET MET A . n 
A 1 79  GLU 79  1011 1011 GLU GLU A . n 
A 1 80  VAL 80  1012 1012 VAL VAL A . n 
A 1 81  LEU 81  1013 1013 LEU LEU A . n 
A 1 82  GLN 82  1014 1014 GLN GLN A . n 
A 1 83  PHE 83  1015 1015 PHE PHE A . n 
A 1 84  PRO 84  1016 1016 PRO PRO A . n 
A 1 85  ASN 85  1017 1017 ASN ASN A . n 
A 1 86  ASN 86  1018 1018 ASN ASN A . n 
A 1 87  GLN 87  1019 1019 GLN GLN A . n 
A 1 88  THR 88  1020 1020 THR THR A . n 
A 1 89  GLU 89  1021 1021 GLU GLU A . n 
A 1 90  LYS 90  1022 1022 LYS LYS A . n 
A 1 91  HIS 91  1023 1023 HIS HIS A . n 
A 1 92  PHE 92  1024 1024 PHE PHE A . n 
A 1 93  PRO 93  1025 1025 PRO PRO A . n 
A 1 94  ASP 94  1026 1026 ASP ASP A . n 
A 1 95  GLY 95  1027 1027 GLY GLY A . n 
A 1 96  ARG 96  1028 1028 ARG ARG A . n 
A 1 97  LYS 97  1029 1029 LYS LYS A . n 
A 1 98  GLU 98  1030 1030 GLU GLU A . n 
A 1 99  ILE 99  1031 1031 ILE ILE A . n 
A 1 100 THR 100 1032 1032 THR THR A . n 
A 1 101 PHE 101 1033 1033 PHE PHE A . n 
A 1 102 PRO 102 1034 1034 PRO PRO A . n 
A 1 103 ASP 103 1035 1035 ASP ASP A . n 
A 1 104 GLN 104 1036 1036 GLN GLN A . n 
A 1 105 THR 105 1037 1037 THR THR A . n 
A 1 106 VAL 106 1038 1038 VAL VAL A . n 
A 1 107 LYS 107 1039 1039 LYS LYS A . n 
A 1 108 THR 108 1040 1040 THR THR A . n 
A 1 109 LEU 109 1041 1041 LEU LEU A . n 
A 1 110 HIS 110 1042 1042 HIS HIS A . n 
A 1 111 PRO 111 1043 1043 PRO PRO A . n 
A 1 112 ASP 112 1044 1044 ASP ASP A . n 
A 1 113 GLY 113 1045 1045 GLY GLY A . n 
A 1 114 ARG 114 1046 1046 ARG ARG A . n 
A 1 115 GLU 115 1047 1047 GLU GLU A . n 
A 1 116 GLU 116 1048 1048 GLU GLU A . n 
A 1 117 SER 117 1049 1049 SER SER A . n 
A 1 118 VAL 118 1050 1050 VAL VAL A . n 
A 1 119 LEU 119 1051 1051 LEU LEU A . n 
A 1 120 THR 120 1052 1052 THR THR A . n 
A 1 121 ASP 121 1053 1053 ASP ASP A . n 
A 1 122 GLY 122 1054 1054 GLY GLY A . n 
A 1 123 THR 123 1055 1055 THR THR A . n 
A 1 124 ILE 124 1056 1056 ILE ILE A . n 
A 1 125 ILE 125 1057 1057 ILE ILE A . n 
A 1 126 GLN 126 1058 1058 GLN GLN A . n 
A 1 127 LEU 127 1059 1059 LEU LEU A . n 
A 1 128 ASN 128 1060 1060 ASN ASN A . n 
A 1 129 PRO 129 1061 1061 PRO PRO A . n 
A 1 130 ASP 130 1062 1062 ASP ASP A . n 
A 1 131 GLY 131 1063 1063 GLY GLY A . n 
A 1 132 SER 132 1064 1064 SER SER A . n 
A 1 133 LYS 133 1065 1065 LYS LYS A . n 
A 1 134 VAL 134 1066 1066 VAL VAL A . n 
A 1 135 ILE 135 1067 1067 ILE ILE A . n 
A 1 136 GLN 136 1068 1068 GLN GLN A . n 
A 1 137 PHE 137 1069 1069 PHE PHE A . n 
A 1 138 ASN 138 1070 1070 ASN ASN A . n 
A 1 139 THR 139 1071 1071 THR THR A . n 
A 1 140 GLY 140 1072 1072 GLY GLY A . n 
A 1 141 GLN 141 1073 1073 GLN GLN A . n 
A 1 142 ARG 142 1074 1074 ARG ARG A . n 
A 1 143 GLU 143 1075 1075 GLU GLU A . n 
A 1 144 ILE 144 1076 1076 ILE ILE A . n 
A 1 145 HIS 145 1077 1077 HIS HIS A . n 
A 1 146 THR 146 1078 1078 THR THR A . n 
A 1 147 ALA 147 1079 1079 ALA ALA A . n 
A 1 148 ASP 148 1080 1080 ASP ASP A . n 
A 1 149 PHE 149 1081 1081 PHE PHE A . n 
A 1 150 LYS 150 1082 1082 LYS LYS A . n 
A 1 151 ARG 151 1083 1083 ARG ARG A . n 
A 1 152 ARG 152 1084 1084 ARG ARG A . n 
A 1 153 GLU 153 1085 1085 GLU GLU A . n 
A 1 154 TYR 154 1086 1086 TYR TYR A . n 
A 1 155 PRO 155 1087 1087 PRO PRO A . n 
A 1 156 ASP 156 1088 1088 ASP ASP A . n 
A 1 157 GLY 157 1089 1089 GLY GLY A . n 
A 1 158 THR 158 1090 1090 THR THR A . n 
A 1 159 VAL 159 1091 1091 VAL VAL A . n 
A 1 160 LYS 160 1092 1092 LYS LYS A . n 
A 1 161 THR 161 1093 1093 THR THR A . n 
A 1 162 VAL 162 1094 1094 VAL VAL A . n 
A 1 163 TYR 163 1095 1095 TYR TYR A . n 
A 1 164 SER 164 1096 1096 SER SER A . n 
A 1 165 ASP 165 1097 1097 ASP ASP A . n 
A 1 166 GLY 166 1098 1098 GLY GLY A . n 
A 1 167 ARG 167 1099 1099 ARG ARG A . n 
A 1 168 GLN 168 1100 1100 GLN GLN A . n 
A 1 169 GLU 169 1101 1101 GLU GLU A . n 
A 1 170 THR 170 1102 1102 THR THR A . n 
A 1 171 GLN 171 1103 1103 GLN GLN A . n 
A 1 172 TYR 172 1104 1104 TYR TYR A . n 
A 1 173 PRO 173 1105 1105 PRO PRO A . n 
A 1 174 THR 174 1106 1106 THR THR A . n 
A 1 175 GLY 175 1107 1107 GLY GLY A . n 
A 1 176 ARG 176 1108 1108 ARG ARG A . n 
A 1 177 VAL 177 1109 1109 VAL VAL A . n 
A 1 178 ARG 178 1110 1110 ARG ARG A . n 
A 1 179 LEU 179 1111 1111 LEU LEU A . n 
A 1 180 LYS 180 1112 1112 LYS LYS A . n 
A 1 181 ASP 181 1113 1113 ASP ASP A . n 
A 1 182 PRO 182 1114 1114 PRO PRO A . n 
A 1 183 GLN 183 1115 1115 GLN GLN A . n 
A 1 184 GLY 184 1116 1116 GLY GLY A . n 
A 1 185 LYS 185 1117 1117 LYS LYS A . n 
A 1 186 VAL 186 1118 1118 VAL VAL A . n 
A 1 187 ILE 187 1119 1119 ILE ILE A . n 
A 1 188 MET 188 1120 1120 MET MET A . n 
A 1 189 ASP 189 1121 1121 ASP ASP A . n 
A 1 190 THR 190 1122 1122 THR THR A . n 
A 1 191 LYS 191 1123 1123 LYS LYS A . n 
A 1 192 ALA 192 1124 1124 ALA ALA A . n 
# 
loop_
_pdbx_nonpoly_scheme.asym_id 
_pdbx_nonpoly_scheme.entity_id 
_pdbx_nonpoly_scheme.mon_id 
_pdbx_nonpoly_scheme.ndb_seq_num 
_pdbx_nonpoly_scheme.pdb_seq_num 
_pdbx_nonpoly_scheme.auth_seq_num 
_pdbx_nonpoly_scheme.pdb_mon_id 
_pdbx_nonpoly_scheme.auth_mon_id 
_pdbx_nonpoly_scheme.pdb_strand_id 
_pdbx_nonpoly_scheme.pdb_ins_code 
B 2 HOH 1   2001 2001 HOH HOH A . 
B 2 HOH 2   2002 2002 HOH HOH A . 
B 2 HOH 3   2003 2003 HOH HOH A . 
B 2 HOH 4   2004 2004 HOH HOH A . 
B 2 HOH 5   2005 2005 HOH HOH A . 
B 2 HOH 6   2006 2006 HOH HOH A . 
B 2 HOH 7   2007 2007 HOH HOH A . 
B 2 HOH 8   2008 2008 HOH HOH A . 
B 2 HOH 9   2009 2009 HOH HOH A . 
B 2 HOH 10  2010 2010 HOH HOH A . 
B 2 HOH 11  2011 2011 HOH HOH A . 
B 2 HOH 12  2012 2012 HOH HOH A . 
B 2 HOH 13  2013 2013 HOH HOH A . 
B 2 HOH 14  2014 2014 HOH HOH A . 
B 2 HOH 15  2015 2015 HOH HOH A . 
B 2 HOH 16  2016 2016 HOH HOH A . 
B 2 HOH 17  2017 2017 HOH HOH A . 
B 2 HOH 18  2018 2018 HOH HOH A . 
B 2 HOH 19  2019 2019 HOH HOH A . 
B 2 HOH 20  2020 2020 HOH HOH A . 
B 2 HOH 21  2021 2021 HOH HOH A . 
B 2 HOH 22  2022 2022 HOH HOH A . 
B 2 HOH 23  2023 2023 HOH HOH A . 
B 2 HOH 24  2024 2024 HOH HOH A . 
B 2 HOH 25  2025 2025 HOH HOH A . 
B 2 HOH 26  2026 2026 HOH HOH A . 
B 2 HOH 27  2027 2027 HOH HOH A . 
B 2 HOH 28  2028 2028 HOH HOH A . 
B 2 HOH 29  2029 2029 HOH HOH A . 
B 2 HOH 30  2030 2030 HOH HOH A . 
B 2 HOH 31  2031 2031 HOH HOH A . 
B 2 HOH 32  2032 2032 HOH HOH A . 
B 2 HOH 33  2033 2033 HOH HOH A . 
B 2 HOH 34  2034 2034 HOH HOH A . 
B 2 HOH 35  2035 2035 HOH HOH A . 
B 2 HOH 36  2036 2036 HOH HOH A . 
B 2 HOH 37  2037 2037 HOH HOH A . 
B 2 HOH 38  2038 2038 HOH HOH A . 
B 2 HOH 39  2039 2039 HOH HOH A . 
B 2 HOH 40  2040 2040 HOH HOH A . 
B 2 HOH 41  2041 2041 HOH HOH A . 
B 2 HOH 42  2042 2042 HOH HOH A . 
B 2 HOH 43  2043 2043 HOH HOH A . 
B 2 HOH 44  2044 2044 HOH HOH A . 
B 2 HOH 45  2045 2045 HOH HOH A . 
B 2 HOH 46  2046 2046 HOH HOH A . 
B 2 HOH 47  2047 2047 HOH HOH A . 
B 2 HOH 48  2048 2048 HOH HOH A . 
B 2 HOH 49  2049 2049 HOH HOH A . 
B 2 HOH 50  2050 2050 HOH HOH A . 
B 2 HOH 51  2051 2051 HOH HOH A . 
B 2 HOH 52  2052 2052 HOH HOH A . 
B 2 HOH 53  2053 2053 HOH HOH A . 
B 2 HOH 54  2054 2054 HOH HOH A . 
B 2 HOH 55  2055 2055 HOH HOH A . 
B 2 HOH 56  2056 2056 HOH HOH A . 
B 2 HOH 57  2057 2057 HOH HOH A . 
B 2 HOH 58  2058 2058 HOH HOH A . 
B 2 HOH 59  2059 2059 HOH HOH A . 
B 2 HOH 60  2060 2060 HOH HOH A . 
B 2 HOH 61  2061 2061 HOH HOH A . 
B 2 HOH 62  2062 2062 HOH HOH A . 
B 2 HOH 63  2063 2063 HOH HOH A . 
B 2 HOH 64  2064 2064 HOH HOH A . 
B 2 HOH 65  2065 2065 HOH HOH A . 
B 2 HOH 66  2066 2066 HOH HOH A . 
B 2 HOH 67  2067 2067 HOH HOH A . 
B 2 HOH 68  2068 2068 HOH HOH A . 
B 2 HOH 69  2069 2069 HOH HOH A . 
B 2 HOH 70  2070 2070 HOH HOH A . 
B 2 HOH 71  2071 2071 HOH HOH A . 
B 2 HOH 72  2072 2072 HOH HOH A . 
B 2 HOH 73  2073 2073 HOH HOH A . 
B 2 HOH 74  2074 2074 HOH HOH A . 
B 2 HOH 75  2075 2075 HOH HOH A . 
B 2 HOH 76  2076 2076 HOH HOH A . 
B 2 HOH 77  2077 2077 HOH HOH A . 
B 2 HOH 78  2078 2078 HOH HOH A . 
B 2 HOH 79  2079 2079 HOH HOH A . 
B 2 HOH 80  2080 2080 HOH HOH A . 
B 2 HOH 81  2081 2081 HOH HOH A . 
B 2 HOH 82  2082 2082 HOH HOH A . 
B 2 HOH 83  2083 2083 HOH HOH A . 
B 2 HOH 84  2084 2084 HOH HOH A . 
B 2 HOH 85  2085 2085 HOH HOH A . 
B 2 HOH 86  2086 2086 HOH HOH A . 
B 2 HOH 87  2087 2087 HOH HOH A . 
B 2 HOH 88  2088 2088 HOH HOH A . 
B 2 HOH 89  2089 2089 HOH HOH A . 
B 2 HOH 90  2090 2090 HOH HOH A . 
B 2 HOH 91  2091 2091 HOH HOH A . 
B 2 HOH 92  2092 2092 HOH HOH A . 
B 2 HOH 93  2093 2093 HOH HOH A . 
B 2 HOH 94  2094 2094 HOH HOH A . 
B 2 HOH 95  2095 2095 HOH HOH A . 
B 2 HOH 96  2096 2096 HOH HOH A . 
B 2 HOH 97  2097 2097 HOH HOH A . 
B 2 HOH 98  2098 2098 HOH HOH A . 
B 2 HOH 99  2099 2099 HOH HOH A . 
B 2 HOH 100 2100 2100 HOH HOH A . 
B 2 HOH 101 2101 2101 HOH HOH A . 
B 2 HOH 102 2102 2102 HOH HOH A . 
B 2 HOH 103 2103 2103 HOH HOH A . 
B 2 HOH 104 2104 2104 HOH HOH A . 
B 2 HOH 105 2105 2105 HOH HOH A . 
B 2 HOH 106 2106 2106 HOH HOH A . 
B 2 HOH 107 2107 2107 HOH HOH A . 
B 2 HOH 108 2108 2108 HOH HOH A . 
B 2 HOH 109 2109 2109 HOH HOH A . 
B 2 HOH 110 2110 2110 HOH HOH A . 
B 2 HOH 111 2111 2111 HOH HOH A . 
B 2 HOH 112 2112 2112 HOH HOH A . 
B 2 HOH 113 2113 2113 HOH HOH A . 
B 2 HOH 114 2114 2114 HOH HOH A . 
B 2 HOH 115 2115 2115 HOH HOH A . 
B 2 HOH 116 2116 2116 HOH HOH A . 
B 2 HOH 117 2117 2117 HOH HOH A . 
B 2 HOH 118 2118 2118 HOH HOH A . 
B 2 HOH 119 2119 2119 HOH HOH A . 
B 2 HOH 120 2120 2120 HOH HOH A . 
B 2 HOH 121 2121 2121 HOH HOH A . 
B 2 HOH 122 2122 2122 HOH HOH A . 
B 2 HOH 123 2123 2123 HOH HOH A . 
B 2 HOH 124 2124 2124 HOH HOH A . 
B 2 HOH 125 2125 2125 HOH HOH A . 
B 2 HOH 126 2126 2126 HOH HOH A . 
B 2 HOH 127 2127 2127 HOH HOH A . 
B 2 HOH 128 2128 2128 HOH HOH A . 
B 2 HOH 129 2129 2129 HOH HOH A . 
B 2 HOH 130 2130 2130 HOH HOH A . 
B 2 HOH 131 2131 2131 HOH HOH A . 
B 2 HOH 132 2132 2132 HOH HOH A . 
B 2 HOH 133 2133 2133 HOH HOH A . 
B 2 HOH 134 2134 2134 HOH HOH A . 
B 2 HOH 135 2135 2135 HOH HOH A . 
B 2 HOH 136 2136 2136 HOH HOH A . 
B 2 HOH 137 2137 2137 HOH HOH A . 
B 2 HOH 138 2138 2138 HOH HOH A . 
B 2 HOH 139 2139 2139 HOH HOH A . 
B 2 HOH 140 2140 2140 HOH HOH A . 
B 2 HOH 141 2141 2141 HOH HOH A . 
B 2 HOH 142 2142 2142 HOH HOH A . 
B 2 HOH 143 2143 2143 HOH HOH A . 
B 2 HOH 144 2144 2144 HOH HOH A . 
B 2 HOH 145 2145 2145 HOH HOH A . 
B 2 HOH 146 2146 2146 HOH HOH A . 
B 2 HOH 147 2147 2147 HOH HOH A . 
B 2 HOH 148 2148 2148 HOH HOH A . 
B 2 HOH 149 2149 2149 HOH HOH A . 
B 2 HOH 150 2150 2150 HOH HOH A . 
B 2 HOH 151 2151 2151 HOH HOH A . 
B 2 HOH 152 2152 2152 HOH HOH A . 
B 2 HOH 153 2153 2153 HOH HOH A . 
B 2 HOH 154 2154 2154 HOH HOH A . 
B 2 HOH 155 2155 2155 HOH HOH A . 
B 2 HOH 156 2156 2156 HOH HOH A . 
B 2 HOH 157 2157 2157 HOH HOH A . 
B 2 HOH 158 2158 2158 HOH HOH A . 
B 2 HOH 159 2159 2159 HOH HOH A . 
B 2 HOH 160 2160 2160 HOH HOH A . 
B 2 HOH 161 2161 2161 HOH HOH A . 
B 2 HOH 162 2162 2162 HOH HOH A . 
B 2 HOH 163 2163 2163 HOH HOH A . 
B 2 HOH 164 2164 2164 HOH HOH A . 
B 2 HOH 165 2165 2165 HOH HOH A . 
B 2 HOH 166 2166 2166 HOH HOH A . 
B 2 HOH 167 2167 2167 HOH HOH A . 
B 2 HOH 168 2168 2168 HOH HOH A . 
B 2 HOH 169 2169 2169 HOH HOH A . 
B 2 HOH 170 2170 2170 HOH HOH A . 
B 2 HOH 171 2171 2171 HOH HOH A . 
B 2 HOH 172 2172 2172 HOH HOH A . 
B 2 HOH 173 2173 2173 HOH HOH A . 
B 2 HOH 174 2174 2174 HOH HOH A . 
B 2 HOH 175 2175 2175 HOH HOH A . 
B 2 HOH 176 2176 2176 HOH HOH A . 
B 2 HOH 177 2177 2177 HOH HOH A . 
B 2 HOH 178 2178 2178 HOH HOH A . 
B 2 HOH 179 2179 2179 HOH HOH A . 
B 2 HOH 180 2180 2180 HOH HOH A . 
B 2 HOH 181 2181 2181 HOH HOH A . 
B 2 HOH 182 2182 2182 HOH HOH A . 
B 2 HOH 183 2183 2183 HOH HOH A . 
B 2 HOH 184 2184 2184 HOH HOH A . 
B 2 HOH 185 2185 2185 HOH HOH A . 
B 2 HOH 186 2186 2186 HOH HOH A . 
B 2 HOH 187 2187 2187 HOH HOH A . 
B 2 HOH 188 2188 2188 HOH HOH A . 
B 2 HOH 189 2189 2189 HOH HOH A . 
B 2 HOH 190 2190 2190 HOH HOH A . 
# 
loop_
_software.name 
_software.classification 
_software.version 
_software.citation_id 
_software.pdbx_ordinal 
REFMAC refinement       5.7.0029 ? 1 
MOSFLM 'data reduction' .        ? 2 
SCALA  'data scaling'   .        ? 3 
CRANK  phasing          .        ? 4 
# 
_cell.entry_id           4BXP 
_cell.length_a           52.340 
_cell.length_b           36.440 
_cell.length_c           56.440 
_cell.angle_alpha        90.00 
_cell.angle_beta         117.31 
_cell.angle_gamma        90.00 
_cell.Z_PDB              2 
_cell.pdbx_unique_axis   ? 
# 
_symmetry.entry_id                         4BXP 
_symmetry.space_group_name_H-M             'P 1 21 1' 
_symmetry.pdbx_full_space_group_name_H-M   ? 
_symmetry.cell_setting                     ? 
_symmetry.Int_Tables_number                4 
# 
_exptl.entry_id          4BXP 
_exptl.method            'X-RAY DIFFRACTION' 
_exptl.crystals_number   1 
# 
_exptl_crystal.id                    1 
_exptl_crystal.density_meas          ? 
_exptl_crystal.density_Matthews      2.19 
_exptl_crystal.density_percent_sol   43.8 
_exptl_crystal.description           NONE 
# 
_exptl_crystal_grow.crystal_id      1 
_exptl_crystal_grow.method          ? 
_exptl_crystal_grow.temp            ? 
_exptl_crystal_grow.temp_details    ? 
_exptl_crystal_grow.pH              8.5 
_exptl_crystal_grow.pdbx_pH_range   ? 
_exptl_crystal_grow.pdbx_details    '80 MM TRIS PH 8.5, 160 MM MGCL2, 20% PEG4K, 18 % GLYCEROL, 1MM DTT' 
# 
_diffrn.id                     1 
_diffrn.ambient_temp           100 
_diffrn.ambient_temp_details   ? 
_diffrn.crystal_id             1 
# 
_diffrn_detector.diffrn_id              1 
_diffrn_detector.detector               CCD 
_diffrn_detector.type                   'ADSC CCD' 
_diffrn_detector.pdbx_collection_date   2010-10-09 
_diffrn_detector.details                ? 
# 
_diffrn_radiation.diffrn_id                        1 
_diffrn_radiation.wavelength_id                    1 
_diffrn_radiation.pdbx_monochromatic_or_laue_m_l   M 
_diffrn_radiation.monochromator                    ? 
_diffrn_radiation.pdbx_diffrn_protocol             'SINGLE WAVELENGTH' 
_diffrn_radiation.pdbx_scattering_type             x-ray 
# 
_diffrn_radiation_wavelength.id           1 
_diffrn_radiation_wavelength.wavelength   0.9786 
_diffrn_radiation_wavelength.wt           1.0 
# 
_diffrn_source.diffrn_id                   1 
_diffrn_source.source                      SYNCHROTRON 
_diffrn_source.type                        'DIAMOND BEAMLINE I02' 
_diffrn_source.pdbx_synchrotron_site       Diamond 
_diffrn_source.pdbx_synchrotron_beamline   I02 
_diffrn_source.pdbx_wavelength             0.9786 
_diffrn_source.pdbx_wavelength_list        ? 
# 
_reflns.pdbx_diffrn_id               1 
_reflns.pdbx_ordinal                 1 
_reflns.entry_id                     4BXP 
_reflns.observed_criterion_sigma_I   2.0 
_reflns.observed_criterion_sigma_F   ? 
_reflns.d_resolution_low             29.50 
_reflns.d_resolution_high            1.70 
_reflns.number_obs                   21047 
_reflns.number_all                   ? 
_reflns.percent_possible_obs         99.7 
_reflns.pdbx_Rmerge_I_obs            0.07 
_reflns.pdbx_Rsym_value              ? 
_reflns.pdbx_netI_over_sigmaI        14.60 
_reflns.B_iso_Wilson_estimate        ? 
_reflns.pdbx_redundancy              7.2 
# 
_reflns_shell.pdbx_diffrn_id         1 
_reflns_shell.pdbx_ordinal           1 
_reflns_shell.d_res_high             1.70 
_reflns_shell.d_res_low              1.79 
_reflns_shell.percent_possible_all   100.0 
_reflns_shell.Rmerge_I_obs           0.93 
_reflns_shell.pdbx_Rsym_value        ? 
_reflns_shell.meanI_over_sigI_obs    2.00 
_reflns_shell.pdbx_redundancy        7.3 
# 
_refine.pdbx_refine_id                           'X-RAY DIFFRACTION' 
_refine.entry_id                                 4BXP 
_refine.pdbx_diffrn_id                           1 
_refine.pdbx_TLS_residual_ADP_flag               ? 
_refine.ls_number_reflns_obs                     19941 
_refine.ls_number_reflns_all                     ? 
_refine.pdbx_ls_sigma_I                          ? 
_refine.pdbx_ls_sigma_F                          . 
_refine.pdbx_data_cutoff_high_absF               ? 
_refine.pdbx_data_cutoff_low_absF                ? 
_refine.pdbx_data_cutoff_high_rms_absF           ? 
_refine.ls_d_res_low                             28.68 
_refine.ls_d_res_high                            1.70 
_refine.ls_percent_reflns_obs                    99.56 
_refine.ls_R_factor_obs                          0.20151 
_refine.ls_R_factor_all                          ? 
_refine.ls_R_factor_R_work                       0.19919 
_refine.ls_R_factor_R_free                       0.24373 
_refine.ls_R_factor_R_free_error                 ? 
_refine.ls_R_factor_R_free_error_details         ? 
_refine.ls_percent_reflns_R_free                 5.1 
_refine.ls_number_reflns_R_free                  1075 
_refine.ls_number_parameters                     ? 
_refine.ls_number_restraints                     ? 
_refine.occupancy_min                            ? 
_refine.occupancy_max                            ? 
_refine.correlation_coeff_Fo_to_Fc               0.961 
_refine.correlation_coeff_Fo_to_Fc_free          0.942 
_refine.B_iso_mean                               26.516 
_refine.aniso_B[1][1]                            1.18 
_refine.aniso_B[2][2]                            1.09 
_refine.aniso_B[3][3]                            -1.43 
_refine.aniso_B[1][2]                            0.00 
_refine.aniso_B[1][3]                            -0.14 
_refine.aniso_B[2][3]                            0.00 
_refine.solvent_model_details                    MASK 
_refine.solvent_model_param_ksol                 ? 
_refine.solvent_model_param_bsol                 ? 
_refine.pdbx_solvent_vdw_probe_radii             1.20 
_refine.pdbx_solvent_ion_probe_radii             0.80 
_refine.pdbx_solvent_shrinkage_radii             0.80 
_refine.pdbx_ls_cross_valid_method               THROUGHOUT 
_refine.details                                  'HYDROGENS HAVE BEEN ADDED IN THE RIDING POSITIONS. U VALUES REFINED INDIVIDUALLY' 
_refine.pdbx_starting_model                      NONE 
_refine.pdbx_method_to_determine_struct          MAD 
_refine.pdbx_isotropic_thermal_model             ? 
_refine.pdbx_stereochemistry_target_values       'MAXIMUM LIKELIHOOD' 
_refine.pdbx_stereochem_target_val_spec_case     ? 
_refine.pdbx_R_Free_selection_details            RANDOM 
_refine.pdbx_overall_ESU_R                       0.118 
_refine.pdbx_overall_ESU_R_Free                  0.119 
_refine.overall_SU_ML                            0.086 
_refine.pdbx_overall_phase_error                 ? 
_refine.overall_SU_B                             2.614 
_refine.overall_SU_R_Cruickshank_DPI             ? 
_refine.pdbx_overall_SU_R_free_Cruickshank_DPI   ? 
_refine.pdbx_overall_SU_R_Blow_DPI               ? 
_refine.pdbx_overall_SU_R_free_Blow_DPI          ? 
# 
_refine_hist.pdbx_refine_id                   'X-RAY DIFFRACTION' 
_refine_hist.cycle_id                         LAST 
_refine_hist.pdbx_number_atoms_protein        1371 
_refine_hist.pdbx_number_atoms_nucleic_acid   0 
_refine_hist.pdbx_number_atoms_ligand         0 
_refine_hist.number_atoms_solvent             190 
_refine_hist.number_atoms_total               1561 
_refine_hist.d_res_high                       1.70 
_refine_hist.d_res_low                        28.68 
# 
loop_
_refine_ls_restr.type 
_refine_ls_restr.dev_ideal 
_refine_ls_restr.dev_ideal_target 
_refine_ls_restr.weight 
_refine_ls_restr.number 
_refine_ls_restr.pdbx_refine_id 
_refine_ls_restr.pdbx_restraint_function 
r_bond_refined_d             0.011  0.019  ? 1441 'X-RAY DIFFRACTION' ? 
r_bond_other_d               0.001  0.020  ? 1361 'X-RAY DIFFRACTION' ? 
r_angle_refined_deg          1.478  1.953  ? 1959 'X-RAY DIFFRACTION' ? 
r_angle_other_deg            0.770  3.000  ? 3145 'X-RAY DIFFRACTION' ? 
r_dihedral_angle_1_deg       5.627  5.000  ? 181  'X-RAY DIFFRACTION' ? 
r_dihedral_angle_2_deg       36.746 24.286 ? 77   'X-RAY DIFFRACTION' ? 
r_dihedral_angle_3_deg       13.445 15.000 ? 257  'X-RAY DIFFRACTION' ? 
r_dihedral_angle_4_deg       26.981 15.000 ? 12   'X-RAY DIFFRACTION' ? 
r_chiral_restr               0.082  0.200  ? 211  'X-RAY DIFFRACTION' ? 
r_gen_planes_refined         0.006  0.021  ? 1664 'X-RAY DIFFRACTION' ? 
r_gen_planes_other           0.001  0.020  ? 342  'X-RAY DIFFRACTION' ? 
r_nbd_refined                0.270  0.200  ? 398  'X-RAY DIFFRACTION' ? 
r_nbd_other                  0.181  0.200  ? 1220 'X-RAY DIFFRACTION' ? 
r_nbtor_refined              0.170  0.200  ? 659  'X-RAY DIFFRACTION' ? 
r_nbtor_other                0.081  0.200  ? 879  'X-RAY DIFFRACTION' ? 
r_xyhbond_nbd_refined        0.108  0.200  ? 59   'X-RAY DIFFRACTION' ? 
r_xyhbond_nbd_other          ?      ?      ? ?    'X-RAY DIFFRACTION' ? 
r_metal_ion_refined          ?      ?      ? ?    'X-RAY DIFFRACTION' ? 
r_metal_ion_other            ?      ?      ? ?    'X-RAY DIFFRACTION' ? 
r_symmetry_vdw_refined       0.332  0.200  ? 44   'X-RAY DIFFRACTION' ? 
r_symmetry_vdw_other         0.181  0.200  ? 63   'X-RAY DIFFRACTION' ? 
r_symmetry_hbond_refined     0.134  0.200  ? 7    'X-RAY DIFFRACTION' ? 
r_symmetry_hbond_other       ?      ?      ? ?    'X-RAY DIFFRACTION' ? 
r_symmetry_metal_ion_refined ?      ?      ? ?    'X-RAY DIFFRACTION' ? 
r_symmetry_metal_ion_other   ?      ?      ? ?    'X-RAY DIFFRACTION' ? 
r_mcbond_it                  2.073  2.551  ? 1441 'X-RAY DIFFRACTION' ? 
r_mcbond_other               0.480  2.620  ? 1361 'X-RAY DIFFRACTION' ? 
r_mcangle_it                 3.341  3.779  ? 1953 'X-RAY DIFFRACTION' ? 
r_mcangle_other              ?      ?      ? ?    'X-RAY DIFFRACTION' ? 
r_scbond_it                  ?      ?      ? ?    'X-RAY DIFFRACTION' ? 
r_scbond_other               ?      ?      ? ?    'X-RAY DIFFRACTION' ? 
r_scangle_it                 ?      ?      ? ?    'X-RAY DIFFRACTION' ? 
r_scangle_other              ?      ?      ? ?    'X-RAY DIFFRACTION' ? 
r_long_range_B_refined       ?      ?      ? ?    'X-RAY DIFFRACTION' ? 
r_long_range_B_other         ?      ?      ? ?    'X-RAY DIFFRACTION' ? 
r_rigid_bond_restr           ?      ?      ? ?    'X-RAY DIFFRACTION' ? 
r_sphericity_free            ?      ?      ? ?    'X-RAY DIFFRACTION' ? 
r_sphericity_bonded          ?      ?      ? ?    'X-RAY DIFFRACTION' ? 
# 
_refine_ls_shell.pdbx_refine_id                   'X-RAY DIFFRACTION' 
_refine_ls_shell.pdbx_total_number_of_bins_used   20 
_refine_ls_shell.d_res_high                       1.700 
_refine_ls_shell.d_res_low                        1.744 
_refine_ls_shell.number_reflns_R_work             1467 
_refine_ls_shell.R_factor_R_work                  0.272 
_refine_ls_shell.percent_reflns_obs               99.94 
_refine_ls_shell.R_factor_R_free                  0.294 
_refine_ls_shell.R_factor_R_free_error            ? 
_refine_ls_shell.percent_reflns_R_free            ? 
_refine_ls_shell.number_reflns_R_free             75 
_refine_ls_shell.number_reflns_all                ? 
_refine_ls_shell.R_factor_all                     ? 
# 
_struct.entry_id                  4BXP 
_struct.title                     'Structure of the wild-type TCP10 domain of Danio rerio CPAP' 
_struct.pdbx_model_details        ? 
_struct.pdbx_CASP_flag            ? 
_struct.pdbx_model_type_details   ? 
# 
_struct_keywords.entry_id        4BXP 
_struct_keywords.pdbx_keywords   'CELL CYCLE' 
_struct_keywords.text            'CENTRIOLE DUPLICATION, CELL CYCLE' 
# 
loop_
_struct_asym.id 
_struct_asym.pdbx_blank_PDB_chainid_flag 
_struct_asym.pdbx_modified 
_struct_asym.entity_id 
_struct_asym.details 
A N N 1 ? 
B N N 2 ? 
# 
_struct_ref.id                         1 
_struct_ref.db_name                    UNP 
_struct_ref.db_code                    E7FCY1_DANRE 
_struct_ref.entity_id                  1 
_struct_ref.pdbx_seq_one_letter_code   ? 
_struct_ref.pdbx_align_begin           ? 
_struct_ref.pdbx_db_accession          E7FCY1 
_struct_ref.pdbx_db_isoform            ? 
# 
_struct_ref_seq.align_id                      1 
_struct_ref_seq.ref_id                        1 
_struct_ref_seq.pdbx_PDB_id_code              4BXP 
_struct_ref_seq.pdbx_strand_id                A 
_struct_ref_seq.seq_align_beg                 5 
_struct_ref_seq.pdbx_seq_align_beg_ins_code   ? 
_struct_ref_seq.seq_align_end                 192 
_struct_ref_seq.pdbx_seq_align_end_ins_code   ? 
_struct_ref_seq.pdbx_db_accession             E7FCY1 
_struct_ref_seq.db_align_beg                  937 
_struct_ref_seq.pdbx_db_align_beg_ins_code    ? 
_struct_ref_seq.db_align_end                  1124 
_struct_ref_seq.pdbx_db_align_end_ins_code    ? 
_struct_ref_seq.pdbx_auth_seq_align_beg       937 
_struct_ref_seq.pdbx_auth_seq_align_end       1124 
# 
loop_
_struct_ref_seq_dif.align_id 
_struct_ref_seq_dif.pdbx_pdb_id_code 
_struct_ref_seq_dif.mon_id 
_struct_ref_seq_dif.pdbx_pdb_strand_id 
_struct_ref_seq_dif.seq_num 
_struct_ref_seq_dif.pdbx_pdb_ins_code 
_struct_ref_seq_dif.pdbx_seq_db_name 
_struct_ref_seq_dif.pdbx_seq_db_accession_code 
_struct_ref_seq_dif.db_mon_id 
_struct_ref_seq_dif.pdbx_seq_db_seq_num 
_struct_ref_seq_dif.details 
_struct_ref_seq_dif.pdbx_auth_seq_num 
_struct_ref_seq_dif.pdbx_ordinal 
1 4BXP GLY A 1 ? UNP E7FCY1 ? ? 'expression tag' 933 1 
1 4BXP PRO A 2 ? UNP E7FCY1 ? ? 'expression tag' 934 2 
1 4BXP HIS A 3 ? UNP E7FCY1 ? ? 'expression tag' 935 3 
1 4BXP MET A 4 ? UNP E7FCY1 ? ? 'expression tag' 936 4 
# 
_pdbx_struct_assembly.id                   1 
_pdbx_struct_assembly.details              author_and_software_defined_assembly 
_pdbx_struct_assembly.method_details       PISA 
_pdbx_struct_assembly.oligomeric_details   monomeric 
_pdbx_struct_assembly.oligomeric_count     1 
# 
_pdbx_struct_assembly_gen.assembly_id       1 
_pdbx_struct_assembly_gen.oper_expression   1 
_pdbx_struct_assembly_gen.asym_id_list      A,B 
# 
_pdbx_struct_oper_list.id                   1 
_pdbx_struct_oper_list.type                 'identity operation' 
_pdbx_struct_oper_list.name                 1_555 
_pdbx_struct_oper_list.symmetry_operation   x,y,z 
_pdbx_struct_oper_list.matrix[1][1]         1.0000000000 
_pdbx_struct_oper_list.matrix[1][2]         0.0000000000 
_pdbx_struct_oper_list.matrix[1][3]         0.0000000000 
_pdbx_struct_oper_list.vector[1]            0.0000000000 
_pdbx_struct_oper_list.matrix[2][1]         0.0000000000 
_pdbx_struct_oper_list.matrix[2][2]         1.0000000000 
_pdbx_struct_oper_list.matrix[2][3]         0.0000000000 
_pdbx_struct_oper_list.vector[2]            0.0000000000 
_pdbx_struct_oper_list.matrix[3][1]         0.0000000000 
_pdbx_struct_oper_list.matrix[3][2]         0.0000000000 
_pdbx_struct_oper_list.matrix[3][3]         1.0000000000 
_pdbx_struct_oper_list.vector[3]            0.0000000000 
# 
_struct_biol.id   1 
# 
_struct_sheet.id               AA 
_struct_sheet.type             ? 
_struct_sheet.number_strands   19 
_struct_sheet.details          ? 
# 
loop_
_struct_sheet_order.sheet_id 
_struct_sheet_order.range_id_1 
_struct_sheet_order.range_id_2 
_struct_sheet_order.offset 
_struct_sheet_order.sense 
AA 1  2  ? anti-parallel 
AA 2  3  ? anti-parallel 
AA 3  4  ? anti-parallel 
AA 4  5  ? anti-parallel 
AA 5  6  ? anti-parallel 
AA 6  7  ? anti-parallel 
AA 7  8  ? anti-parallel 
AA 8  9  ? anti-parallel 
AA 9  10 ? anti-parallel 
AA 10 11 ? anti-parallel 
AA 11 12 ? anti-parallel 
AA 12 13 ? anti-parallel 
AA 13 14 ? anti-parallel 
AA 14 15 ? anti-parallel 
AA 15 16 ? anti-parallel 
AA 16 17 ? anti-parallel 
AA 17 18 ? anti-parallel 
AA 18 19 ? anti-parallel 
# 
loop_
_struct_sheet_range.sheet_id 
_struct_sheet_range.id 
_struct_sheet_range.beg_label_comp_id 
_struct_sheet_range.beg_label_asym_id 
_struct_sheet_range.beg_label_seq_id 
_struct_sheet_range.pdbx_beg_PDB_ins_code 
_struct_sheet_range.end_label_comp_id 
_struct_sheet_range.end_label_asym_id 
_struct_sheet_range.end_label_seq_id 
_struct_sheet_range.pdbx_end_PDB_ins_code 
_struct_sheet_range.beg_auth_comp_id 
_struct_sheet_range.beg_auth_asym_id 
_struct_sheet_range.beg_auth_seq_id 
_struct_sheet_range.end_auth_comp_id 
_struct_sheet_range.end_auth_asym_id 
_struct_sheet_range.end_auth_seq_id 
AA 1  LEU A 24  ? VAL A 26  ? LEU A 956  VAL A 958  
AA 2  ARG A 32  ? LEU A 35  ? ARG A 964  LEU A 967  
AA 3  VAL A 42  ? MET A 45  ? VAL A 974  MET A 977  
AA 4  VAL A 51  ? THR A 54  ? VAL A 983  THR A 986  
AA 5  VAL A 60  ? TYR A 64  ? VAL A 992  TYR A 996  
AA 6  THR A 69  ? THR A 73  ? THR A 1001 THR A 1005 
AA 7  GLU A 79  ? GLN A 82  ? GLU A 1011 GLN A 1014 
AA 8  THR A 88  ? HIS A 91  ? THR A 1020 HIS A 1023 
AA 9  LYS A 97  ? THR A 100 ? LYS A 1029 THR A 1032 
AA 10 VAL A 106 ? LEU A 109 ? VAL A 1038 LEU A 1041 
AA 11 GLU A 115 ? VAL A 118 ? GLU A 1047 VAL A 1050 
AA 12 ILE A 124 ? LEU A 127 ? ILE A 1056 LEU A 1059 
AA 13 LYS A 133 ? GLN A 136 ? LYS A 1065 GLN A 1068 
AA 14 ARG A 142 ? HIS A 145 ? ARG A 1074 HIS A 1077 
AA 15 PHE A 149 ? GLU A 153 ? PHE A 1081 GLU A 1085 
AA 16 VAL A 159 ? TYR A 163 ? VAL A 1091 TYR A 1095 
AA 17 GLN A 168 ? GLN A 171 ? GLN A 1100 GLN A 1103 
AA 18 VAL A 177 ? LYS A 180 ? VAL A 1109 LYS A 1112 
AA 19 VAL A 186 ? THR A 190 ? VAL A 1118 THR A 1122 
# 
loop_
_pdbx_struct_sheet_hbond.sheet_id 
_pdbx_struct_sheet_hbond.range_id_1 
_pdbx_struct_sheet_hbond.range_id_2 
_pdbx_struct_sheet_hbond.range_1_label_atom_id 
_pdbx_struct_sheet_hbond.range_1_label_comp_id 
_pdbx_struct_sheet_hbond.range_1_label_asym_id 
_pdbx_struct_sheet_hbond.range_1_label_seq_id 
_pdbx_struct_sheet_hbond.range_1_PDB_ins_code 
_pdbx_struct_sheet_hbond.range_1_auth_atom_id 
_pdbx_struct_sheet_hbond.range_1_auth_comp_id 
_pdbx_struct_sheet_hbond.range_1_auth_asym_id 
_pdbx_struct_sheet_hbond.range_1_auth_seq_id 
_pdbx_struct_sheet_hbond.range_2_label_atom_id 
_pdbx_struct_sheet_hbond.range_2_label_comp_id 
_pdbx_struct_sheet_hbond.range_2_label_asym_id 
_pdbx_struct_sheet_hbond.range_2_label_seq_id 
_pdbx_struct_sheet_hbond.range_2_PDB_ins_code 
_pdbx_struct_sheet_hbond.range_2_auth_atom_id 
_pdbx_struct_sheet_hbond.range_2_auth_comp_id 
_pdbx_struct_sheet_hbond.range_2_auth_asym_id 
_pdbx_struct_sheet_hbond.range_2_auth_seq_id 
AA 1  2  N VAL A 25  ? N VAL A 957  O LYS A 33  ? O LYS A 965  
AA 2  3  N GLU A 34  ? N GLU A 966  O LYS A 43  ? O LYS A 975  
AA 3  4  N VAL A 44  ? N VAL A 976  O LYS A 52  ? O LYS A 984  
AA 4  5  N HIS A 53  ? N HIS A 985  O ILE A 61  ? O ILE A 993  
AA 5  6  N TYR A 64  ? N TYR A 996  O THR A 69  ? O THR A 1001 
AA 6  7  N ILE A 72  ? N ILE A 1004 O VAL A 80  ? O VAL A 1012 
AA 7  8  N LEU A 81  ? N LEU A 1013 O GLU A 89  ? O GLU A 1021 
AA 8  9  N LYS A 90  ? N LYS A 1022 O GLU A 98  ? O GLU A 1030 
AA 9  10 N ILE A 99  ? N ILE A 1031 O LYS A 107 ? O LYS A 1039 
AA 10 11 N THR A 108 ? N THR A 1040 O GLU A 116 ? O GLU A 1048 
AA 11 12 N SER A 117 ? N SER A 1049 O ILE A 125 ? O ILE A 1057 
AA 12 13 N GLN A 126 ? N GLN A 1058 O VAL A 134 ? O VAL A 1066 
AA 13 14 N ILE A 135 ? N ILE A 1067 O GLU A 143 ? O GLU A 1075 
AA 14 15 N ILE A 144 ? N ILE A 1076 O ARG A 151 ? O ARG A 1083 
AA 15 16 N ARG A 152 ? N ARG A 1084 O LYS A 160 ? O LYS A 1092 
AA 16 17 N THR A 161 ? N THR A 1093 O GLU A 169 ? O GLU A 1101 
AA 17 18 N THR A 170 ? N THR A 1102 O ARG A 178 ? O ARG A 1110 
AA 18 19 O LEU A 179 ? O LEU A 1111 N ILE A 187 ? N ILE A 1119 
# 
loop_
_pdbx_validate_torsion.id 
_pdbx_validate_torsion.PDB_model_num 
_pdbx_validate_torsion.auth_comp_id 
_pdbx_validate_torsion.auth_asym_id 
_pdbx_validate_torsion.auth_seq_id 
_pdbx_validate_torsion.PDB_ins_code 
_pdbx_validate_torsion.label_alt_id 
_pdbx_validate_torsion.phi 
_pdbx_validate_torsion.psi 
1 1 ASN A 1018 ? ? 86.71 13.14 
2 1 GLN A 1036 ? ? 83.35 -1.07 
3 1 GLN A 1036 ? ? 83.55 -1.20 
# 
loop_
_pdbx_unobs_or_zero_occ_residues.id 
_pdbx_unobs_or_zero_occ_residues.PDB_model_num 
_pdbx_unobs_or_zero_occ_residues.polymer_flag 
_pdbx_unobs_or_zero_occ_residues.occupancy_flag 
_pdbx_unobs_or_zero_occ_residues.auth_asym_id 
_pdbx_unobs_or_zero_occ_residues.auth_comp_id 
_pdbx_unobs_or_zero_occ_residues.auth_seq_id 
_pdbx_unobs_or_zero_occ_residues.PDB_ins_code 
_pdbx_unobs_or_zero_occ_residues.label_asym_id 
_pdbx_unobs_or_zero_occ_residues.label_comp_id 
_pdbx_unobs_or_zero_occ_residues.label_seq_id 
1  1 Y 1 A GLY 933 ? A GLY 1  
2  1 Y 1 A PRO 934 ? A PRO 2  
3  1 Y 1 A HIS 935 ? A HIS 3  
4  1 Y 1 A MET 936 ? A MET 4  
5  1 Y 1 A GLU 937 ? A GLU 5  
6  1 Y 1 A GLU 938 ? A GLU 6  
7  1 Y 1 A ILE 939 ? A ILE 7  
8  1 Y 1 A MET 940 ? A MET 8  
9  1 Y 1 A GLN 941 ? A GLN 9  
10 1 Y 1 A SER 942 ? A SER 10 
11 1 Y 1 A ASP 943 ? A ASP 11 
12 1 Y 1 A SER 944 ? A SER 12 
13 1 Y 1 A LYS 945 ? A LYS 13 
14 1 Y 1 A ILE 946 ? A ILE 14 
15 1 Y 1 A GLU 947 ? A GLU 15 
16 1 Y 1 A LYS 948 ? A LYS 16 
17 1 Y 1 A MET 949 ? A MET 17 
18 1 Y 1 A LEU 950 ? A LEU 18 
19 1 Y 1 A PRO 951 ? A PRO 19 
20 1 Y 1 A ASP 952 ? A ASP 20 
21 1 Y 1 A GLY 953 ? A GLY 21 
22 1 Y 1 A GLY 954 ? A GLY 22 
# 
loop_
_chem_comp_atom.comp_id 
_chem_comp_atom.atom_id 
_chem_comp_atom.type_symbol 
_chem_comp_atom.pdbx_aromatic_flag 
_chem_comp_atom.pdbx_stereo_config 
_chem_comp_atom.pdbx_ordinal 
ALA N    N N N 1   
ALA CA   C N S 2   
ALA C    C N N 3   
ALA O    O N N 4   
ALA CB   C N N 5   
ALA OXT  O N N 6   
ALA H    H N N 7   
ALA H2   H N N 8   
ALA HA   H N N 9   
ALA HB1  H N N 10  
ALA HB2  H N N 11  
ALA HB3  H N N 12  
ALA HXT  H N N 13  
ARG N    N N N 14  
ARG CA   C N S 15  
ARG C    C N N 16  
ARG O    O N N 17  
ARG CB   C N N 18  
ARG CG   C N N 19  
ARG CD   C N N 20  
ARG NE   N N N 21  
ARG CZ   C N N 22  
ARG NH1  N N N 23  
ARG NH2  N N N 24  
ARG OXT  O N N 25  
ARG H    H N N 26  
ARG H2   H N N 27  
ARG HA   H N N 28  
ARG HB2  H N N 29  
ARG HB3  H N N 30  
ARG HG2  H N N 31  
ARG HG3  H N N 32  
ARG HD2  H N N 33  
ARG HD3  H N N 34  
ARG HE   H N N 35  
ARG HH11 H N N 36  
ARG HH12 H N N 37  
ARG HH21 H N N 38  
ARG HH22 H N N 39  
ARG HXT  H N N 40  
ASN N    N N N 41  
ASN CA   C N S 42  
ASN C    C N N 43  
ASN O    O N N 44  
ASN CB   C N N 45  
ASN CG   C N N 46  
ASN OD1  O N N 47  
ASN ND2  N N N 48  
ASN OXT  O N N 49  
ASN H    H N N 50  
ASN H2   H N N 51  
ASN HA   H N N 52  
ASN HB2  H N N 53  
ASN HB3  H N N 54  
ASN HD21 H N N 55  
ASN HD22 H N N 56  
ASN HXT  H N N 57  
ASP N    N N N 58  
ASP CA   C N S 59  
ASP C    C N N 60  
ASP O    O N N 61  
ASP CB   C N N 62  
ASP CG   C N N 63  
ASP OD1  O N N 64  
ASP OD2  O N N 65  
ASP OXT  O N N 66  
ASP H    H N N 67  
ASP H2   H N N 68  
ASP HA   H N N 69  
ASP HB2  H N N 70  
ASP HB3  H N N 71  
ASP HD2  H N N 72  
ASP HXT  H N N 73  
GLN N    N N N 74  
GLN CA   C N S 75  
GLN C    C N N 76  
GLN O    O N N 77  
GLN CB   C N N 78  
GLN CG   C N N 79  
GLN CD   C N N 80  
GLN OE1  O N N 81  
GLN NE2  N N N 82  
GLN OXT  O N N 83  
GLN H    H N N 84  
GLN H2   H N N 85  
GLN HA   H N N 86  
GLN HB2  H N N 87  
GLN HB3  H N N 88  
GLN HG2  H N N 89  
GLN HG3  H N N 90  
GLN HE21 H N N 91  
GLN HE22 H N N 92  
GLN HXT  H N N 93  
GLU N    N N N 94  
GLU CA   C N S 95  
GLU C    C N N 96  
GLU O    O N N 97  
GLU CB   C N N 98  
GLU CG   C N N 99  
GLU CD   C N N 100 
GLU OE1  O N N 101 
GLU OE2  O N N 102 
GLU OXT  O N N 103 
GLU H    H N N 104 
GLU H2   H N N 105 
GLU HA   H N N 106 
GLU HB2  H N N 107 
GLU HB3  H N N 108 
GLU HG2  H N N 109 
GLU HG3  H N N 110 
GLU HE2  H N N 111 
GLU HXT  H N N 112 
GLY N    N N N 113 
GLY CA   C N N 114 
GLY C    C N N 115 
GLY O    O N N 116 
GLY OXT  O N N 117 
GLY H    H N N 118 
GLY H2   H N N 119 
GLY HA2  H N N 120 
GLY HA3  H N N 121 
GLY HXT  H N N 122 
HIS N    N N N 123 
HIS CA   C N S 124 
HIS C    C N N 125 
HIS O    O N N 126 
HIS CB   C N N 127 
HIS CG   C Y N 128 
HIS ND1  N Y N 129 
HIS CD2  C Y N 130 
HIS CE1  C Y N 131 
HIS NE2  N Y N 132 
HIS OXT  O N N 133 
HIS H    H N N 134 
HIS H2   H N N 135 
HIS HA   H N N 136 
HIS HB2  H N N 137 
HIS HB3  H N N 138 
HIS HD1  H N N 139 
HIS HD2  H N N 140 
HIS HE1  H N N 141 
HIS HE2  H N N 142 
HIS HXT  H N N 143 
HOH O    O N N 144 
HOH H1   H N N 145 
HOH H2   H N N 146 
ILE N    N N N 147 
ILE CA   C N S 148 
ILE C    C N N 149 
ILE O    O N N 150 
ILE CB   C N S 151 
ILE CG1  C N N 152 
ILE CG2  C N N 153 
ILE CD1  C N N 154 
ILE OXT  O N N 155 
ILE H    H N N 156 
ILE H2   H N N 157 
ILE HA   H N N 158 
ILE HB   H N N 159 
ILE HG12 H N N 160 
ILE HG13 H N N 161 
ILE HG21 H N N 162 
ILE HG22 H N N 163 
ILE HG23 H N N 164 
ILE HD11 H N N 165 
ILE HD12 H N N 166 
ILE HD13 H N N 167 
ILE HXT  H N N 168 
LEU N    N N N 169 
LEU CA   C N S 170 
LEU C    C N N 171 
LEU O    O N N 172 
LEU CB   C N N 173 
LEU CG   C N N 174 
LEU CD1  C N N 175 
LEU CD2  C N N 176 
LEU OXT  O N N 177 
LEU H    H N N 178 
LEU H2   H N N 179 
LEU HA   H N N 180 
LEU HB2  H N N 181 
LEU HB3  H N N 182 
LEU HG   H N N 183 
LEU HD11 H N N 184 
LEU HD12 H N N 185 
LEU HD13 H N N 186 
LEU HD21 H N N 187 
LEU HD22 H N N 188 
LEU HD23 H N N 189 
LEU HXT  H N N 190 
LYS N    N N N 191 
LYS CA   C N S 192 
LYS C    C N N 193 
LYS O    O N N 194 
LYS CB   C N N 195 
LYS CG   C N N 196 
LYS CD   C N N 197 
LYS CE   C N N 198 
LYS NZ   N N N 199 
LYS OXT  O N N 200 
LYS H    H N N 201 
LYS H2   H N N 202 
LYS HA   H N N 203 
LYS HB2  H N N 204 
LYS HB3  H N N 205 
LYS HG2  H N N 206 
LYS HG3  H N N 207 
LYS HD2  H N N 208 
LYS HD3  H N N 209 
LYS HE2  H N N 210 
LYS HE3  H N N 211 
LYS HZ1  H N N 212 
LYS HZ2  H N N 213 
LYS HZ3  H N N 214 
LYS HXT  H N N 215 
MET N    N N N 216 
MET CA   C N S 217 
MET C    C N N 218 
MET O    O N N 219 
MET CB   C N N 220 
MET CG   C N N 221 
MET SD   S N N 222 
MET CE   C N N 223 
MET OXT  O N N 224 
MET H    H N N 225 
MET H2   H N N 226 
MET HA   H N N 227 
MET HB2  H N N 228 
MET HB3  H N N 229 
MET HG2  H N N 230 
MET HG3  H N N 231 
MET HE1  H N N 232 
MET HE2  H N N 233 
MET HE3  H N N 234 
MET HXT  H N N 235 
PHE N    N N N 236 
PHE CA   C N S 237 
PHE C    C N N 238 
PHE O    O N N 239 
PHE CB   C N N 240 
PHE CG   C Y N 241 
PHE CD1  C Y N 242 
PHE CD2  C Y N 243 
PHE CE1  C Y N 244 
PHE CE2  C Y N 245 
PHE CZ   C Y N 246 
PHE OXT  O N N 247 
PHE H    H N N 248 
PHE H2   H N N 249 
PHE HA   H N N 250 
PHE HB2  H N N 251 
PHE HB3  H N N 252 
PHE HD1  H N N 253 
PHE HD2  H N N 254 
PHE HE1  H N N 255 
PHE HE2  H N N 256 
PHE HZ   H N N 257 
PHE HXT  H N N 258 
PRO N    N N N 259 
PRO CA   C N S 260 
PRO C    C N N 261 
PRO O    O N N 262 
PRO CB   C N N 263 
PRO CG   C N N 264 
PRO CD   C N N 265 
PRO OXT  O N N 266 
PRO H    H N N 267 
PRO HA   H N N 268 
PRO HB2  H N N 269 
PRO HB3  H N N 270 
PRO HG2  H N N 271 
PRO HG3  H N N 272 
PRO HD2  H N N 273 
PRO HD3  H N N 274 
PRO HXT  H N N 275 
SER N    N N N 276 
SER CA   C N S 277 
SER C    C N N 278 
SER O    O N N 279 
SER CB   C N N 280 
SER OG   O N N 281 
SER OXT  O N N 282 
SER H    H N N 283 
SER H2   H N N 284 
SER HA   H N N 285 
SER HB2  H N N 286 
SER HB3  H N N 287 
SER HG   H N N 288 
SER HXT  H N N 289 
THR N    N N N 290 
THR CA   C N S 291 
THR C    C N N 292 
THR O    O N N 293 
THR CB   C N R 294 
THR OG1  O N N 295 
THR CG2  C N N 296 
THR OXT  O N N 297 
THR H    H N N 298 
THR H2   H N N 299 
THR HA   H N N 300 
THR HB   H N N 301 
THR HG1  H N N 302 
THR HG21 H N N 303 
THR HG22 H N N 304 
THR HG23 H N N 305 
THR HXT  H N N 306 
TYR N    N N N 307 
TYR CA   C N S 308 
TYR C    C N N 309 
TYR O    O N N 310 
TYR CB   C N N 311 
TYR CG   C Y N 312 
TYR CD1  C Y N 313 
TYR CD2  C Y N 314 
TYR CE1  C Y N 315 
TYR CE2  C Y N 316 
TYR CZ   C Y N 317 
TYR OH   O N N 318 
TYR OXT  O N N 319 
TYR H    H N N 320 
TYR H2   H N N 321 
TYR HA   H N N 322 
TYR HB2  H N N 323 
TYR HB3  H N N 324 
TYR HD1  H N N 325 
TYR HD2  H N N 326 
TYR HE1  H N N 327 
TYR HE2  H N N 328 
TYR HH   H N N 329 
TYR HXT  H N N 330 
VAL N    N N N 331 
VAL CA   C N S 332 
VAL C    C N N 333 
VAL O    O N N 334 
VAL CB   C N N 335 
VAL CG1  C N N 336 
VAL CG2  C N N 337 
VAL OXT  O N N 338 
VAL H    H N N 339 
VAL H2   H N N 340 
VAL HA   H N N 341 
VAL HB   H N N 342 
VAL HG11 H N N 343 
VAL HG12 H N N 344 
VAL HG13 H N N 345 
VAL HG21 H N N 346 
VAL HG22 H N N 347 
VAL HG23 H N N 348 
VAL HXT  H N N 349 
# 
loop_
_chem_comp_bond.comp_id 
_chem_comp_bond.atom_id_1 
_chem_comp_bond.atom_id_2 
_chem_comp_bond.value_order 
_chem_comp_bond.pdbx_aromatic_flag 
_chem_comp_bond.pdbx_stereo_config 
_chem_comp_bond.pdbx_ordinal 
ALA N   CA   sing N N 1   
ALA N   H    sing N N 2   
ALA N   H2   sing N N 3   
ALA CA  C    sing N N 4   
ALA CA  CB   sing N N 5   
ALA CA  HA   sing N N 6   
ALA C   O    doub N N 7   
ALA C   OXT  sing N N 8   
ALA CB  HB1  sing N N 9   
ALA CB  HB2  sing N N 10  
ALA CB  HB3  sing N N 11  
ALA OXT HXT  sing N N 12  
ARG N   CA   sing N N 13  
ARG N   H    sing N N 14  
ARG N   H2   sing N N 15  
ARG CA  C    sing N N 16  
ARG CA  CB   sing N N 17  
ARG CA  HA   sing N N 18  
ARG C   O    doub N N 19  
ARG C   OXT  sing N N 20  
ARG CB  CG   sing N N 21  
ARG CB  HB2  sing N N 22  
ARG CB  HB3  sing N N 23  
ARG CG  CD   sing N N 24  
ARG CG  HG2  sing N N 25  
ARG CG  HG3  sing N N 26  
ARG CD  NE   sing N N 27  
ARG CD  HD2  sing N N 28  
ARG CD  HD3  sing N N 29  
ARG NE  CZ   sing N N 30  
ARG NE  HE   sing N N 31  
ARG CZ  NH1  sing N N 32  
ARG CZ  NH2  doub N N 33  
ARG NH1 HH11 sing N N 34  
ARG NH1 HH12 sing N N 35  
ARG NH2 HH21 sing N N 36  
ARG NH2 HH22 sing N N 37  
ARG OXT HXT  sing N N 38  
ASN N   CA   sing N N 39  
ASN N   H    sing N N 40  
ASN N   H2   sing N N 41  
ASN CA  C    sing N N 42  
ASN CA  CB   sing N N 43  
ASN CA  HA   sing N N 44  
ASN C   O    doub N N 45  
ASN C   OXT  sing N N 46  
ASN CB  CG   sing N N 47  
ASN CB  HB2  sing N N 48  
ASN CB  HB3  sing N N 49  
ASN CG  OD1  doub N N 50  
ASN CG  ND2  sing N N 51  
ASN ND2 HD21 sing N N 52  
ASN ND2 HD22 sing N N 53  
ASN OXT HXT  sing N N 54  
ASP N   CA   sing N N 55  
ASP N   H    sing N N 56  
ASP N   H2   sing N N 57  
ASP CA  C    sing N N 58  
ASP CA  CB   sing N N 59  
ASP CA  HA   sing N N 60  
ASP C   O    doub N N 61  
ASP C   OXT  sing N N 62  
ASP CB  CG   sing N N 63  
ASP CB  HB2  sing N N 64  
ASP CB  HB3  sing N N 65  
ASP CG  OD1  doub N N 66  
ASP CG  OD2  sing N N 67  
ASP OD2 HD2  sing N N 68  
ASP OXT HXT  sing N N 69  
GLN N   CA   sing N N 70  
GLN N   H    sing N N 71  
GLN N   H2   sing N N 72  
GLN CA  C    sing N N 73  
GLN CA  CB   sing N N 74  
GLN CA  HA   sing N N 75  
GLN C   O    doub N N 76  
GLN C   OXT  sing N N 77  
GLN CB  CG   sing N N 78  
GLN CB  HB2  sing N N 79  
GLN CB  HB3  sing N N 80  
GLN CG  CD   sing N N 81  
GLN CG  HG2  sing N N 82  
GLN CG  HG3  sing N N 83  
GLN CD  OE1  doub N N 84  
GLN CD  NE2  sing N N 85  
GLN NE2 HE21 sing N N 86  
GLN NE2 HE22 sing N N 87  
GLN OXT HXT  sing N N 88  
GLU N   CA   sing N N 89  
GLU N   H    sing N N 90  
GLU N   H2   sing N N 91  
GLU CA  C    sing N N 92  
GLU CA  CB   sing N N 93  
GLU CA  HA   sing N N 94  
GLU C   O    doub N N 95  
GLU C   OXT  sing N N 96  
GLU CB  CG   sing N N 97  
GLU CB  HB2  sing N N 98  
GLU CB  HB3  sing N N 99  
GLU CG  CD   sing N N 100 
GLU CG  HG2  sing N N 101 
GLU CG  HG3  sing N N 102 
GLU CD  OE1  doub N N 103 
GLU CD  OE2  sing N N 104 
GLU OE2 HE2  sing N N 105 
GLU OXT HXT  sing N N 106 
GLY N   CA   sing N N 107 
GLY N   H    sing N N 108 
GLY N   H2   sing N N 109 
GLY CA  C    sing N N 110 
GLY CA  HA2  sing N N 111 
GLY CA  HA3  sing N N 112 
GLY C   O    doub N N 113 
GLY C   OXT  sing N N 114 
GLY OXT HXT  sing N N 115 
HIS N   CA   sing N N 116 
HIS N   H    sing N N 117 
HIS N   H2   sing N N 118 
HIS CA  C    sing N N 119 
HIS CA  CB   sing N N 120 
HIS CA  HA   sing N N 121 
HIS C   O    doub N N 122 
HIS C   OXT  sing N N 123 
HIS CB  CG   sing N N 124 
HIS CB  HB2  sing N N 125 
HIS CB  HB3  sing N N 126 
HIS CG  ND1  sing Y N 127 
HIS CG  CD2  doub Y N 128 
HIS ND1 CE1  doub Y N 129 
HIS ND1 HD1  sing N N 130 
HIS CD2 NE2  sing Y N 131 
HIS CD2 HD2  sing N N 132 
HIS CE1 NE2  sing Y N 133 
HIS CE1 HE1  sing N N 134 
HIS NE2 HE2  sing N N 135 
HIS OXT HXT  sing N N 136 
HOH O   H1   sing N N 137 
HOH O   H2   sing N N 138 
ILE N   CA   sing N N 139 
ILE N   H    sing N N 140 
ILE N   H2   sing N N 141 
ILE CA  C    sing N N 142 
ILE CA  CB   sing N N 143 
ILE CA  HA   sing N N 144 
ILE C   O    doub N N 145 
ILE C   OXT  sing N N 146 
ILE CB  CG1  sing N N 147 
ILE CB  CG2  sing N N 148 
ILE CB  HB   sing N N 149 
ILE CG1 CD1  sing N N 150 
ILE CG1 HG12 sing N N 151 
ILE CG1 HG13 sing N N 152 
ILE CG2 HG21 sing N N 153 
ILE CG2 HG22 sing N N 154 
ILE CG2 HG23 sing N N 155 
ILE CD1 HD11 sing N N 156 
ILE CD1 HD12 sing N N 157 
ILE CD1 HD13 sing N N 158 
ILE OXT HXT  sing N N 159 
LEU N   CA   sing N N 160 
LEU N   H    sing N N 161 
LEU N   H2   sing N N 162 
LEU CA  C    sing N N 163 
LEU CA  CB   sing N N 164 
LEU CA  HA   sing N N 165 
LEU C   O    doub N N 166 
LEU C   OXT  sing N N 167 
LEU CB  CG   sing N N 168 
LEU CB  HB2  sing N N 169 
LEU CB  HB3  sing N N 170 
LEU CG  CD1  sing N N 171 
LEU CG  CD2  sing N N 172 
LEU CG  HG   sing N N 173 
LEU CD1 HD11 sing N N 174 
LEU CD1 HD12 sing N N 175 
LEU CD1 HD13 sing N N 176 
LEU CD2 HD21 sing N N 177 
LEU CD2 HD22 sing N N 178 
LEU CD2 HD23 sing N N 179 
LEU OXT HXT  sing N N 180 
LYS N   CA   sing N N 181 
LYS N   H    sing N N 182 
LYS N   H2   sing N N 183 
LYS CA  C    sing N N 184 
LYS CA  CB   sing N N 185 
LYS CA  HA   sing N N 186 
LYS C   O    doub N N 187 
LYS C   OXT  sing N N 188 
LYS CB  CG   sing N N 189 
LYS CB  HB2  sing N N 190 
LYS CB  HB3  sing N N 191 
LYS CG  CD   sing N N 192 
LYS CG  HG2  sing N N 193 
LYS CG  HG3  sing N N 194 
LYS CD  CE   sing N N 195 
LYS CD  HD2  sing N N 196 
LYS CD  HD3  sing N N 197 
LYS CE  NZ   sing N N 198 
LYS CE  HE2  sing N N 199 
LYS CE  HE3  sing N N 200 
LYS NZ  HZ1  sing N N 201 
LYS NZ  HZ2  sing N N 202 
LYS NZ  HZ3  sing N N 203 
LYS OXT HXT  sing N N 204 
MET N   CA   sing N N 205 
MET N   H    sing N N 206 
MET N   H2   sing N N 207 
MET CA  C    sing N N 208 
MET CA  CB   sing N N 209 
MET CA  HA   sing N N 210 
MET C   O    doub N N 211 
MET C   OXT  sing N N 212 
MET CB  CG   sing N N 213 
MET CB  HB2  sing N N 214 
MET CB  HB3  sing N N 215 
MET CG  SD   sing N N 216 
MET CG  HG2  sing N N 217 
MET CG  HG3  sing N N 218 
MET SD  CE   sing N N 219 
MET CE  HE1  sing N N 220 
MET CE  HE2  sing N N 221 
MET CE  HE3  sing N N 222 
MET OXT HXT  sing N N 223 
PHE N   CA   sing N N 224 
PHE N   H    sing N N 225 
PHE N   H2   sing N N 226 
PHE CA  C    sing N N 227 
PHE CA  CB   sing N N 228 
PHE CA  HA   sing N N 229 
PHE C   O    doub N N 230 
PHE C   OXT  sing N N 231 
PHE CB  CG   sing N N 232 
PHE CB  HB2  sing N N 233 
PHE CB  HB3  sing N N 234 
PHE CG  CD1  doub Y N 235 
PHE CG  CD2  sing Y N 236 
PHE CD1 CE1  sing Y N 237 
PHE CD1 HD1  sing N N 238 
PHE CD2 CE2  doub Y N 239 
PHE CD2 HD2  sing N N 240 
PHE CE1 CZ   doub Y N 241 
PHE CE1 HE1  sing N N 242 
PHE CE2 CZ   sing Y N 243 
PHE CE2 HE2  sing N N 244 
PHE CZ  HZ   sing N N 245 
PHE OXT HXT  sing N N 246 
PRO N   CA   sing N N 247 
PRO N   CD   sing N N 248 
PRO N   H    sing N N 249 
PRO CA  C    sing N N 250 
PRO CA  CB   sing N N 251 
PRO CA  HA   sing N N 252 
PRO C   O    doub N N 253 
PRO C   OXT  sing N N 254 
PRO CB  CG   sing N N 255 
PRO CB  HB2  sing N N 256 
PRO CB  HB3  sing N N 257 
PRO CG  CD   sing N N 258 
PRO CG  HG2  sing N N 259 
PRO CG  HG3  sing N N 260 
PRO CD  HD2  sing N N 261 
PRO CD  HD3  sing N N 262 
PRO OXT HXT  sing N N 263 
SER N   CA   sing N N 264 
SER N   H    sing N N 265 
SER N   H2   sing N N 266 
SER CA  C    sing N N 267 
SER CA  CB   sing N N 268 
SER CA  HA   sing N N 269 
SER C   O    doub N N 270 
SER C   OXT  sing N N 271 
SER CB  OG   sing N N 272 
SER CB  HB2  sing N N 273 
SER CB  HB3  sing N N 274 
SER OG  HG   sing N N 275 
SER OXT HXT  sing N N 276 
THR N   CA   sing N N 277 
THR N   H    sing N N 278 
THR N   H2   sing N N 279 
THR CA  C    sing N N 280 
THR CA  CB   sing N N 281 
THR CA  HA   sing N N 282 
THR C   O    doub N N 283 
THR C   OXT  sing N N 284 
THR CB  OG1  sing N N 285 
THR CB  CG2  sing N N 286 
THR CB  HB   sing N N 287 
THR OG1 HG1  sing N N 288 
THR CG2 HG21 sing N N 289 
THR CG2 HG22 sing N N 290 
THR CG2 HG23 sing N N 291 
THR OXT HXT  sing N N 292 
TYR N   CA   sing N N 293 
TYR N   H    sing N N 294 
TYR N   H2   sing N N 295 
TYR CA  C    sing N N 296 
TYR CA  CB   sing N N 297 
TYR CA  HA   sing N N 298 
TYR C   O    doub N N 299 
TYR C   OXT  sing N N 300 
TYR CB  CG   sing N N 301 
TYR CB  HB2  sing N N 302 
TYR CB  HB3  sing N N 303 
TYR CG  CD1  doub Y N 304 
TYR CG  CD2  sing Y N 305 
TYR CD1 CE1  sing Y N 306 
TYR CD1 HD1  sing N N 307 
TYR CD2 CE2  doub Y N 308 
TYR CD2 HD2  sing N N 309 
TYR CE1 CZ   doub Y N 310 
TYR CE1 HE1  sing N N 311 
TYR CE2 CZ   sing Y N 312 
TYR CE2 HE2  sing N N 313 
TYR CZ  OH   sing N N 314 
TYR OH  HH   sing N N 315 
TYR OXT HXT  sing N N 316 
VAL N   CA   sing N N 317 
VAL N   H    sing N N 318 
VAL N   H2   sing N N 319 
VAL CA  C    sing N N 320 
VAL CA  CB   sing N N 321 
VAL CA  HA   sing N N 322 
VAL C   O    doub N N 323 
VAL C   OXT  sing N N 324 
VAL CB  CG1  sing N N 325 
VAL CB  CG2  sing N N 326 
VAL CB  HB   sing N N 327 
VAL CG1 HG11 sing N N 328 
VAL CG1 HG12 sing N N 329 
VAL CG1 HG13 sing N N 330 
VAL CG2 HG21 sing N N 331 
VAL CG2 HG22 sing N N 332 
VAL CG2 HG23 sing N N 333 
VAL OXT HXT  sing N N 334 
# 
_atom_sites.entry_id                    4BXP 
_atom_sites.fract_transf_matrix[1][1]   0.01641962 
_atom_sites.fract_transf_matrix[1][2]   -0.00575836 
_atom_sites.fract_transf_matrix[1][3]   0.01263308 
_atom_sites.fract_transf_matrix[2][1]   0.01766123 
_atom_sites.fract_transf_matrix[2][2]   0.01066997 
_atom_sites.fract_transf_matrix[2][3]   -0.01809133 
_atom_sites.fract_transf_matrix[3][1]   0.00606661 
_atom_sites.fract_transf_matrix[3][2]   0.01316951 
_atom_sites.fract_transf_matrix[3][3]   0.01368955 
_atom_sites.fract_transf_vector[1]      0.730547 
_atom_sites.fract_transf_vector[2]      -0.410956 
_atom_sites.fract_transf_vector[3]      -0.307501 
# 
loop_
_atom_type.symbol 
C 
N 
O 
S 
# 
loop_
_atom_site.group_PDB 
_atom_site.id 
_atom_site.type_symbol 
_atom_site.label_atom_id 
_atom_site.label_alt_id 
_atom_site.label_comp_id 
_atom_site.label_asym_id 
_atom_site.label_entity_id 
_atom_site.label_seq_id 
_atom_site.pdbx_PDB_ins_code 
_atom_site.Cartn_x 
_atom_site.Cartn_y 
_atom_site.Cartn_z 
_atom_site.occupancy 
_atom_site.B_iso_or_equiv 
_atom_site.pdbx_formal_charge 
_atom_site.auth_seq_id 
_atom_site.auth_comp_id 
_atom_site.auth_asym_id 
_atom_site.auth_atom_id 
_atom_site.pdbx_PDB_model_num 
ATOM   1    N N   . ARG A 1 23  ? 7.187   41.196  10.053  1.00 51.23 ? 955  ARG A N   1 
ATOM   2    C CA  . ARG A 1 23  ? 8.378   40.992  10.932  1.00 50.52 ? 955  ARG A CA  1 
ATOM   3    C C   . ARG A 1 23  ? 9.452   40.117  10.266  1.00 45.07 ? 955  ARG A C   1 
ATOM   4    O O   . ARG A 1 23  ? 9.134   39.228  9.439   1.00 40.08 ? 955  ARG A O   1 
ATOM   5    C CB  . ARG A 1 23  ? 7.972   40.359  12.276  1.00 55.45 ? 955  ARG A CB  1 
ATOM   6    C CG  . ARG A 1 23  ? 7.240   41.290  13.228  1.00 56.82 ? 955  ARG A CG  1 
ATOM   7    C CD  . ARG A 1 23  ? 6.676   40.540  14.433  1.00 61.74 ? 955  ARG A CD  1 
ATOM   8    N NE  . ARG A 1 23  ? 6.214   41.447  15.492  1.00 64.63 ? 955  ARG A NE  1 
ATOM   9    C CZ  . ARG A 1 23  ? 5.507   41.087  16.570  1.00 65.12 ? 955  ARG A CZ  1 
ATOM   10   N NH1 . ARG A 1 23  ? 5.146   39.821  16.761  1.00 65.13 ? 955  ARG A NH1 1 
ATOM   11   N NH2 . ARG A 1 23  ? 5.148   42.009  17.466  1.00 62.47 ? 955  ARG A NH2 1 
ATOM   12   N N   . LEU A 1 24  ? 10.713  40.424  10.606  1.00 34.89 ? 956  LEU A N   1 
ATOM   13   C CA  . LEU A 1 24  ? 11.851  39.536  10.416  1.00 29.31 ? 956  LEU A CA  1 
ATOM   14   C C   . LEU A 1 24  ? 12.559  39.379  11.774  1.00 28.51 ? 956  LEU A C   1 
ATOM   15   O O   . LEU A 1 24  ? 12.970  40.361  12.376  1.00 27.46 ? 956  LEU A O   1 
ATOM   16   C CB  . LEU A 1 24  ? 12.848  40.093  9.397   1.00 28.99 ? 956  LEU A CB  1 
ATOM   17   C CG  . LEU A 1 24  ? 14.167  39.294  9.225   1.00 27.24 ? 956  LEU A CG  1 
ATOM   18   C CD1 . LEU A 1 24  ? 13.981  37.899  8.629   1.00 26.63 ? 956  LEU A CD1 1 
ATOM   19   C CD2 . LEU A 1 24  ? 15.205  40.045  8.396   1.00 26.71 ? 956  LEU A CD2 1 
ATOM   20   N N   . VAL A 1 25  ? 12.672  38.140  12.249  1.00 28.09 ? 957  VAL A N   1 
ATOM   21   C CA  . VAL A 1 25  ? 13.471  37.790  13.420  1.00 28.29 ? 957  VAL A CA  1 
ATOM   22   C C   . VAL A 1 25  ? 14.607  36.886  12.952  1.00 27.01 ? 957  VAL A C   1 
ATOM   23   O O   . VAL A 1 25  ? 14.358  35.905  12.240  1.00 26.21 ? 957  VAL A O   1 
ATOM   24   C CB  . VAL A 1 25  ? 12.611  37.014  14.437  1.00 29.71 ? 957  VAL A CB  1 
ATOM   25   C CG1 . VAL A 1 25  ? 13.431  36.676  15.672  1.00 32.40 ? 957  VAL A CG1 1 
ATOM   26   C CG2 . VAL A 1 25  ? 11.369  37.809  14.801  1.00 31.38 ? 957  VAL A CG2 1 
ATOM   27   N N   . VAL A 1 26  ? 15.853  37.223  13.305  1.00 23.98 ? 958  VAL A N   1 
ATOM   28   C CA  . VAL A 1 26  ? 16.981  36.364  13.034  1.00 23.10 ? 958  VAL A CA  1 
ATOM   29   C C   . VAL A 1 26  ? 17.477  35.927  14.413  1.00 21.87 ? 958  VAL A C   1 
ATOM   30   O O   . VAL A 1 26  ? 17.842  36.752  15.263  1.00 22.64 ? 958  VAL A O   1 
ATOM   31   C CB  . VAL A 1 26  ? 18.113  37.039  12.217  1.00 23.38 ? 958  VAL A CB  1 
ATOM   32   C CG1 . VAL A 1 26  ? 19.204  36.039  11.881  1.00 24.16 ? 958  VAL A CG1 1 
ATOM   33   C CG2 . VAL A 1 26  ? 17.566  37.655  10.913  1.00 25.47 ? 958  VAL A CG2 1 
ATOM   34   N N   . PHE A 1 27  ? 17.412  34.624  14.645  1.00 18.97 ? 959  PHE A N   1 
ATOM   35   C CA  . PHE A 1 27  ? 17.845  34.035  15.898  1.00 18.81 ? 959  PHE A CA  1 
ATOM   36   C C   . PHE A 1 27  ? 19.346  34.038  15.925  1.00 17.52 ? 959  PHE A C   1 
ATOM   37   O O   . PHE A 1 27  ? 20.002  34.055  14.880  1.00 18.81 ? 959  PHE A O   1 
ATOM   38   C CB  . PHE A 1 27  ? 17.281  32.593  16.042  1.00 18.86 ? 959  PHE A CB  1 
ATOM   39   C CG  . PHE A 1 27  ? 15.784  32.561  16.250  1.00 20.50 ? 959  PHE A CG  1 
ATOM   40   C CD1 . PHE A 1 27  ? 14.907  32.672  15.169  1.00 21.93 ? 959  PHE A CD1 1 
ATOM   41   C CD2 . PHE A 1 27  ? 15.257  32.434  17.516  1.00 22.42 ? 959  PHE A CD2 1 
ATOM   42   C CE1 . PHE A 1 27  ? 13.541  32.686  15.374  1.00 23.38 ? 959  PHE A CE1 1 
ATOM   43   C CE2 . PHE A 1 27  ? 13.891  32.437  17.731  1.00 23.84 ? 959  PHE A CE2 1 
ATOM   44   C CZ  . PHE A 1 27  ? 13.029  32.556  16.653  1.00 24.06 ? 959  PHE A CZ  1 
ATOM   45   N N   . PRO A 1 28  ? 19.927  33.954  17.133  1.00 17.49 ? 960  PRO A N   1 
ATOM   46   C CA  . PRO A 1 28  ? 21.363  33.860  17.284  1.00 19.26 ? 960  PRO A CA  1 
ATOM   47   C C   . PRO A 1 28  ? 22.058  32.775  16.463  1.00 18.52 ? 960  PRO A C   1 
ATOM   48   O O   . PRO A 1 28  ? 23.198  32.994  16.055  1.00 18.68 ? 960  PRO A O   1 
ATOM   49   C CB  . PRO A 1 28  ? 21.538  33.609  18.775  1.00 19.06 ? 960  PRO A CB  1 
ATOM   50   C CG  . PRO A 1 28  ? 20.322  34.212  19.410  1.00 19.16 ? 960  PRO A CG  1 
ATOM   51   C CD  . PRO A 1 28  ? 19.221  33.885  18.420  1.00 18.82 ? 960  PRO A CD  1 
ATOM   52   N N   . ASN A 1 29  ? 21.384  31.658  16.162  1.00 17.10 ? 961  ASN A N   1 
ATOM   53   C CA  . ASN A 1 29  ? 21.981  30.581  15.347  1.00 17.31 ? 961  ASN A CA  1 
ATOM   54   C C   . ASN A 1 29  ? 21.878  30.795  13.831  1.00 17.54 ? 961  ASN A C   1 
ATOM   55   O O   . ASN A 1 29  ? 22.347  29.963  13.046  1.00 18.35 ? 961  ASN A O   1 
ATOM   56   C CB  . ASN A 1 29  ? 21.419  29.185  15.695  1.00 18.12 ? 961  ASN A CB  1 
ATOM   57   C CG  . ASN A 1 29  ? 19.925  29.057  15.422  1.00 17.03 ? 961  ASN A CG  1 
ATOM   58   O OD1 . ASN A 1 29  ? 19.328  29.958  14.854  1.00 16.42 ? 961  ASN A OD1 1 
ATOM   59   N ND2 . ASN A 1 29  ? 19.318  27.947  15.823  1.00 17.16 ? 961  ASN A ND2 1 
ATOM   60   N N   . GLY A 1 30  ? 21.237  31.890  13.438  1.00 17.88 ? 962  GLY A N   1 
ATOM   61   C CA  . GLY A 1 30  ? 21.080  32.259  12.034  1.00 19.13 ? 962  GLY A CA  1 
ATOM   62   C C   . GLY A 1 30  ? 19.739  31.863  11.421  1.00 19.26 ? 962  GLY A C   1 
ATOM   63   O O   . GLY A 1 30  ? 19.415  32.286  10.319  1.00 20.72 ? 962  GLY A O   1 
ATOM   64   N N   . THR A 1 31  ? 18.951  31.047  12.107  1.00 18.42 ? 963  THR A N   1 
ATOM   65   C CA  . THR A 1 31  ? 17.580  30.819  11.681  1.00 18.80 ? 963  THR A CA  1 
ATOM   66   C C   . THR A 1 31  ? 16.779  32.120  11.559  1.00 20.79 ? 963  THR A C   1 
ATOM   67   O O   . THR A 1 31  ? 16.833  32.997  12.439  1.00 20.68 ? 963  THR A O   1 
ATOM   68   C CB  . THR A 1 31  ? 16.866  29.848  12.655  1.00 18.49 ? 963  THR A CB  1 
ATOM   69   O OG1 . THR A 1 31  ? 17.407  28.546  12.479  1.00 19.50 ? 963  THR A OG1 1 
ATOM   70   C CG2 . THR A 1 31  ? 15.351  29.821  12.406  1.00 18.61 ? 963  THR A CG2 1 
ATOM   71   N N   . ARG A 1 32  ? 15.994  32.232  10.485  1.00 21.69 ? 964  ARG A N   1 
ATOM   72   C CA  . ARG A 1 32  ? 15.255  33.450  10.177  1.00 22.87 ? 964  ARG A CA  1 
ATOM   73   C C   . ARG A 1 32  ? 13.766  33.105  10.172  1.00 21.48 ? 964  ARG A C   1 
ATOM   74   O O   . ARG A 1 32  ? 13.373  32.121  9.563   1.00 20.27 ? 964  ARG A O   1 
ATOM   75   C CB  . ARG A 1 32  ? 15.637  33.984  8.774   1.00 24.96 ? 964  ARG A CB  1 
ATOM   76   C CG  . ARG A 1 32  ? 17.128  33.917  8.448   1.00 27.02 ? 964  ARG A CG  1 
ATOM   77   C CD  . ARG A 1 32  ? 17.385  34.255  6.987   1.00 25.99 ? 964  ARG A CD  1 
ATOM   78   N NE  . ARG A 1 32  ? 16.980  35.608  6.639   1.00 27.56 ? 964  ARG A NE  1 
ATOM   79   C CZ  . ARG A 1 32  ? 17.677  36.714  6.926   1.00 30.47 ? 964  ARG A CZ  1 
ATOM   80   N NH1 . ARG A 1 32  ? 18.839  36.649  7.606   1.00 30.51 ? 964  ARG A NH1 1 
ATOM   81   N NH2 . ARG A 1 32  ? 17.211  37.905  6.536   1.00 28.91 ? 964  ARG A NH2 1 
ATOM   82   N N   . LYS A 1 33  ? 12.963  33.929  10.812  1.00 21.96 ? 965  LYS A N   1 
ATOM   83   C CA  . LYS A 1 33  ? 11.514  33.821  10.759  1.00 21.80 ? 965  LYS A CA  1 
ATOM   84   C C   . LYS A 1 33  ? 10.976  35.109  10.174  1.00 22.01 ? 965  LYS A C   1 
ATOM   85   O O   . LYS A 1 33  ? 11.159  36.174  10.766  1.00 21.39 ? 965  LYS A O   1 
ATOM   86   C CB  . LYS A 1 33  ? 10.970  33.630  12.153  1.00 23.18 ? 965  LYS A CB  1 
ATOM   87   C CG  . LYS A 1 33  ? 9.480   33.324  12.227  1.00 26.81 ? 965  LYS A CG  1 
ATOM   88   C CD  . LYS A 1 33  ? 9.110   33.088  13.678  1.00 30.88 ? 965  LYS A CD  1 
ATOM   89   C CE  . LYS A 1 33  ? 7.745   32.454  13.832  1.00 35.63 ? 965  LYS A CE  1 
ATOM   90   N NZ  . LYS A 1 33  ? 7.616   31.827  15.175  1.00 38.90 ? 965  LYS A NZ  1 
ATOM   91   N N   . GLU A 1 34  ? 10.309  35.013  9.024   1.00 20.49 ? 966  GLU A N   1 
ATOM   92   C CA  . GLU A 1 34  ? 9.896   36.207  8.277   1.00 22.01 ? 966  GLU A CA  1 
ATOM   93   C C   . GLU A 1 34  ? 8.482   35.986  7.846   1.00 22.04 ? 966  GLU A C   1 
ATOM   94   O O   . GLU A 1 34  ? 8.175   34.933  7.297   1.00 21.93 ? 966  GLU A O   1 
ATOM   95   C CB  . GLU A 1 34  ? 10.810  36.386  7.039   1.00 24.66 ? 966  GLU A CB  1 
ATOM   96   C CG  . GLU A 1 34  ? 10.568  37.635  6.204   1.00 25.17 ? 966  GLU A CG  1 
ATOM   97   C CD  . GLU A 1 34  ? 11.489  37.699  4.999   1.00 28.52 ? 966  GLU A CD  1 
ATOM   98   O OE1 . GLU A 1 34  ? 11.329  36.864  4.059   1.00 28.31 ? 966  GLU A OE1 1 
ATOM   99   O OE2 . GLU A 1 34  ? 12.372  38.608  4.985   1.00 27.96 ? 966  GLU A OE2 1 
ATOM   100  N N   . LEU A 1 35  ? 7.627   36.979  8.055   1.00 22.61 ? 967  LEU A N   1 
ATOM   101  C CA  . LEU A 1 35  ? 6.274   36.978  7.535   1.00 25.82 ? 967  LEU A CA  1 
ATOM   102  C C   . LEU A 1 35  ? 6.304   37.409  6.066   1.00 26.32 ? 967  LEU A C   1 
ATOM   103  O O   . LEU A 1 35  ? 7.022   38.337  5.704   1.00 27.70 ? 967  LEU A O   1 
ATOM   104  C CB  . LEU A 1 35  ? 5.418   37.972  8.348   1.00 28.39 ? 967  LEU A CB  1 
ATOM   105  C CG  . LEU A 1 35  ? 3.899   37.927  8.212   1.00 31.44 ? 967  LEU A CG  1 
ATOM   106  C CD1 . LEU A 1 35  ? 3.392   36.683  8.911   1.00 32.85 ? 967  LEU A CD1 1 
ATOM   107  C CD2 . LEU A 1 35  ? 3.255   39.167  8.837   1.00 34.00 ? 967  LEU A CD2 1 
ATOM   108  N N   . SER A 1 36  ? 5.557   36.714  5.220   1.00 26.73 ? 968  SER A N   1 
ATOM   109  C CA  . SER A 1 36  ? 5.405   37.134  3.828   1.00 27.32 ? 968  SER A CA  1 
ATOM   110  C C   . SER A 1 36  ? 4.887   38.577  3.790   1.00 26.80 ? 968  SER A C   1 
ATOM   111  O O   . SER A 1 36  ? 4.252   39.043  4.733   1.00 26.32 ? 968  SER A O   1 
ATOM   112  C CB  . SER A 1 36  ? 4.444   36.193  3.099   1.00 28.75 ? 968  SER A CB  1 
ATOM   113  O OG  . SER A 1 36  ? 3.177   36.221  3.717   1.00 27.94 ? 968  SER A OG  1 
ATOM   114  N N   . ALA A 1 37  ? 5.162   39.279  2.695   1.00 26.22 ? 969  ALA A N   1 
ATOM   115  C CA  . ALA A 1 37  ? 4.730   40.662  2.528   1.00 29.04 ? 969  ALA A CA  1 
ATOM   116  C C   . ALA A 1 37  ? 3.214   40.852  2.714   1.00 29.64 ? 969  ALA A C   1 
ATOM   117  O O   . ALA A 1 37  ? 2.802   41.849  3.309   1.00 30.17 ? 969  ALA A O   1 
ATOM   118  C CB  . ALA A 1 37  ? 5.167   41.187  1.158   1.00 29.48 ? 969  ALA A CB  1 
ATOM   119  N N   . ASP A 1 38  ? 2.409   39.886  2.253   1.00 29.69 ? 970  ASP A N   1 
ATOM   120  C CA  . ASP A 1 38  ? 0.935   39.966  2.379   1.00 30.88 ? 970  ASP A CA  1 
ATOM   121  C C   . ASP A 1 38  ? 0.389   39.442  3.716   1.00 31.11 ? 970  ASP A C   1 
ATOM   122  O O   . ASP A 1 38  ? -0.832  39.333  3.887   1.00 31.53 ? 970  ASP A O   1 
ATOM   123  C CB  . ASP A 1 38  ? 0.244   39.267  1.195   1.00 30.24 ? 970  ASP A CB  1 
ATOM   124  C CG  . ASP A 1 38  ? 0.295   37.751  1.280   1.00 30.86 ? 970  ASP A CG  1 
ATOM   125  O OD1 . ASP A 1 38  ? 1.002   37.186  2.156   1.00 30.65 ? 970  ASP A OD1 1 
ATOM   126  O OD2 . ASP A 1 38  ? -0.399  37.129  0.455   1.00 33.73 ? 970  ASP A OD2 1 
ATOM   127  N N   . GLY A 1 39  ? 1.284   39.076  4.637   1.00 30.92 ? 971  GLY A N   1 
ATOM   128  C CA  . GLY A 1 39  ? 0.902   38.746  6.022   1.00 31.26 ? 971  GLY A CA  1 
ATOM   129  C C   . GLY A 1 39  ? 0.429   37.321  6.258   1.00 29.03 ? 971  GLY A C   1 
ATOM   130  O O   . GLY A 1 39  ? 0.230   36.900  7.415   1.00 28.42 ? 971  GLY A O   1 
ATOM   131  N N   . GLN A 1 40  ? 0.246   36.561  5.174   1.00 26.90 ? 972  GLN A N   1 
ATOM   132  C CA  . GLN A 1 40  ? -0.448  35.272  5.252   1.00 27.08 ? 972  GLN A CA  1 
ATOM   133  C C   . GLN A 1 40  ? 0.398   34.050  5.572   1.00 27.18 ? 972  GLN A C   1 
ATOM   134  O O   . GLN A 1 40  ? -0.144  33.041  6.050   1.00 26.87 ? 972  GLN A O   1 
ATOM   135  C CB  . GLN A 1 40  ? -1.167  34.994  3.944   1.00 31.77 ? 972  GLN A CB  1 
ATOM   136  C CG  . GLN A 1 40  ? -2.164  36.069  3.571   1.00 34.45 ? 972  GLN A CG  1 
ATOM   137  C CD  . GLN A 1 40  ? -3.098  35.599  2.473   1.00 41.77 ? 972  GLN A CD  1 
ATOM   138  O OE1 . GLN A 1 40  ? -4.016  34.793  2.722   1.00 48.15 ? 972  GLN A OE1 1 
ATOM   139  N NE2 . GLN A 1 40  ? -2.872  36.087  1.245   1.00 45.11 ? 972  GLN A NE2 1 
ATOM   140  N N   . THR A 1 41  ? 1.684   34.097  5.216   1.00 24.27 ? 973  THR A N   1 
ATOM   141  C CA  . THR A 1 41  ? 2.584   32.952  5.371   1.00 21.99 ? 973  THR A CA  1 
ATOM   142  C C   . THR A 1 41  ? 3.762   33.252  6.305   1.00 21.61 ? 973  THR A C   1 
ATOM   143  O O   . THR A 1 41  ? 4.552   34.186  6.064   1.00 21.74 ? 973  THR A O   1 
ATOM   144  C CB  . THR A 1 41  ? 3.186   32.477  4.005   1.00 20.09 ? 973  THR A CB  1 
ATOM   145  O OG1 . THR A 1 41  ? 2.178   32.354  2.993   1.00 20.77 ? 973  THR A OG1 1 
ATOM   146  C CG2 . THR A 1 41  ? 3.877   31.128  4.171   1.00 21.81 ? 973  THR A CG2 1 
ATOM   147  N N   . VAL A 1 42  ? 3.900   32.440  7.355   1.00 22.08 ? 974  VAL A N   1 
ATOM   148  C CA  . VAL A 1 42  ? 5.025   32.513  8.281   1.00 20.71 ? 974  VAL A CA  1 
ATOM   149  C C   . VAL A 1 42  ? 6.091   31.572  7.782   1.00 20.92 ? 974  VAL A C   1 
ATOM   150  O O   . VAL A 1 42  ? 5.848   30.370  7.626   1.00 22.51 ? 974  VAL A O   1 
ATOM   151  C CB  . VAL A 1 42  ? 4.591   32.111  9.714   1.00 20.72 ? 974  VAL A CB  1 
ATOM   152  C CG1 . VAL A 1 42  ? 5.782   32.156  10.669  1.00 21.14 ? 974  VAL A CG1 1 
ATOM   153  C CG2 . VAL A 1 42  ? 3.465   32.984  10.186  1.00 22.48 ? 974  VAL A CG2 1 
ATOM   154  N N   . LYS A 1 43  ? 7.263   32.114  7.495   1.00 19.96 ? 975  LYS A N   1 
ATOM   155  C CA  . LYS A 1 43  ? 8.264   31.456  6.717   1.00 19.49 ? 975  LYS A CA  1 
ATOM   156  C C   . LYS A 1 43  ? 9.480   31.339  7.609   1.00 20.93 ? 975  LYS A C   1 
ATOM   157  O O   . LYS A 1 43  ? 10.144  32.353  7.929   1.00 20.50 ? 975  LYS A O   1 
ATOM   158  C CB  . LYS A 1 43  ? 8.641   32.270  5.479   1.00 19.71 ? 975  LYS A CB  1 
ATOM   159  C CG  . LYS A 1 43  ? 7.493   32.570  4.547   1.00 20.98 ? 975  LYS A CG  1 
ATOM   160  C CD  . LYS A 1 43  ? 7.929   33.332  3.292   1.00 20.27 ? 975  LYS A CD  1 
ATOM   161  C CE  . LYS A 1 43  ? 8.590   34.653  3.591   1.00 19.96 ? 975  LYS A CE  1 
ATOM   162  N NZ  . LYS A 1 43  ? 10.070  34.530  3.504   1.00 21.14 ? 975  LYS A NZ  1 
ATOM   163  N N   . VAL A 1 44  ? 9.778   30.121  8.023   1.00 18.36 ? 976  VAL A N   1 
ATOM   164  C CA  . VAL A 1 44  ? 11.030  29.894  8.758   1.00 17.89 ? 976  VAL A CA  1 
ATOM   165  C C   . VAL A 1 44  ? 12.113  29.274  7.891   1.00 16.97 ? 976  VAL A C   1 
ATOM   166  O O   . VAL A 1 44  ? 11.943  28.196  7.242   1.00 16.67 ? 976  VAL A O   1 
ATOM   167  C CB  . VAL A 1 44  ? 10.802  29.088  10.049  1.00 18.26 ? 976  VAL A CB  1 
ATOM   168  C CG1 . VAL A 1 44  ? 12.142  28.907  10.766  1.00 18.67 ? 976  VAL A CG1 1 
ATOM   169  C CG2 . VAL A 1 44  ? 9.789   29.760  10.918  1.00 19.21 ? 976  VAL A CG2 1 
ATOM   170  N N   . MET A 1 45  ? 13.261  29.955  7.855   1.00 17.96 ? 977  MET A N   1 
ATOM   171  C CA  . MET A 1 45  ? 14.456  29.468  7.170   1.00 19.41 ? 977  MET A CA  1 
ATOM   172  C C   . MET A 1 45  ? 15.479  29.061  8.224   1.00 19.67 ? 977  MET A C   1 
ATOM   173  O O   . MET A 1 45  ? 16.125  29.909  8.817   1.00 20.89 ? 977  MET A O   1 
ATOM   174  C CB  . MET A 1 45  ? 15.039  30.515  6.219   1.00 21.41 ? 977  MET A CB  1 
ATOM   175  C CG  . MET A 1 45  ? 14.169  30.777  5.018   1.00 24.42 ? 977  MET A CG  1 
ATOM   176  S SD  . MET A 1 45  ? 15.010  31.873  3.833   1.00 29.03 ? 977  MET A SD  1 
ATOM   177  C CE  . MET A 1 45  ? 14.204  31.270  2.354   1.00 32.20 ? 977  MET A CE  1 
ATOM   178  N N   . PHE A 1 46  ? 15.568  27.760  8.474   1.00 18.58 ? 978  PHE A N   1 
ATOM   179  C CA  . PHE A 1 46  ? 16.435  27.225  9.515   1.00 18.54 ? 978  PHE A CA  1 
ATOM   180  C C   . PHE A 1 46  ? 17.892  27.285  9.074   1.00 20.44 ? 978  PHE A C   1 
ATOM   181  O O   . PHE A 1 46  ? 18.207  27.244  7.879   1.00 21.33 ? 978  PHE A O   1 
ATOM   182  C CB  . PHE A 1 46  ? 16.010  25.804  9.898   1.00 17.86 ? 978  PHE A CB  1 
ATOM   183  C CG  . PHE A 1 46  ? 14.677  25.742  10.591  1.00 17.12 ? 978  PHE A CG  1 
ATOM   184  C CD1 . PHE A 1 46  ? 14.594  25.985  11.941  1.00 17.37 ? 978  PHE A CD1 1 
ATOM   185  C CD2 . PHE A 1 46  ? 13.486  25.488  9.890   1.00 18.49 ? 978  PHE A CD2 1 
ATOM   186  C CE1 . PHE A 1 46  ? 13.389  25.926  12.618  1.00 19.06 ? 978  PHE A CE1 1 
ATOM   187  C CE2 . PHE A 1 46  ? 12.272  25.420  10.566  1.00 19.67 ? 978  PHE A CE2 1 
ATOM   188  C CZ  . PHE A 1 46  ? 12.219  25.649  11.933  1.00 18.76 ? 978  PHE A CZ  1 
ATOM   189  N N   . PHE A 1 47  ? 18.789  27.407  10.047  1.00 21.47 ? 979  PHE A N   1 
ATOM   190  C CA  . PHE A 1 47  ? 20.213  27.479  9.731   1.00 22.07 ? 979  PHE A CA  1 
ATOM   191  C C   . PHE A 1 47  ? 20.755  26.295  8.962   1.00 20.66 ? 979  PHE A C   1 
ATOM   192  O O   . PHE A 1 47  ? 21.751  26.463  8.248   1.00 23.21 ? 979  PHE A O   1 
ATOM   193  C CB  . PHE A 1 47  ? 21.043  27.725  11.024  1.00 21.91 ? 979  PHE A CB  1 
ATOM   194  C CG  . PHE A 1 47  ? 21.075  26.569  11.957  1.00 23.32 ? 979  PHE A CG  1 
ATOM   195  C CD1 . PHE A 1 47  ? 22.000  25.532  11.791  1.00 25.67 ? 979  PHE A CD1 1 
ATOM   196  C CD2 . PHE A 1 47  ? 20.199  26.505  13.011  1.00 22.89 ? 979  PHE A CD2 1 
ATOM   197  C CE1 . PHE A 1 47  ? 21.997  24.465  12.663  1.00 24.03 ? 979  PHE A CE1 1 
ATOM   198  C CE2 . PHE A 1 47  ? 20.220  25.444  13.893  1.00 24.37 ? 979  PHE A CE2 1 
ATOM   199  C CZ  . PHE A 1 47  ? 21.123  24.419  13.709  1.00 23.92 ? 979  PHE A CZ  1 
ATOM   200  N N   . ASN A 1 48  ? 20.137  25.113  9.094   1.00 20.87 ? 980  ASN A N   1 
ATOM   201  C CA  . ASN A 1 48  ? 20.591  23.901  8.407   1.00 21.57 ? 980  ASN A CA  1 
ATOM   202  C C   . ASN A 1 48  ? 20.085  23.727  6.971   1.00 22.47 ? 980  ASN A C   1 
ATOM   203  O O   . ASN A 1 48  ? 20.373  22.706  6.332   1.00 24.64 ? 980  ASN A O   1 
ATOM   204  C CB  . ASN A 1 48  ? 20.204  22.680  9.209   1.00 22.79 ? 980  ASN A CB  1 
ATOM   205  C CG  . ASN A 1 48  ? 18.708  22.391  9.158   1.00 24.38 ? 980  ASN A CG  1 
ATOM   206  O OD1 . ASN A 1 48  ? 17.894  23.270  8.844   1.00 22.86 ? 980  ASN A OD1 1 
ATOM   207  N ND2 . ASN A 1 48  ? 18.339  21.156  9.503   1.00 26.74 ? 980  ASN A ND2 1 
ATOM   208  N N   . GLY A 1 49  ? 19.350  24.712  6.472   1.00 20.81 ? 981  GLY A N   1 
ATOM   209  C CA  . GLY A 1 49  ? 18.818  24.664  5.098   1.00 20.99 ? 981  GLY A CA  1 
ATOM   210  C C   . GLY A 1 49  ? 17.343  24.278  5.044   1.00 20.20 ? 981  GLY A C   1 
ATOM   211  O O   . GLY A 1 49  ? 16.687  24.423  4.002   1.00 19.24 ? 981  GLY A O   1 
ATOM   212  N N   . ASP A 1 50  ? 16.809  23.780  6.147   1.00 19.39 ? 982  ASP A N   1 
ATOM   213  C CA  . ASP A 1 50  ? 15.370  23.438  6.200   1.00 19.86 ? 982  ASP A CA  1 
ATOM   214  C C   . ASP A 1 50  ? 14.501  24.675  6.121   1.00 18.97 ? 982  ASP A C   1 
ATOM   215  O O   . ASP A 1 50  ? 14.899  25.768  6.543   1.00 18.79 ? 982  ASP A O   1 
ATOM   216  C CB  . ASP A 1 50  ? 14.999  22.650  7.471   1.00 20.15 ? 982  ASP A CB  1 
ATOM   217  C CG  . ASP A 1 50  ? 15.653  21.281  7.557   1.00 20.30 ? 982  ASP A CG  1 
ATOM   218  O OD1 . ASP A 1 50  ? 16.299  20.835  6.597   1.00 23.23 ? 982  ASP A OD1 1 
ATOM   219  O OD2 . ASP A 1 50  ? 15.532  20.652  8.638   1.00 22.93 ? 982  ASP A OD2 1 
ATOM   220  N N   . VAL A 1 51  ? 13.303  24.517  5.565   1.00 18.39 ? 983  VAL A N   1 
ATOM   221  C CA  . VAL A 1 51  ? 12.384  25.624  5.415   1.00 18.69 ? 983  VAL A CA  1 
ATOM   222  C C   . VAL A 1 51  ? 11.001  25.172  5.834   1.00 19.25 ? 983  VAL A C   1 
ATOM   223  O O   . VAL A 1 51  ? 10.583  24.036  5.509   1.00 17.65 ? 983  VAL A O   1 
ATOM   224  C CB  . VAL A 1 51  ? 12.370  26.164  3.960   1.00 19.16 ? 983  VAL A CB  1 
ATOM   225  C CG1 . VAL A 1 51  ? 11.446  27.361  3.831   1.00 19.38 ? 983  VAL A CG1 1 
ATOM   226  C CG2 . VAL A 1 51  ? 13.782  26.468  3.482   1.00 20.60 ? 983  VAL A CG2 1 
ATOM   227  N N   . LYS A 1 52  ? 10.332  26.024  6.593   1.00 18.95 ? 984  LYS A N   1 
ATOM   228  C CA  . LYS A 1 52  ? 8.988   25.756  7.066   1.00 20.21 ? 984  LYS A CA  1 
ATOM   229  C C   . LYS A 1 52  ? 8.058   26.912  6.745   1.00 21.03 ? 984  LYS A C   1 
ATOM   230  O O   . LYS A 1 52  ? 8.296   28.042  7.187   1.00 21.18 ? 984  LYS A O   1 
ATOM   231  C CB  . LYS A 1 52  ? 8.972   25.534  8.582   1.00 20.03 ? 984  LYS A CB  1 
ATOM   232  C CG  . LYS A 1 52  ? 7.594   25.151  9.084   1.00 21.14 ? 984  LYS A CG  1 
ATOM   233  C CD  . LYS A 1 52  ? 7.566   24.751  10.515  1.00 22.86 ? 984  LYS A CD  1 
ATOM   234  C CE  . LYS A 1 52  ? 7.902   25.882  11.385  1.00 25.94 ? 984  LYS A CE  1 
ATOM   235  N NZ  . LYS A 1 52  ? 7.909   25.423  12.791  1.00 29.60 ? 984  LYS A NZ  1 
ATOM   236  N N   . HIS A 1 53  ? 6.990   26.637  5.998   1.00 19.46 ? 985  HIS A N   1 
ATOM   237  C CA  . HIS A 1 53  ? 5.903   27.612  5.855   1.00 18.65 ? 985  HIS A CA  1 
ATOM   238  C C   . HIS A 1 53  ? 4.675   27.154  6.613   1.00 18.24 ? 985  HIS A C   1 
ATOM   239  O O   . HIS A 1 53  ? 4.222   25.992  6.446   1.00 19.16 ? 985  HIS A O   1 
ATOM   240  C CB  . HIS A 1 53  ? 5.526   27.804  4.395   1.00 19.52 ? 985  HIS A CB  1 
ATOM   241  C CG  . HIS A 1 53  ? 6.558   28.513  3.574   1.00 19.93 ? 985  HIS A CG  1 
ATOM   242  N ND1 . HIS A 1 53  ? 6.328   28.865  2.261   1.00 20.27 ? 985  HIS A ND1 1 
ATOM   243  C CD2 . HIS A 1 53  ? 7.817   28.935  3.862   1.00 19.40 ? 985  HIS A CD2 1 
ATOM   244  C CE1 . HIS A 1 53  ? 7.412   29.448  1.769   1.00 21.85 ? 985  HIS A CE1 1 
ATOM   245  N NE2 . HIS A 1 53  ? 8.314   29.532  2.733   1.00 19.17 ? 985  HIS A NE2 1 
ATOM   246  N N   . THR A 1 54  ? 4.110   28.076  7.380   1.00 19.13 ? 986  THR A N   1 
ATOM   247  C CA  . THR A 1 54  ? 2.864   27.849  8.107   1.00 19.77 ? 986  THR A CA  1 
ATOM   248  C C   . THR A 1 54  ? 1.768   28.753  7.521   1.00 22.06 ? 986  THR A C   1 
ATOM   249  O O   . THR A 1 54  ? 1.946   29.983  7.365   1.00 22.35 ? 986  THR A O   1 
ATOM   250  C CB  . THR A 1 54  ? 3.041   28.058  9.629   1.00 20.94 ? 986  THR A CB  1 
ATOM   251  O OG1 . THR A 1 54  ? 4.132   27.277  10.132  1.00 20.57 ? 986  THR A OG1 1 
ATOM   252  C CG2 . THR A 1 54  ? 1.789   27.672  10.363  1.00 21.81 ? 986  THR A CG2 1 
ATOM   253  N N   . MET A 1 55  ? 0.628   28.153  7.199   1.00 23.02 ? 987  MET A N   1 
ATOM   254  C CA  . MET A 1 55  ? -0.424  28.834  6.462   1.00 23.88 ? 987  MET A CA  1 
ATOM   255  C C   . MET A 1 55  ? -1.537  29.280  7.427   1.00 25.75 ? 987  MET A C   1 
ATOM   256  O O   . MET A 1 55  ? -1.571  28.869  8.603   1.00 23.98 ? 987  MET A O   1 
ATOM   257  C CB  . MET A 1 55  ? -0.988  27.904  5.390   1.00 23.71 ? 987  MET A CB  1 
ATOM   258  C CG  . MET A 1 55  ? 0.055   27.146  4.562   1.00 24.41 ? 987  MET A CG  1 
ATOM   259  S SD  . MET A 1 55  ? 1.334   28.196  3.772   1.00 27.19 ? 987  MET A SD  1 
ATOM   260  C CE  . MET A 1 55  ? 0.260   29.158  2.723   1.00 27.25 ? 987  MET A CE  1 
ATOM   261  N N   . PRO A 1 56  ? -2.449  30.131  6.938   1.00 29.09 ? 988  PRO A N   1 
ATOM   262  C CA  . PRO A 1 56  ? -3.571  30.592  7.757   1.00 31.03 ? 988  PRO A CA  1 
ATOM   263  C C   . PRO A 1 56  ? -4.483  29.477  8.281   1.00 33.04 ? 988  PRO A C   1 
ATOM   264  O O   . PRO A 1 56  ? -4.997  29.578  9.403   1.00 38.52 ? 988  PRO A O   1 
ATOM   265  C CB  . PRO A 1 56  ? -4.335  31.493  6.796   1.00 30.45 ? 988  PRO A CB  1 
ATOM   266  C CG  . PRO A 1 56  ? -3.276  32.005  5.868   1.00 30.97 ? 988  PRO A CG  1 
ATOM   267  C CD  . PRO A 1 56  ? -2.439  30.794  5.619   1.00 28.69 ? 988  PRO A CD  1 
ATOM   268  N N   . ASP A 1 57  ? -4.687  28.427  7.496   1.00 33.23 ? 989  ASP A N   1 
ATOM   269  C CA  . ASP A 1 57  ? -5.457  27.276  7.981   1.00 33.55 ? 989  ASP A CA  1 
ATOM   270  C C   . ASP A 1 57  ? -4.662  26.368  8.956   1.00 35.75 ? 989  ASP A C   1 
ATOM   271  O O   . ASP A 1 57  ? -5.162  25.322  9.357   1.00 39.39 ? 989  ASP A O   1 
ATOM   272  C CB  . ASP A 1 57  ? -6.031  26.466  6.805   1.00 35.54 ? 989  ASP A CB  1 
ATOM   273  C CG  . ASP A 1 57  ? -4.985  26.039  5.823   1.00 36.42 ? 989  ASP A CG  1 
ATOM   274  O OD1 . ASP A 1 57  ? -3.776  26.142  6.141   1.00 31.73 ? 989  ASP A OD1 1 
ATOM   275  O OD2 . ASP A 1 57  ? -5.361  25.608  4.710   1.00 40.91 ? 989  ASP A OD2 1 
ATOM   276  N N   . GLN A 1 58  ? -3.441  26.774  9.327   1.00 31.17 ? 990  GLN A N   1 
ATOM   277  C CA  . GLN A 1 58  ? -2.558  26.029  10.234  1.00 31.53 ? 990  GLN A CA  1 
ATOM   278  C C   . GLN A 1 58  ? -1.852  24.841  9.560   1.00 27.42 ? 990  GLN A C   1 
ATOM   279  O O   . GLN A 1 58  ? -1.105  24.128  10.223  1.00 26.06 ? 990  GLN A O   1 
ATOM   280  C CB  . GLN A 1 58  ? -3.285  25.562  11.511  1.00 35.26 ? 990  GLN A CB  1 
ATOM   281  C CG  . GLN A 1 58  ? -4.079  26.638  12.258  1.00 38.44 ? 990  GLN A CG  1 
ATOM   282  C CD  . GLN A 1 58  ? -5.328  26.083  12.974  1.00 43.61 ? 990  GLN A CD  1 
ATOM   283  O OE1 . GLN A 1 58  ? -5.285  25.072  13.714  1.00 42.44 ? 990  GLN A OE1 1 
ATOM   284  N NE2 . GLN A 1 58  ? -6.453  26.747  12.749  1.00 44.53 ? 990  GLN A NE2 1 
ATOM   285  N N   . ARG A 1 59  ? -2.080  24.635  8.263   1.00 23.65 ? 991  ARG A N   1 
ATOM   286  C CA  A ARG A 1 59  ? -1.263  23.722  7.471   0.47 22.60 ? 991  ARG A CA  1 
ATOM   287  C CA  B ARG A 1 59  ? -1.250  23.712  7.464   0.53 22.35 ? 991  ARG A CA  1 
ATOM   288  C C   . ARG A 1 59  ? 0.216   24.118  7.585   1.00 21.27 ? 991  ARG A C   1 
ATOM   289  O O   . ARG A 1 59  ? 0.550   25.317  7.477   1.00 21.62 ? 991  ARG A O   1 
ATOM   290  C CB  A ARG A 1 59  ? -1.713  23.774  6.016   0.47 22.79 ? 991  ARG A CB  1 
ATOM   291  C CB  B ARG A 1 59  ? -1.612  23.728  5.973   0.53 22.16 ? 991  ARG A CB  1 
ATOM   292  C CG  A ARG A 1 59  ? -1.111  22.720  5.124   0.47 23.64 ? 991  ARG A CG  1 
ATOM   293  C CG  B ARG A 1 59  ? -2.774  22.849  5.537   0.53 22.87 ? 991  ARG A CG  1 
ATOM   294  C CD  A ARG A 1 59  ? -1.921  22.612  3.851   0.47 24.98 ? 991  ARG A CD  1 
ATOM   295  C CD  B ARG A 1 59  ? -2.861  22.824  4.016   0.53 23.55 ? 991  ARG A CD  1 
ATOM   296  N NE  A ARG A 1 59  ? -1.490  23.558  2.834   0.47 25.36 ? 991  ARG A NE  1 
ATOM   297  N NE  B ARG A 1 59  ? -2.843  24.188  3.496   0.53 24.87 ? 991  ARG A NE  1 
ATOM   298  C CZ  A ARG A 1 59  ? -2.186  24.618  2.432   0.47 25.88 ? 991  ARG A CZ  1 
ATOM   299  C CZ  B ARG A 1 59  ? -2.225  24.628  2.393   0.53 24.95 ? 991  ARG A CZ  1 
ATOM   300  N NH1 A ARG A 1 59  ? -3.378  24.896  2.958   0.47 26.70 ? 991  ARG A NH1 1 
ATOM   301  N NH1 B ARG A 1 59  ? -1.539  23.821  1.582   0.53 25.36 ? 991  ARG A NH1 1 
ATOM   302  N NH2 A ARG A 1 59  ? -1.684  25.401  1.494   0.47 25.06 ? 991  ARG A NH2 1 
ATOM   303  N NH2 B ARG A 1 59  ? -2.300  25.922  2.102   0.53 24.29 ? 991  ARG A NH2 1 
ATOM   304  N N   . VAL A 1 60  ? 1.078   23.132  7.828   1.00 19.11 ? 992  VAL A N   1 
ATOM   305  C CA  . VAL A 1 60  ? 2.507   23.325  7.907   1.00 18.55 ? 992  VAL A CA  1 
ATOM   306  C C   . VAL A 1 60  ? 3.176   22.560  6.768   1.00 18.78 ? 992  VAL A C   1 
ATOM   307  O O   . VAL A 1 60  ? 2.952   21.342  6.579   1.00 17.35 ? 992  VAL A O   1 
ATOM   308  C CB  . VAL A 1 60  ? 3.074   22.826  9.257   1.00 20.13 ? 992  VAL A CB  1 
ATOM   309  C CG1 . VAL A 1 60  ? 4.605   22.900  9.262   1.00 21.50 ? 992  VAL A CG1 1 
ATOM   310  C CG2 . VAL A 1 60  ? 2.431   23.563  10.423  1.00 22.03 ? 992  VAL A CG2 1 
ATOM   311  N N   . ILE A 1 61  ? 3.988   23.273  6.002   1.00 16.48 ? 993  ILE A N   1 
ATOM   312  C CA  . ILE A 1 61  ? 4.802   22.682  4.919   1.00 17.28 ? 993  ILE A CA  1 
ATOM   313  C C   . ILE A 1 61  ? 6.280   22.785  5.285   1.00 17.85 ? 993  ILE A C   1 
ATOM   314  O O   . ILE A 1 61  ? 6.801   23.876  5.476   1.00 18.14 ? 993  ILE A O   1 
ATOM   315  C CB  . ILE A 1 61  ? 4.532   23.339  3.538   1.00 18.31 ? 993  ILE A CB  1 
ATOM   316  C CG1 . ILE A 1 61  ? 3.039   23.343  3.185   1.00 19.51 ? 993  ILE A CG1 1 
ATOM   317  C CG2 . ILE A 1 61  ? 5.276   22.623  2.423   1.00 17.50 ? 993  ILE A CG2 1 
ATOM   318  C CD1 . ILE A 1 61  ? 2.301   24.557  3.652   1.00 22.91 ? 993  ILE A CD1 1 
ATOM   319  N N   . TYR A 1 62  ? 6.952   21.638  5.370   1.00 18.04 ? 994  TYR A N   1 
ATOM   320  C CA  . TYR A 1 62  ? 8.328   21.550  5.880   1.00 17.89 ? 994  TYR A CA  1 
ATOM   321  C C   . TYR A 1 62  ? 9.189   20.906  4.791   1.00 18.62 ? 994  TYR A C   1 
ATOM   322  O O   . TYR A 1 62  ? 8.913   19.788  4.330   1.00 18.71 ? 994  TYR A O   1 
ATOM   323  C CB  . TYR A 1 62  ? 8.374   20.795  7.223   1.00 19.79 ? 994  TYR A CB  1 
ATOM   324  C CG  . TYR A 1 62  ? 9.676   20.979  7.971   1.00 19.21 ? 994  TYR A CG  1 
ATOM   325  C CD1 . TYR A 1 62  ? 10.840  20.329  7.541   1.00 21.32 ? 994  TYR A CD1 1 
ATOM   326  C CD2 . TYR A 1 62  ? 9.764   21.815  9.069   1.00 20.57 ? 994  TYR A CD2 1 
ATOM   327  C CE1 . TYR A 1 62  ? 12.064  20.514  8.209   1.00 22.02 ? 994  TYR A CE1 1 
ATOM   328  C CE2 . TYR A 1 62  ? 10.959  21.978  9.754   1.00 21.24 ? 994  TYR A CE2 1 
ATOM   329  C CZ  . TYR A 1 62  ? 12.098  21.323  9.322   1.00 21.89 ? 994  TYR A CZ  1 
ATOM   330  O OH  . TYR A 1 62  ? 13.267  21.533  10.016  1.00 22.75 ? 994  TYR A OH  1 
ATOM   331  N N   . TYR A 1 63  ? 10.214  21.621  4.353   1.00 17.72 ? 995  TYR A N   1 
ATOM   332  C CA  . TYR A 1 63  ? 11.203  21.081  3.438   1.00 18.84 ? 995  TYR A CA  1 
ATOM   333  C C   . TYR A 1 63  ? 12.466  20.703  4.216   1.00 19.55 ? 995  TYR A C   1 
ATOM   334  O O   . TYR A 1 63  ? 13.037  21.528  4.939   1.00 18.52 ? 995  TYR A O   1 
ATOM   335  C CB  . TYR A 1 63  ? 11.531  22.074  2.318   1.00 18.80 ? 995  TYR A CB  1 
ATOM   336  C CG  . TYR A 1 63  ? 12.621  21.568  1.387   1.00 20.69 ? 995  TYR A CG  1 
ATOM   337  C CD1 . TYR A 1 63  ? 12.362  20.557  0.465   1.00 20.83 ? 995  TYR A CD1 1 
ATOM   338  C CD2 . TYR A 1 63  ? 13.907  22.090  1.432   1.00 21.54 ? 995  TYR A CD2 1 
ATOM   339  C CE1 . TYR A 1 63  ? 13.340  20.106  -0.398  1.00 21.73 ? 995  TYR A CE1 1 
ATOM   340  C CE2 . TYR A 1 63  ? 14.891  21.638  0.573   1.00 21.38 ? 995  TYR A CE2 1 
ATOM   341  C CZ  . TYR A 1 63  ? 14.606  20.647  -0.334  1.00 24.11 ? 995  TYR A CZ  1 
ATOM   342  O OH  . TYR A 1 63  ? 15.589  20.183  -1.200  1.00 27.33 ? 995  TYR A OH  1 
ATOM   343  N N   . TYR A 1 64  ? 12.851  19.438  4.093   1.00 20.68 ? 996  TYR A N   1 
ATOM   344  C CA  . TYR A 1 64  ? 14.070  18.901  4.720   1.00 22.77 ? 996  TYR A CA  1 
ATOM   345  C C   . TYR A 1 64  ? 15.163  18.978  3.662   1.00 23.01 ? 996  TYR A C   1 
ATOM   346  O O   . TYR A 1 64  ? 15.123  18.279  2.640   1.00 21.26 ? 996  TYR A O   1 
ATOM   347  C CB  . TYR A 1 64  ? 13.883  17.432  5.167   1.00 24.81 ? 996  TYR A CB  1 
ATOM   348  C CG  . TYR A 1 64  ? 12.859  17.216  6.256   1.00 27.62 ? 996  TYR A CG  1 
ATOM   349  C CD1 . TYR A 1 64  ? 13.188  17.387  7.599   1.00 30.91 ? 996  TYR A CD1 1 
ATOM   350  C CD2 . TYR A 1 64  ? 11.574  16.800  5.951   1.00 28.99 ? 996  TYR A CD2 1 
ATOM   351  C CE1 . TYR A 1 64  ? 12.252  17.199  8.600   1.00 32.61 ? 996  TYR A CE1 1 
ATOM   352  C CE2 . TYR A 1 64  ? 10.638  16.608  6.944   1.00 33.25 ? 996  TYR A CE2 1 
ATOM   353  C CZ  . TYR A 1 64  ? 10.970  16.812  8.261   1.00 35.69 ? 996  TYR A CZ  1 
ATOM   354  O OH  . TYR A 1 64  ? 10.016  16.600  9.245   1.00 42.79 ? 996  TYR A OH  1 
ATOM   355  N N   . ALA A 1 65  ? 16.154  19.831  3.888   1.00 22.41 ? 997  ALA A N   1 
ATOM   356  C CA  . ALA A 1 65  ? 17.204  20.039  2.892   1.00 25.21 ? 997  ALA A CA  1 
ATOM   357  C C   . ALA A 1 65  ? 18.081  18.824  2.549   1.00 26.25 ? 997  ALA A C   1 
ATOM   358  O O   . ALA A 1 65  ? 18.325  18.566  1.379   1.00 27.43 ? 997  ALA A O   1 
ATOM   359  C CB  . ALA A 1 65  ? 18.071  21.217  3.312   1.00 26.05 ? 997  ALA A CB  1 
ATOM   360  N N   . GLU A 1 66  ? 18.559  18.070  3.526   1.00 30.35 ? 998  GLU A N   1 
ATOM   361  C CA  . GLU A 1 66  ? 19.460  16.960  3.184   1.00 35.83 ? 998  GLU A CA  1 
ATOM   362  C C   . GLU A 1 66  ? 18.700  15.837  2.441   1.00 33.07 ? 998  GLU A C   1 
ATOM   363  O O   . GLU A 1 66  ? 19.165  15.320  1.419   1.00 34.90 ? 998  GLU A O   1 
ATOM   364  C CB  . GLU A 1 66  ? 20.217  16.443  4.422   1.00 41.97 ? 998  GLU A CB  1 
ATOM   365  C CG  . GLU A 1 66  ? 21.570  15.756  4.127   1.00 47.79 ? 998  GLU A CG  1 
ATOM   366  C CD  . GLU A 1 66  ? 22.548  16.584  3.268   1.00 54.71 ? 998  GLU A CD  1 
ATOM   367  O OE1 . GLU A 1 66  ? 22.791  17.780  3.561   1.00 56.84 ? 998  GLU A OE1 1 
ATOM   368  O OE2 . GLU A 1 66  ? 23.087  16.029  2.276   1.00 59.57 ? 998  GLU A OE2 1 
ATOM   369  N N   . ALA A 1 67  ? 17.515  15.499  2.935   1.00 29.54 ? 999  ALA A N   1 
ATOM   370  C CA  . ALA A 1 67  ? 16.680  14.470  2.316   1.00 28.97 ? 999  ALA A CA  1 
ATOM   371  C C   . ALA A 1 67  ? 15.911  14.962  1.089   1.00 26.57 ? 999  ALA A C   1 
ATOM   372  O O   . ALA A 1 67  ? 15.291  14.153  0.403   1.00 25.02 ? 999  ALA A O   1 
ATOM   373  C CB  . ALA A 1 67  ? 15.694  13.930  3.338   1.00 28.31 ? 999  ALA A CB  1 
ATOM   374  N N   . GLN A 1 68  ? 15.951  16.272  0.828   1.00 23.69 ? 1000 GLN A N   1 
ATOM   375  C CA  . GLN A 1 68  ? 15.195  16.914  -0.256  1.00 23.86 ? 1000 GLN A CA  1 
ATOM   376  C C   . GLN A 1 68  ? 13.731  16.430  -0.285  1.00 22.62 ? 1000 GLN A C   1 
ATOM   377  O O   . GLN A 1 68  ? 13.156  16.180  -1.364  1.00 22.98 ? 1000 GLN A O   1 
ATOM   378  C CB  . GLN A 1 68  ? 15.852  16.672  -1.603  1.00 27.50 ? 1000 GLN A CB  1 
ATOM   379  C CG  . GLN A 1 68  ? 17.300  17.125  -1.679  1.00 31.12 ? 1000 GLN A CG  1 
ATOM   380  C CD  . GLN A 1 68  ? 17.930  16.720  -2.990  1.00 33.48 ? 1000 GLN A CD  1 
ATOM   381  O OE1 . GLN A 1 68  ? 17.494  17.156  -4.053  1.00 35.26 ? 1000 GLN A OE1 1 
ATOM   382  N NE2 . GLN A 1 68  ? 18.937  15.866  -2.926  1.00 36.08 ? 1000 GLN A NE2 1 
ATOM   383  N N   . THR A 1 69  ? 13.129  16.365  0.900   1.00 22.48 ? 1001 THR A N   1 
ATOM   384  C CA  . THR A 1 69  ? 11.778  15.849  1.064   1.00 22.43 ? 1001 THR A CA  1 
ATOM   385  C C   . THR A 1 69  ? 10.844  16.927  1.597   1.00 21.19 ? 1001 THR A C   1 
ATOM   386  O O   . THR A 1 69  ? 11.225  17.704  2.431   1.00 22.24 ? 1001 THR A O   1 
ATOM   387  C CB  . THR A 1 69  ? 11.785  14.630  2.025   1.00 25.64 ? 1001 THR A CB  1 
ATOM   388  O OG1 . THR A 1 69  ? 12.560  13.581  1.430   1.00 29.60 ? 1001 THR A OG1 1 
ATOM   389  C CG2 . THR A 1 69  ? 10.378  14.125  2.276   1.00 26.46 ? 1001 THR A CG2 1 
ATOM   390  N N   . THR A 1 70  ? 9.616   16.947  1.111   1.00 18.84 ? 1002 THR A N   1 
ATOM   391  C CA  . THR A 1 70  ? 8.594   17.887  1.549   1.00 18.52 ? 1002 THR A CA  1 
ATOM   392  C C   . THR A 1 70  ? 7.594   17.147  2.402   1.00 17.60 ? 1002 THR A C   1 
ATOM   393  O O   . THR A 1 70  ? 7.146   16.066  2.022   1.00 17.67 ? 1002 THR A O   1 
ATOM   394  C CB  . THR A 1 70  ? 7.916   18.532  0.350   1.00 19.90 ? 1002 THR A CB  1 
ATOM   395  O OG1 . THR A 1 70  ? 8.892   19.300  -0.376  1.00 20.53 ? 1002 THR A OG1 1 
ATOM   396  C CG2 . THR A 1 70  ? 6.862   19.434  0.806   1.00 19.29 ? 1002 THR A CG2 1 
ATOM   397  N N   . HIS A 1 71  ? 7.300   17.713  3.555   1.00 17.31 ? 1003 HIS A N   1 
ATOM   398  C CA  . HIS A 1 71  ? 6.440   17.103  4.544   1.00 18.48 ? 1003 HIS A CA  1 
ATOM   399  C C   . HIS A 1 71  ? 5.331   18.068  4.937   1.00 18.83 ? 1003 HIS A C   1 
ATOM   400  O O   . HIS A 1 71  ? 5.600   19.139  5.551   1.00 18.46 ? 1003 HIS A O   1 
ATOM   401  C CB  . HIS A 1 71  ? 7.329   16.763  5.734   1.00 21.61 ? 1003 HIS A CB  1 
ATOM   402  C CG  . HIS A 1 71  ? 6.631   16.105  6.870   1.00 23.74 ? 1003 HIS A CG  1 
ATOM   403  N ND1 . HIS A 1 71  ? 7.321   15.624  7.963   1.00 29.73 ? 1003 HIS A ND1 1 
ATOM   404  C CD2 . HIS A 1 71  ? 5.329   15.805  7.087   1.00 26.67 ? 1003 HIS A CD2 1 
ATOM   405  C CE1 . HIS A 1 71  ? 6.467   15.094  8.825   1.00 29.07 ? 1003 HIS A CE1 1 
ATOM   406  N NE2 . HIS A 1 71  ? 5.254   15.182  8.315   1.00 25.69 ? 1003 HIS A NE2 1 
ATOM   407  N N   . ILE A 1 72  ? 4.092   17.748  4.520   1.00 17.82 ? 1004 ILE A N   1 
ATOM   408  C CA  . ILE A 1 72  ? 2.943   18.578  4.860   1.00 17.30 ? 1004 ILE A CA  1 
ATOM   409  C C   . ILE A 1 72  ? 2.175   17.952  6.010   1.00 18.31 ? 1004 ILE A C   1 
ATOM   410  O O   . ILE A 1 72  ? 1.809   16.760  5.956   1.00 17.59 ? 1004 ILE A O   1 
ATOM   411  C CB  . ILE A 1 72  ? 1.988   18.788  3.679   1.00 18.71 ? 1004 ILE A CB  1 
ATOM   412  C CG1 . ILE A 1 72  ? 2.753   19.330  2.463   1.00 20.75 ? 1004 ILE A CG1 1 
ATOM   413  C CG2 . ILE A 1 72  ? 0.832   19.708  4.058   1.00 18.30 ? 1004 ILE A CG2 1 
ATOM   414  C CD1 . ILE A 1 72  ? 3.317   18.240  1.588   1.00 22.76 ? 1004 ILE A CD1 1 
ATOM   415  N N   . THR A 1 73  ? 1.925   18.771  7.018   1.00 16.62 ? 1005 THR A N   1 
ATOM   416  C CA  . THR A 1 73  ? 1.091   18.407  8.167   1.00 19.43 ? 1005 THR A CA  1 
ATOM   417  C C   . THR A 1 73  ? -0.172  19.228  8.141   1.00 19.68 ? 1005 THR A C   1 
ATOM   418  O O   . THR A 1 73  ? -0.150  20.460  8.245   1.00 19.54 ? 1005 THR A O   1 
ATOM   419  C CB  . THR A 1 73  ? 1.835   18.568  9.518   1.00 20.08 ? 1005 THR A CB  1 
ATOM   420  O OG1 . THR A 1 73  ? 3.054   17.826  9.453   1.00 21.48 ? 1005 THR A OG1 1 
ATOM   421  C CG2 . THR A 1 73  ? 0.978   18.050  10.663  1.00 21.43 ? 1005 THR A CG2 1 
ATOM   422  N N   . TYR A 1 74  ? -1.281  18.530  8.015   1.00 19.77 ? 1006 TYR A N   1 
ATOM   423  C CA  . TYR A 1 74  ? -2.585  19.152  8.110   1.00 20.53 ? 1006 TYR A CA  1 
ATOM   424  C C   . TYR A 1 74  ? -3.054  19.192  9.595   1.00 22.97 ? 1006 TYR A C   1 
ATOM   425  O O   . TYR A 1 74  ? -2.699  18.307  10.404  1.00 25.46 ? 1006 TYR A O   1 
ATOM   426  C CB  . TYR A 1 74  ? -3.605  18.404  7.227   1.00 20.10 ? 1006 TYR A CB  1 
ATOM   427  C CG  . TYR A 1 74  ? -3.274  18.417  5.730   1.00 18.63 ? 1006 TYR A CG  1 
ATOM   428  C CD1 . TYR A 1 74  ? -2.403  17.492  5.177   1.00 17.52 ? 1006 TYR A CD1 1 
ATOM   429  C CD2 . TYR A 1 74  ? -3.822  19.368  4.899   1.00 19.31 ? 1006 TYR A CD2 1 
ATOM   430  C CE1 . TYR A 1 74  ? -2.097  17.511  3.810   1.00 18.51 ? 1006 TYR A CE1 1 
ATOM   431  C CE2 . TYR A 1 74  ? -3.517  19.410  3.564   1.00 20.23 ? 1006 TYR A CE2 1 
ATOM   432  C CZ  . TYR A 1 74  ? -2.678  18.482  3.008   1.00 19.93 ? 1006 TYR A CZ  1 
ATOM   433  O OH  . TYR A 1 74  ? -2.396  18.578  1.646   1.00 22.22 ? 1006 TYR A OH  1 
ATOM   434  N N   . PRO A 1 75  ? -3.920  20.163  9.934   1.00 25.44 ? 1007 PRO A N   1 
ATOM   435  C CA  . PRO A 1 75  ? -4.534  20.265  11.307  1.00 28.53 ? 1007 PRO A CA  1 
ATOM   436  C C   . PRO A 1 75  ? -5.269  19.018  11.818  1.00 29.51 ? 1007 PRO A C   1 
ATOM   437  O O   . PRO A 1 75  ? -5.217  18.691  13.028  1.00 30.86 ? 1007 PRO A O   1 
ATOM   438  C CB  . PRO A 1 75  ? -5.527  21.403  11.163  1.00 27.90 ? 1007 PRO A CB  1 
ATOM   439  C CG  . PRO A 1 75  ? -5.124  22.152  9.963   1.00 27.53 ? 1007 PRO A CG  1 
ATOM   440  C CD  . PRO A 1 75  ? -4.386  21.226  9.036   1.00 24.27 ? 1007 PRO A CD  1 
ATOM   441  N N   . ASP A 1 76  ? -5.947  18.309  10.929  1.00 29.94 ? 1008 ASP A N   1 
ATOM   442  C CA  . ASP A 1 76  ? -6.619  17.053  11.317  1.00 28.83 ? 1008 ASP A CA  1 
ATOM   443  C C   . ASP A 1 76  ? -5.636  15.888  11.587  1.00 27.43 ? 1008 ASP A C   1 
ATOM   444  O O   . ASP A 1 76  ? -6.069  14.734  11.782  1.00 27.21 ? 1008 ASP A O   1 
ATOM   445  C CB  . ASP A 1 76  ? -7.674  16.632  10.263  1.00 28.72 ? 1008 ASP A CB  1 
ATOM   446  C CG  . ASP A 1 76  ? -7.067  15.902  9.038   1.00 29.23 ? 1008 ASP A CG  1 
ATOM   447  O OD1 . ASP A 1 76  ? -5.848  16.031  8.775   1.00 24.29 ? 1008 ASP A OD1 1 
ATOM   448  O OD2 . ASP A 1 76  ? -7.847  15.197  8.334   1.00 32.02 ? 1008 ASP A OD2 1 
ATOM   449  N N   . GLY A 1 77  ? -4.328  16.165  11.532  1.00 26.63 ? 1009 GLY A N   1 
ATOM   450  C CA  . GLY A 1 77  ? -3.319  15.129  11.777  1.00 26.70 ? 1009 GLY A CA  1 
ATOM   451  C C   . GLY A 1 77  ? -2.807  14.343  10.575  1.00 24.96 ? 1009 GLY A C   1 
ATOM   452  O O   . GLY A 1 77  ? -1.848  13.582  10.683  1.00 21.66 ? 1009 GLY A O   1 
ATOM   453  N N   . MET A 1 78  ? -3.443  14.499  9.426   1.00 21.39 ? 1010 MET A N   1 
ATOM   454  C CA  . MET A 1 78  ? -2.937  13.857  8.222   1.00 19.67 ? 1010 MET A CA  1 
ATOM   455  C C   . MET A 1 78  ? -1.565  14.447  7.868   1.00 18.72 ? 1010 MET A C   1 
ATOM   456  O O   . MET A 1 78  ? -1.313  15.676  8.002   1.00 17.17 ? 1010 MET A O   1 
ATOM   457  C CB  . MET A 1 78  ? -3.907  14.042  7.057   1.00 21.09 ? 1010 MET A CB  1 
ATOM   458  C CG  . MET A 1 78  ? -3.415  13.366  5.800   1.00 22.52 ? 1010 MET A CG  1 
ATOM   459  S SD  . MET A 1 78  ? -4.649  13.361  4.491   1.00 21.96 ? 1010 MET A SD  1 
ATOM   460  C CE  . MET A 1 78  ? -5.593  11.903  4.919   1.00 26.41 ? 1010 MET A CE  1 
ATOM   461  N N   . GLU A 1 79  ? -0.687  13.559  7.407   1.00 18.06 ? 1011 GLU A N   1 
ATOM   462  C CA  . GLU A 1 79  ? 0.626   13.965  6.944   1.00 17.99 ? 1011 GLU A CA  1 
ATOM   463  C C   . GLU A 1 79  ? 0.844   13.409  5.569   1.00 17.81 ? 1011 GLU A C   1 
ATOM   464  O O   . GLU A 1 79  ? 0.479   12.268  5.271   1.00 16.80 ? 1011 GLU A O   1 
ATOM   465  C CB  . GLU A 1 79  ? 1.735   13.523  7.903   1.00 18.80 ? 1011 GLU A CB  1 
ATOM   466  C CG  . GLU A 1 79  ? 1.532   14.048  9.315   1.00 20.56 ? 1011 GLU A CG  1 
ATOM   467  C CD  . GLU A 1 79  ? 2.662   13.759  10.290  1.00 24.82 ? 1011 GLU A CD  1 
ATOM   468  O OE1 . GLU A 1 79  ? 3.793   13.420  9.903   1.00 23.85 ? 1011 GLU A OE1 1 
ATOM   469  O OE2 . GLU A 1 79  ? 2.400   13.930  11.500  1.00 28.23 ? 1011 GLU A OE2 1 
ATOM   470  N N   . VAL A 1 80  ? 1.423   14.238  4.710   1.00 16.67 ? 1012 VAL A N   1 
ATOM   471  C CA  . VAL A 1 80  ? 1.841   13.817  3.388   1.00 18.21 ? 1012 VAL A CA  1 
ATOM   472  C C   . VAL A 1 80  ? 3.296   14.135  3.162   1.00 18.86 ? 1012 VAL A C   1 
ATOM   473  O O   . VAL A 1 80  ? 3.734   15.271  3.396   1.00 18.60 ? 1012 VAL A O   1 
ATOM   474  C CB  . VAL A 1 80  ? 1.016   14.495  2.296   1.00 17.00 ? 1012 VAL A CB  1 
ATOM   475  C CG1 . VAL A 1 80  ? 1.565   14.158  0.908   1.00 18.44 ? 1012 VAL A CG1 1 
ATOM   476  C CG2 . VAL A 1 80  ? -0.460  14.121  2.437   1.00 16.81 ? 1012 VAL A CG2 1 
ATOM   477  N N   . LEU A 1 81  ? 4.043   13.127  2.736   1.00 18.74 ? 1013 LEU A N   1 
ATOM   478  C CA  . LEU A 1 81  ? 5.437   13.311  2.394   1.00 20.68 ? 1013 LEU A CA  1 
ATOM   479  C C   . LEU A 1 81  ? 5.663   13.088  0.927   1.00 20.72 ? 1013 LEU A C   1 
ATOM   480  O O   . LEU A 1 81  ? 5.141   12.134  0.348   1.00 18.78 ? 1013 LEU A O   1 
ATOM   481  C CB  . LEU A 1 81  ? 6.335   12.364  3.182   1.00 21.91 ? 1013 LEU A CB  1 
ATOM   482  C CG  . LEU A 1 81  ? 6.460   12.845  4.629   1.00 25.46 ? 1013 LEU A CG  1 
ATOM   483  C CD1 . LEU A 1 81  ? 5.424   12.161  5.494   1.00 25.13 ? 1013 LEU A CD1 1 
ATOM   484  C CD2 . LEU A 1 81  ? 7.872   12.670  5.179   1.00 27.51 ? 1013 LEU A CD2 1 
ATOM   485  N N   . GLN A 1 82  ? 6.511   13.945  0.346   1.00 21.23 ? 1014 GLN A N   1 
ATOM   486  C CA  . GLN A 1 82  ? 6.838   13.898  -1.076  1.00 22.79 ? 1014 GLN A CA  1 
ATOM   487  C C   . GLN A 1 82  ? 8.337   13.798  -1.233  1.00 22.51 ? 1014 GLN A C   1 
ATOM   488  O O   . GLN A 1 82  ? 9.075   14.670  -0.744  1.00 22.51 ? 1014 GLN A O   1 
ATOM   489  C CB  . GLN A 1 82  ? 6.363   15.169  -1.767  1.00 24.58 ? 1014 GLN A CB  1 
ATOM   490  C CG  . GLN A 1 82  ? 4.886   15.430  -1.698  1.00 28.93 ? 1014 GLN A CG  1 
ATOM   491  C CD  . GLN A 1 82  ? 4.495   16.705  -2.430  1.00 33.25 ? 1014 GLN A CD  1 
ATOM   492  O OE1 . GLN A 1 82  ? 4.600   17.814  -1.890  1.00 37.49 ? 1014 GLN A OE1 1 
ATOM   493  N NE2 . GLN A 1 82  ? 4.039   16.554  -3.675  1.00 37.99 ? 1014 GLN A NE2 1 
ATOM   494  N N   . PHE A 1 83  ? 8.775   12.729  -1.883  1.00 24.38 ? 1015 PHE A N   1 
ATOM   495  C CA  . PHE A 1 83  ? 10.190  12.356  -1.916  1.00 25.92 ? 1015 PHE A CA  1 
ATOM   496  C C   . PHE A 1 83  ? 10.800  12.753  -3.251  1.00 27.96 ? 1015 PHE A C   1 
ATOM   497  O O   . PHE A 1 83  ? 10.077  12.918  -4.225  1.00 28.95 ? 1015 PHE A O   1 
ATOM   498  C CB  . PHE A 1 83  ? 10.372  10.854  -1.645  1.00 26.56 ? 1015 PHE A CB  1 
ATOM   499  C CG  . PHE A 1 83  ? 10.044  10.461  -0.237  1.00 27.32 ? 1015 PHE A CG  1 
ATOM   500  C CD1 . PHE A 1 83  ? 10.999  10.564  0.761   1.00 29.89 ? 1015 PHE A CD1 1 
ATOM   501  C CD2 . PHE A 1 83  ? 8.781   10.033  0.100   1.00 26.62 ? 1015 PHE A CD2 1 
ATOM   502  C CE1 . PHE A 1 83  ? 10.719  10.220  2.069   1.00 30.06 ? 1015 PHE A CE1 1 
ATOM   503  C CE2 . PHE A 1 83  ? 8.485   9.705   1.404   1.00 28.13 ? 1015 PHE A CE2 1 
ATOM   504  C CZ  . PHE A 1 83  ? 9.453   9.782   2.397   1.00 28.77 ? 1015 PHE A CZ  1 
ATOM   505  N N   . PRO A 1 84  ? 12.139  12.924  -3.289  1.00 28.88 ? 1016 PRO A N   1 
ATOM   506  C CA  . PRO A 1 84  ? 12.748  13.449  -4.522  1.00 33.22 ? 1016 PRO A CA  1 
ATOM   507  C C   . PRO A 1 84  ? 12.674  12.477  -5.724  1.00 37.48 ? 1016 PRO A C   1 
ATOM   508  O O   . PRO A 1 84  ? 12.710  12.926  -6.880  1.00 40.32 ? 1016 PRO A O   1 
ATOM   509  C CB  . PRO A 1 84  ? 14.205  13.753  -4.108  1.00 32.05 ? 1016 PRO A CB  1 
ATOM   510  C CG  . PRO A 1 84  ? 14.430  13.038  -2.822  1.00 30.46 ? 1016 PRO A CG  1 
ATOM   511  C CD  . PRO A 1 84  ? 13.093  12.828  -2.174  1.00 30.38 ? 1016 PRO A CD  1 
ATOM   512  N N   . ASN A 1 85  ? 12.529  11.177  -5.452  1.00 38.47 ? 1017 ASN A N   1 
ATOM   513  C CA  . ASN A 1 85  ? 12.267  10.181  -6.507  1.00 42.71 ? 1017 ASN A CA  1 
ATOM   514  C C   . ASN A 1 85  ? 10.853  10.272  -7.089  1.00 40.93 ? 1017 ASN A C   1 
ATOM   515  O O   . ASN A 1 85  ? 10.504  9.500   -7.977  1.00 43.21 ? 1017 ASN A O   1 
ATOM   516  C CB  . ASN A 1 85  ? 12.474  8.761   -5.958  1.00 47.53 ? 1017 ASN A CB  1 
ATOM   517  C CG  . ASN A 1 85  ? 11.619  8.484   -4.733  1.00 49.12 ? 1017 ASN A CG  1 
ATOM   518  O OD1 . ASN A 1 85  ? 10.641  9.179   -4.492  1.00 53.52 ? 1017 ASN A OD1 1 
ATOM   519  N ND2 . ASN A 1 85  ? 12.006  7.494   -3.942  1.00 54.24 ? 1017 ASN A ND2 1 
ATOM   520  N N   . ASN A 1 86  ? 10.045  11.181  -6.544  1.00 38.74 ? 1018 ASN A N   1 
ATOM   521  C CA  . ASN A 1 86  ? 8.660   11.449  -6.963  1.00 37.34 ? 1018 ASN A CA  1 
ATOM   522  C C   . ASN A 1 86  ? 7.592   10.562  -6.300  1.00 33.37 ? 1018 ASN A C   1 
ATOM   523  O O   . ASN A 1 86  ? 6.445   10.542  -6.712  1.00 34.91 ? 1018 ASN A O   1 
ATOM   524  C CB  . ASN A 1 86  ? 8.472   11.421  -8.478  1.00 41.64 ? 1018 ASN A CB  1 
ATOM   525  C CG  . ASN A 1 86  ? 7.162   12.067  -8.891  1.00 45.00 ? 1018 ASN A CG  1 
ATOM   526  O OD1 . ASN A 1 86  ? 6.662   12.963  -8.200  1.00 47.93 ? 1018 ASN A OD1 1 
ATOM   527  N ND2 . ASN A 1 86  ? 6.581   11.603  -9.989  1.00 46.64 ? 1018 ASN A ND2 1 
ATOM   528  N N   . GLN A 1 87  ? 7.991   9.866   -5.256  1.00 30.95 ? 1019 GLN A N   1 
ATOM   529  C CA  . GLN A 1 87  ? 7.103   9.024   -4.471  1.00 27.79 ? 1019 GLN A CA  1 
ATOM   530  C C   . GLN A 1 87  ? 6.331   9.894   -3.458  1.00 24.65 ? 1019 GLN A C   1 
ATOM   531  O O   . GLN A 1 87  ? 6.880   10.857  -2.931  1.00 21.50 ? 1019 GLN A O   1 
ATOM   532  C CB  . GLN A 1 87  ? 8.000   8.042   -3.769  1.00 29.70 ? 1019 GLN A CB  1 
ATOM   533  C CG  . GLN A 1 87  ? 7.361   6.914   -2.998  1.00 29.36 ? 1019 GLN A CG  1 
ATOM   534  C CD  . GLN A 1 87  ? 8.368   5.800   -2.759  1.00 30.13 ? 1019 GLN A CD  1 
ATOM   535  O OE1 . GLN A 1 87  ? 9.077   5.405   -3.680  1.00 30.70 ? 1019 GLN A OE1 1 
ATOM   536  N NE2 . GLN A 1 87  ? 8.456   5.317   -1.524  1.00 30.13 ? 1019 GLN A NE2 1 
ATOM   537  N N   . THR A 1 88  ? 5.078   9.527   -3.169  1.00 21.34 ? 1020 THR A N   1 
ATOM   538  C CA  . THR A 1 88  ? 4.258   10.187  -2.172  1.00 19.97 ? 1020 THR A CA  1 
ATOM   539  C C   . THR A 1 88  ? 3.791   9.197   -1.102  1.00 18.57 ? 1020 THR A C   1 
ATOM   540  O O   . THR A 1 88  ? 3.451   8.055   -1.419  1.00 18.09 ? 1020 THR A O   1 
ATOM   541  C CB  . THR A 1 88  ? 3.020   10.788  -2.837  1.00 21.86 ? 1020 THR A CB  1 
ATOM   542  O OG1 . THR A 1 88  ? 3.437   11.593  -3.945  1.00 23.47 ? 1020 THR A OG1 1 
ATOM   543  C CG2 . THR A 1 88  ? 2.258   11.629  -1.891  1.00 21.04 ? 1020 THR A CG2 1 
ATOM   544  N N   . GLU A 1 89  ? 3.814   9.648   0.149   1.00 18.29 ? 1021 GLU A N   1 
ATOM   545  C CA  . GLU A 1 89  ? 3.434   8.798   1.281   1.00 20.50 ? 1021 GLU A CA  1 
ATOM   546  C C   . GLU A 1 89  ? 2.436   9.570   2.121   1.00 19.69 ? 1021 GLU A C   1 
ATOM   547  O O   . GLU A 1 89  ? 2.735   10.656  2.595   1.00 21.53 ? 1021 GLU A O   1 
ATOM   548  C CB  . GLU A 1 89  ? 4.673   8.347   2.063   1.00 21.67 ? 1021 GLU A CB  1 
ATOM   549  C CG  . GLU A 1 89  ? 5.639   7.548   1.190   1.00 24.41 ? 1021 GLU A CG  1 
ATOM   550  C CD  . GLU A 1 89  ? 6.748   6.820   1.953   1.00 26.15 ? 1021 GLU A CD  1 
ATOM   551  O OE1 . GLU A 1 89  ? 6.834   6.961   3.198   1.00 28.21 ? 1021 GLU A OE1 1 
ATOM   552  O OE2 . GLU A 1 89  ? 7.526   6.102   1.289   1.00 28.05 ? 1021 GLU A OE2 1 
ATOM   553  N N   . LYS A 1 90  ? 1.240   9.030   2.282   1.00 19.19 ? 1022 LYS A N   1 
ATOM   554  C CA  . LYS A 1 90  ? 0.173   9.713   2.966   1.00 19.32 ? 1022 LYS A CA  1 
ATOM   555  C C   . LYS A 1 90  ? -0.200  8.902   4.210   1.00 19.13 ? 1022 LYS A C   1 
ATOM   556  O O   . LYS A 1 90  ? -0.419  7.693   4.104   1.00 19.55 ? 1022 LYS A O   1 
ATOM   557  C CB  . LYS A 1 90  ? -1.003  9.882   2.006   1.00 21.82 ? 1022 LYS A CB  1 
ATOM   558  C CG  . LYS A 1 90  ? -2.263  10.409  2.665   1.00 26.03 ? 1022 LYS A CG  1 
ATOM   559  C CD  . LYS A 1 90  ? -3.333  10.939  1.706   1.00 30.15 ? 1022 LYS A CD  1 
ATOM   560  C CE  . LYS A 1 90  ? -3.602  10.000  0.548   1.00 32.63 ? 1022 LYS A CE  1 
ATOM   561  N NZ  . LYS A 1 90  ? -4.859  10.389  -0.167  1.00 36.37 ? 1022 LYS A NZ  1 
ATOM   562  N N   . HIS A 1 91  ? -0.229  9.573   5.362   1.00 18.41 ? 1023 HIS A N   1 
ATOM   563  C CA  . HIS A 1 91  ? -0.482  8.963   6.668   1.00 18.99 ? 1023 HIS A CA  1 
ATOM   564  C C   . HIS A 1 91  ? -1.845  9.418   7.157   1.00 20.79 ? 1023 HIS A C   1 
ATOM   565  O O   . HIS A 1 91  ? -2.070  10.606  7.434   1.00 20.62 ? 1023 HIS A O   1 
ATOM   566  C CB  . HIS A 1 91  ? 0.604   9.370   7.678   1.00 20.68 ? 1023 HIS A CB  1 
ATOM   567  C CG  . HIS A 1 91  ? 1.984   9.030   7.244   1.00 23.53 ? 1023 HIS A CG  1 
ATOM   568  N ND1 . HIS A 1 91  ? 2.679   7.954   7.756   1.00 28.21 ? 1023 HIS A ND1 1 
ATOM   569  C CD2 . HIS A 1 91  ? 2.805   9.609   6.337   1.00 27.13 ? 1023 HIS A CD2 1 
ATOM   570  C CE1 . HIS A 1 91  ? 3.868   7.885   7.181   1.00 26.81 ? 1023 HIS A CE1 1 
ATOM   571  N NE2 . HIS A 1 91  ? 3.973   8.882   6.327   1.00 27.38 ? 1023 HIS A NE2 1 
ATOM   572  N N   . PHE A 1 92  ? -2.766  8.466   7.207   1.00 21.12 ? 1024 PHE A N   1 
ATOM   573  C CA  . PHE A 1 92  ? -4.160  8.710   7.552   1.00 22.72 ? 1024 PHE A CA  1 
ATOM   574  C C   . PHE A 1 92  ? -4.400  8.647   9.044   1.00 25.00 ? 1024 PHE A C   1 
ATOM   575  O O   . PHE A 1 92  ? -3.757  7.869   9.752   1.00 25.16 ? 1024 PHE A O   1 
ATOM   576  C CB  . PHE A 1 92  ? -5.054  7.657   6.905   1.00 23.76 ? 1024 PHE A CB  1 
ATOM   577  C CG  . PHE A 1 92  ? -5.214  7.821   5.441   1.00 25.38 ? 1024 PHE A CG  1 
ATOM   578  C CD1 . PHE A 1 92  ? -4.295  7.263   4.575   1.00 27.22 ? 1024 PHE A CD1 1 
ATOM   579  C CD2 . PHE A 1 92  ? -6.303  8.515   4.934   1.00 26.41 ? 1024 PHE A CD2 1 
ATOM   580  C CE1 . PHE A 1 92  ? -4.446  7.407   3.205   1.00 30.49 ? 1024 PHE A CE1 1 
ATOM   581  C CE2 . PHE A 1 92  ? -6.465  8.660   3.569   1.00 29.05 ? 1024 PHE A CE2 1 
ATOM   582  C CZ  . PHE A 1 92  ? -5.534  8.109   2.705   1.00 29.70 ? 1024 PHE A CZ  1 
ATOM   583  N N   . PRO A 1 93  ? -5.357  9.451   9.530   1.00 25.10 ? 1025 PRO A N   1 
ATOM   584  C CA  . PRO A 1 93  ? -5.738  9.337   10.936  1.00 27.20 ? 1025 PRO A CA  1 
ATOM   585  C C   . PRO A 1 93  ? -6.156  7.938   11.385  1.00 28.37 ? 1025 PRO A C   1 
ATOM   586  O O   . PRO A 1 93  ? -5.874  7.593   12.521  1.00 29.29 ? 1025 PRO A O   1 
ATOM   587  C CB  . PRO A 1 93  ? -6.874  10.357  11.065  1.00 26.23 ? 1025 PRO A CB  1 
ATOM   588  C CG  . PRO A 1 93  ? -6.467  11.419  10.100  1.00 26.26 ? 1025 PRO A CG  1 
ATOM   589  C CD  . PRO A 1 93  ? -5.945  10.646  8.911   1.00 25.30 ? 1025 PRO A CD  1 
ATOM   590  N N   . ASP A 1 94  ? -6.736  7.115   10.510  1.00 29.78 ? 1026 ASP A N   1 
ATOM   591  C CA  . ASP A 1 94  ? -7.059  5.713   10.897  1.00 32.76 ? 1026 ASP A CA  1 
ATOM   592  C C   . ASP A 1 94  ? -5.856  4.762   11.029  1.00 33.32 ? 1026 ASP A C   1 
ATOM   593  O O   . ASP A 1 94  ? -6.047  3.586   11.355  1.00 36.24 ? 1026 ASP A O   1 
ATOM   594  C CB  . ASP A 1 94  ? -8.151  5.084   9.989   1.00 36.24 ? 1026 ASP A CB  1 
ATOM   595  C CG  . ASP A 1 94  ? -7.755  4.993   8.503   1.00 38.07 ? 1026 ASP A CG  1 
ATOM   596  O OD1 . ASP A 1 94  ? -6.564  4.895   8.152   1.00 34.43 ? 1026 ASP A OD1 1 
ATOM   597  O OD2 . ASP A 1 94  ? -8.682  5.004   7.664   1.00 41.58 ? 1026 ASP A OD2 1 
ATOM   598  N N   . GLY A 1 95  ? -4.635  5.251   10.772  1.00 27.15 ? 1027 GLY A N   1 
ATOM   599  C CA  . GLY A 1 95  ? -3.416  4.451   10.857  1.00 26.10 ? 1027 GLY A CA  1 
ATOM   600  C C   . GLY A 1 95  ? -2.924  3.852   9.541   1.00 22.47 ? 1027 GLY A C   1 
ATOM   601  O O   . GLY A 1 95  ? -1.846  3.305   9.490   1.00 25.34 ? 1027 GLY A O   1 
ATOM   602  N N   . ARG A 1 96  ? -3.716  3.928   8.483   1.00 22.83 ? 1028 ARG A N   1 
ATOM   603  C CA  . ARG A 1 96  ? -3.237  3.518   7.154   1.00 22.46 ? 1028 ARG A CA  1 
ATOM   604  C C   . ARG A 1 96  ? -2.151  4.446   6.638   1.00 22.31 ? 1028 ARG A C   1 
ATOM   605  O O   . ARG A 1 96  ? -2.084  5.634   6.996   1.00 21.66 ? 1028 ARG A O   1 
ATOM   606  C CB  . ARG A 1 96  ? -4.380  3.494   6.143   1.00 25.77 ? 1028 ARG A CB  1 
ATOM   607  C CG  . ARG A 1 96  ? -5.369  2.380   6.400   1.00 28.68 ? 1028 ARG A CG  1 
ATOM   608  C CD  . ARG A 1 96  ? -6.497  2.406   5.375   1.00 32.46 ? 1028 ARG A CD  1 
ATOM   609  N NE  . ARG A 1 96  ? -7.197  3.692   5.350   1.00 35.71 ? 1028 ARG A NE  1 
ATOM   610  C CZ  . ARG A 1 96  ? -7.367  4.464   4.274   1.00 37.55 ? 1028 ARG A CZ  1 
ATOM   611  N NH1 . ARG A 1 96  ? -6.924  4.089   3.074   1.00 40.34 ? 1028 ARG A NH1 1 
ATOM   612  N NH2 . ARG A 1 96  ? -8.016  5.612   4.396   1.00 40.02 ? 1028 ARG A NH2 1 
ATOM   613  N N   . LYS A 1 97  ? -1.268  3.881   5.839   1.00 20.94 ? 1029 LYS A N   1 
ATOM   614  C CA  . LYS A 1 97  ? -0.267  4.645   5.116   1.00 22.87 ? 1029 LYS A CA  1 
ATOM   615  C C   . LYS A 1 97  ? -0.394  4.242   3.655   1.00 22.24 ? 1029 LYS A C   1 
ATOM   616  O O   . LYS A 1 97  ? -0.416  3.065   3.326   1.00 23.10 ? 1029 LYS A O   1 
ATOM   617  C CB  . LYS A 1 97  ? 1.126   4.351   5.659   1.00 25.21 ? 1029 LYS A CB  1 
ATOM   618  C CG  . LYS A 1 97  ? 2.271   4.897   4.829   1.00 29.48 ? 1029 LYS A CG  1 
ATOM   619  C CD  . LYS A 1 97  ? 3.612   4.578   5.484   1.00 31.12 ? 1029 LYS A CD  1 
ATOM   620  C CE  . LYS A 1 97  ? 4.788   5.137   4.700   1.00 33.15 ? 1029 LYS A CE  1 
ATOM   621  N NZ  . LYS A 1 97  ? 6.072   4.579   5.214   1.00 33.78 ? 1029 LYS A NZ  1 
ATOM   622  N N   . GLU A 1 98  ? -0.544  5.222   2.774   1.00 21.05 ? 1030 GLU A N   1 
ATOM   623  C CA  . GLU A 1 98  ? -0.692  4.958   1.343   1.00 21.34 ? 1030 GLU A CA  1 
ATOM   624  C C   . GLU A 1 98  ? 0.522   5.513   0.630   1.00 21.29 ? 1030 GLU A C   1 
ATOM   625  O O   . GLU A 1 98  ? 0.833   6.710   0.784   1.00 21.83 ? 1030 GLU A O   1 
ATOM   626  C CB  . GLU A 1 98  ? -1.959  5.612   0.843   1.00 24.54 ? 1030 GLU A CB  1 
ATOM   627  C CG  . GLU A 1 98  ? -2.243  5.413   -0.626  1.00 27.95 ? 1030 GLU A CG  1 
ATOM   628  C CD  . GLU A 1 98  ? -3.273  6.396   -1.109  1.00 31.84 ? 1030 GLU A CD  1 
ATOM   629  O OE1 . GLU A 1 98  ? -4.460  6.136   -0.852  1.00 31.34 ? 1030 GLU A OE1 1 
ATOM   630  O OE2 . GLU A 1 98  ? -2.882  7.429   -1.710  1.00 33.19 ? 1030 GLU A OE2 1 
ATOM   631  N N   . ILE A 1 99  ? 1.195   4.665   -0.135  1.00 19.75 ? 1031 ILE A N   1 
ATOM   632  C CA  . ILE A 1 99  ? 2.403   5.021   -0.875  1.00 21.68 ? 1031 ILE A CA  1 
ATOM   633  C C   . ILE A 1 99  ? 2.099   4.984   -2.366  1.00 22.43 ? 1031 ILE A C   1 
ATOM   634  O O   . ILE A 1 99  ? 1.561   3.977   -2.898  1.00 22.65 ? 1031 ILE A O   1 
ATOM   635  C CB  . ILE A 1 99  ? 3.541   4.048   -0.551  1.00 22.97 ? 1031 ILE A CB  1 
ATOM   636  C CG1 . ILE A 1 99  ? 3.836   4.080   0.940   1.00 24.65 ? 1031 ILE A CG1 1 
ATOM   637  C CG2 . ILE A 1 99  ? 4.809   4.395   -1.306  1.00 23.31 ? 1031 ILE A CG2 1 
ATOM   638  C CD1 . ILE A 1 99  ? 4.058   2.717   1.527   1.00 27.56 ? 1031 ILE A CD1 1 
ATOM   639  N N   . THR A 1 100 ? 2.419   6.067   -3.048  1.00 22.95 ? 1032 THR A N   1 
ATOM   640  C CA  . THR A 1 100 ? 2.307   6.104   -4.502  1.00 26.40 ? 1032 THR A CA  1 
ATOM   641  C C   . THR A 1 100 ? 3.732   6.099   -5.055  1.00 27.66 ? 1032 THR A C   1 
ATOM   642  O O   . THR A 1 100 ? 4.490   7.045   -4.891  1.00 27.66 ? 1032 THR A O   1 
ATOM   643  C CB  . THR A 1 100 ? 1.525   7.310   -5.005  1.00 26.34 ? 1032 THR A CB  1 
ATOM   644  O OG1 . THR A 1 100 ? 0.238   7.361   -4.382  1.00 25.40 ? 1032 THR A OG1 1 
ATOM   645  C CG2 . THR A 1 100 ? 1.371   7.258   -6.537  1.00 25.57 ? 1032 THR A CG2 1 
ATOM   646  N N   . PHE A 1 101 ? 4.103   4.996   -5.693  1.00 30.74 ? 1033 PHE A N   1 
ATOM   647  C CA  . PHE A 1 101 ? 5.431   4.876   -6.265  1.00 33.53 ? 1033 PHE A CA  1 
ATOM   648  C C   . PHE A 1 101 ? 5.555   5.705   -7.530  1.00 35.57 ? 1033 PHE A C   1 
ATOM   649  O O   . PHE A 1 101 ? 4.536   6.190   -8.061  1.00 32.48 ? 1033 PHE A O   1 
ATOM   650  C CB  . PHE A 1 101 ? 5.761   3.414   -6.520  1.00 33.96 ? 1033 PHE A CB  1 
ATOM   651  C CG  . PHE A 1 101 ? 5.990   2.654   -5.266  1.00 32.61 ? 1033 PHE A CG  1 
ATOM   652  C CD1 . PHE A 1 101 ? 7.226   2.680   -4.646  1.00 32.98 ? 1033 PHE A CD1 1 
ATOM   653  C CD2 . PHE A 1 101 ? 4.949   1.990   -4.656  1.00 32.42 ? 1033 PHE A CD2 1 
ATOM   654  C CE1 . PHE A 1 101 ? 7.451   2.003   -3.461  1.00 34.34 ? 1033 PHE A CE1 1 
ATOM   655  C CE2 . PHE A 1 101 ? 5.163   1.308   -3.471  1.00 34.50 ? 1033 PHE A CE2 1 
ATOM   656  C CZ  . PHE A 1 101 ? 6.414   1.323   -2.864  1.00 33.43 ? 1033 PHE A CZ  1 
ATOM   657  N N   . PRO A 1 102 ? 6.816   5.904   -7.997  1.00 37.85 ? 1034 PRO A N   1 
ATOM   658  C CA  . PRO A 1 102 ? 7.051   6.703   -9.209  1.00 39.35 ? 1034 PRO A CA  1 
ATOM   659  C C   . PRO A 1 102 ? 6.447   6.037   -10.445 1.00 40.16 ? 1034 PRO A C   1 
ATOM   660  O O   . PRO A 1 102 ? 6.027   6.740   -11.369 1.00 42.17 ? 1034 PRO A O   1 
ATOM   661  C CB  . PRO A 1 102 ? 8.592   6.801   -9.307  1.00 38.66 ? 1034 PRO A CB  1 
ATOM   662  C CG  . PRO A 1 102 ? 9.136   6.341   -7.996  1.00 41.39 ? 1034 PRO A CG  1 
ATOM   663  C CD  . PRO A 1 102 ? 8.074   5.514   -7.319  1.00 39.65 ? 1034 PRO A CD  1 
ATOM   664  N N   . ASP A 1 103 ? 6.369   4.702   -10.432 1.00 39.93 ? 1035 ASP A N   1 
ATOM   665  C CA  . ASP A 1 103 ? 5.689   3.939   -11.490 1.00 41.24 ? 1035 ASP A CA  1 
ATOM   666  C C   . ASP A 1 103 ? 4.153   3.918   -11.393 1.00 40.09 ? 1035 ASP A C   1 
ATOM   667  O O   . ASP A 1 103 ? 3.528   3.198   -12.156 1.00 42.43 ? 1035 ASP A O   1 
ATOM   668  C CB  . ASP A 1 103 ? 6.244   2.493   -11.585 1.00 42.28 ? 1035 ASP A CB  1 
ATOM   669  C CG  . ASP A 1 103 ? 5.862   1.608   -10.388 1.00 43.86 ? 1035 ASP A CG  1 
ATOM   670  O OD1 . ASP A 1 103 ? 5.061   2.029   -9.524  1.00 43.09 ? 1035 ASP A OD1 1 
ATOM   671  O OD2 . ASP A 1 103 ? 6.373   0.469   -10.316 1.00 47.76 ? 1035 ASP A OD2 1 
ATOM   672  N N   . GLN A 1 104 ? 3.571   4.675   -10.447 1.00 37.20 ? 1036 GLN A N   1 
ATOM   673  C CA  A GLN A 1 104 ? 2.111   4.841   -10.309 0.53 36.41 ? 1036 GLN A CA  1 
ATOM   674  C CA  B GLN A 1 104 ? 2.097   4.845   -10.311 0.47 36.06 ? 1036 GLN A CA  1 
ATOM   675  C C   . GLN A 1 104 ? 1.406   3.714   -9.522  1.00 32.84 ? 1036 GLN A C   1 
ATOM   676  O O   . GLN A 1 104 ? 0.209   3.761   -9.305  1.00 28.84 ? 1036 GLN A O   1 
ATOM   677  C CB  A GLN A 1 104 ? 1.449   5.039   -11.682 0.53 37.89 ? 1036 GLN A CB  1 
ATOM   678  C CB  B GLN A 1 104 ? 1.416   5.064   -11.686 0.47 37.20 ? 1036 GLN A CB  1 
ATOM   679  C CG  A GLN A 1 104 ? 2.132   6.098   -12.547 0.53 39.83 ? 1036 GLN A CG  1 
ATOM   680  C CG  B GLN A 1 104 ? -0.106  5.248   -11.699 0.47 38.25 ? 1036 GLN A CG  1 
ATOM   681  C CD  A GLN A 1 104 ? 1.968   7.481   -11.974 0.53 40.19 ? 1036 GLN A CD  1 
ATOM   682  C CD  B GLN A 1 104 ? -0.601  6.440   -10.896 0.47 40.19 ? 1036 GLN A CD  1 
ATOM   683  O OE1 A GLN A 1 104 ? 0.919   8.098   -12.138 0.53 43.06 ? 1036 GLN A OE1 1 
ATOM   684  O OE1 B GLN A 1 104 ? -0.586  7.587   -11.371 0.47 37.80 ? 1036 GLN A OE1 1 
ATOM   685  N NE2 A GLN A 1 104 ? 2.992   7.973   -11.282 0.53 40.21 ? 1036 GLN A NE2 1 
ATOM   686  N NE2 B GLN A 1 104 ? -1.084  6.171   -9.685  0.47 38.48 ? 1036 GLN A NE2 1 
ATOM   687  N N   . THR A 1 105 ? 2.157   2.713   -9.073  1.00 32.77 ? 1037 THR A N   1 
ATOM   688  C CA  . THR A 1 105 ? 1.570   1.674   -8.212  1.00 29.59 ? 1037 THR A CA  1 
ATOM   689  C C   . THR A 1 105 ? 1.198   2.358   -6.885  1.00 29.69 ? 1037 THR A C   1 
ATOM   690  O O   . THR A 1 105 ? 1.973   3.194   -6.407  1.00 31.09 ? 1037 THR A O   1 
ATOM   691  C CB  . THR A 1 105 ? 2.564   0.518   -7.973  1.00 30.15 ? 1037 THR A CB  1 
ATOM   692  O OG1 . THR A 1 105 ? 2.848   -0.142  -9.221  1.00 32.88 ? 1037 THR A OG1 1 
ATOM   693  C CG2 . THR A 1 105 ? 1.976   -0.489  -6.998  1.00 29.11 ? 1037 THR A CG2 1 
ATOM   694  N N   . VAL A 1 106 ? 0.024   2.047   -6.338  1.00 25.67 ? 1038 VAL A N   1 
ATOM   695  C CA  . VAL A 1 106 ? -0.418  2.561   -5.031  1.00 24.87 ? 1038 VAL A CA  1 
ATOM   696  C C   . VAL A 1 106 ? -0.454  1.410   -4.016  1.00 24.10 ? 1038 VAL A C   1 
ATOM   697  O O   . VAL A 1 106 ? -1.229  0.451   -4.193  1.00 23.06 ? 1038 VAL A O   1 
ATOM   698  C CB  . VAL A 1 106 ? -1.796  3.234   -5.145  1.00 25.92 ? 1038 VAL A CB  1 
ATOM   699  C CG1 . VAL A 1 106 ? -2.329  3.690   -3.784  1.00 27.22 ? 1038 VAL A CG1 1 
ATOM   700  C CG2 . VAL A 1 106 ? -1.726  4.430   -6.086  1.00 28.30 ? 1038 VAL A CG2 1 
ATOM   701  N N   . LYS A 1 107 ? 0.406   1.476   -2.998  1.00 22.38 ? 1039 LYS A N   1 
ATOM   702  C CA  . LYS A 1 107 ? 0.452   0.467   -1.936  1.00 24.19 ? 1039 LYS A CA  1 
ATOM   703  C C   . LYS A 1 107 ? -0.123  1.031   -0.649  1.00 23.58 ? 1039 LYS A C   1 
ATOM   704  O O   . LYS A 1 107 ? 0.302   2.097   -0.213  1.00 26.73 ? 1039 LYS A O   1 
ATOM   705  C CB  . LYS A 1 107 ? 1.891   0.051   -1.683  1.00 25.17 ? 1039 LYS A CB  1 
ATOM   706  C CG  . LYS A 1 107 ? 2.078   -1.036  -0.641  1.00 28.42 ? 1039 LYS A CG  1 
ATOM   707  C CD  . LYS A 1 107 ? 3.535   -1.141  -0.220  1.00 32.08 ? 1039 LYS A CD  1 
ATOM   708  C CE  . LYS A 1 107 ? 4.392   -1.709  -1.320  1.00 36.58 ? 1039 LYS A CE  1 
ATOM   709  N NZ  . LYS A 1 107 ? 5.813   -1.766  -0.891  1.00 40.01 ? 1039 LYS A NZ  1 
ATOM   710  N N   . THR A 1 108 ? -1.077  0.316   -0.040  1.00 23.10 ? 1040 THR A N   1 
ATOM   711  C CA  . THR A 1 108 ? -1.667  0.712   1.221   1.00 23.31 ? 1040 THR A CA  1 
ATOM   712  C C   . THR A 1 108 ? -1.204  -0.261  2.300   1.00 22.52 ? 1040 THR A C   1 
ATOM   713  O O   . THR A 1 108 ? -1.369  -1.463  2.128   1.00 20.65 ? 1040 THR A O   1 
ATOM   714  C CB  . THR A 1 108 ? -3.195  0.725   1.134   1.00 24.69 ? 1040 THR A CB  1 
ATOM   715  O OG1 . THR A 1 108 ? -3.610  1.618   0.101   1.00 25.75 ? 1040 THR A OG1 1 
ATOM   716  C CG2 . THR A 1 108 ? -3.834  1.161   2.439   1.00 24.52 ? 1040 THR A CG2 1 
ATOM   717  N N   . LEU A 1 109 ? -0.601  0.285   3.363   1.00 22.40 ? 1041 LEU A N   1 
ATOM   718  C CA  . LEU A 1 109 ? -0.197  -0.445  4.577   1.00 24.07 ? 1041 LEU A CA  1 
ATOM   719  C C   . LEU A 1 109 ? -1.268  -0.242  5.651   1.00 22.70 ? 1041 LEU A C   1 
ATOM   720  O O   . LEU A 1 109 ? -1.559  0.888   6.094   1.00 21.29 ? 1041 LEU A O   1 
ATOM   721  C CB  . LEU A 1 109 ? 1.137   0.061   5.128   1.00 26.74 ? 1041 LEU A CB  1 
ATOM   722  C CG  . LEU A 1 109 ? 2.446   -0.256  4.410   1.00 30.53 ? 1041 LEU A CG  1 
ATOM   723  C CD1 . LEU A 1 109 ? 2.391   0.206   2.978   1.00 31.76 ? 1041 LEU A CD1 1 
ATOM   724  C CD2 . LEU A 1 109 ? 3.624   0.380   5.136   1.00 32.13 ? 1041 LEU A CD2 1 
ATOM   725  N N   . HIS A 1 110 ? -1.866  -1.340  6.080   1.00 22.43 ? 1042 HIS A N   1 
ATOM   726  C CA  . HIS A 1 110 ? -2.946  -1.293  7.057   1.00 25.02 ? 1042 HIS A CA  1 
ATOM   727  C C   . HIS A 1 110 ? -2.376  -1.569  8.444   1.00 26.38 ? 1042 HIS A C   1 
ATOM   728  O O   . HIS A 1 110 ? -1.377  -2.254  8.567   1.00 25.33 ? 1042 HIS A O   1 
ATOM   729  C CB  . HIS A 1 110 ? -4.028  -2.319  6.690   1.00 25.63 ? 1042 HIS A CB  1 
ATOM   730  C CG  . HIS A 1 110 ? -4.733  -1.999  5.409   1.00 25.96 ? 1042 HIS A CG  1 
ATOM   731  N ND1 . HIS A 1 110 ? -5.860  -1.207  5.353   1.00 27.83 ? 1042 HIS A ND1 1 
ATOM   732  C CD2 . HIS A 1 110 ? -4.447  -2.331  4.133   1.00 25.43 ? 1042 HIS A CD2 1 
ATOM   733  C CE1 . HIS A 1 110 ? -6.233  -1.064  4.093   1.00 26.00 ? 1042 HIS A CE1 1 
ATOM   734  N NE2 . HIS A 1 110 ? -5.398  -1.747  3.336   1.00 26.78 ? 1042 HIS A NE2 1 
ATOM   735  N N   . PRO A 1 111 ? -3.013  -1.023  9.497   1.00 28.08 ? 1043 PRO A N   1 
ATOM   736  C CA  . PRO A 1 111 ? -2.550  -1.217  10.880  1.00 31.93 ? 1043 PRO A CA  1 
ATOM   737  C C   . PRO A 1 111 ? -2.381  -2.698  11.291  1.00 32.40 ? 1043 PRO A C   1 
ATOM   738  O O   . PRO A 1 111 ? -1.470  -3.019  12.065  1.00 35.70 ? 1043 PRO A O   1 
ATOM   739  C CB  . PRO A 1 111 ? -3.643  -0.555  11.731  1.00 31.59 ? 1043 PRO A CB  1 
ATOM   740  C CG  . PRO A 1 111 ? -4.489  0.254   10.802  1.00 32.00 ? 1043 PRO A CG  1 
ATOM   741  C CD  . PRO A 1 111 ? -4.224  -0.186  9.397   1.00 30.49 ? 1043 PRO A CD  1 
ATOM   742  N N   . ASP A 1 112 ? -3.233  -3.579  10.766  1.00 32.85 ? 1044 ASP A N   1 
ATOM   743  C CA  . ASP A 1 112 ? -3.108  -5.019  11.036  1.00 33.28 ? 1044 ASP A CA  1 
ATOM   744  C C   . ASP A 1 112 ? -1.992  -5.720  10.282  1.00 33.95 ? 1044 ASP A C   1 
ATOM   745  O O   . ASP A 1 112 ? -1.866  -6.939  10.392  1.00 39.81 ? 1044 ASP A O   1 
ATOM   746  C CB  . ASP A 1 112 ? -4.421  -5.748  10.774  1.00 32.66 ? 1044 ASP A CB  1 
ATOM   747  C CG  . ASP A 1 112 ? -4.789  -5.856  9.275   1.00 36.33 ? 1044 ASP A CG  1 
ATOM   748  O OD1 . ASP A 1 112 ? -4.047  -5.399  8.355   1.00 32.12 ? 1044 ASP A OD1 1 
ATOM   749  O OD2 . ASP A 1 112 ? -5.872  -6.416  9.026   1.00 37.30 ? 1044 ASP A OD2 1 
ATOM   750  N N   . GLY A 1 113 ? -1.194  -4.979  9.511   1.00 30.64 ? 1045 GLY A N   1 
ATOM   751  C CA  . GLY A 1 113 ? -0.017  -5.541  8.842   1.00 28.01 ? 1045 GLY A CA  1 
ATOM   752  C C   . GLY A 1 113 ? -0.220  -5.976  7.388   1.00 26.41 ? 1045 GLY A C   1 
ATOM   753  O O   . GLY A 1 113 ? 0.761   -6.267  6.698   1.00 26.03 ? 1045 GLY A O   1 
ATOM   754  N N   . ARG A 1 114 ? -1.459  -5.999  6.894   1.00 25.75 ? 1046 ARG A N   1 
ATOM   755  C CA  . ARG A 1 114 ? -1.686  -6.280  5.469   1.00 23.87 ? 1046 ARG A CA  1 
ATOM   756  C C   . ARG A 1 114 ? -1.106  -5.162  4.615   1.00 22.95 ? 1046 ARG A C   1 
ATOM   757  O O   . ARG A 1 114 ? -1.220  -3.997  4.985   1.00 22.59 ? 1046 ARG A O   1 
ATOM   758  C CB  . ARG A 1 114 ? -3.164  -6.257  5.104   1.00 27.89 ? 1046 ARG A CB  1 
ATOM   759  C CG  . ARG A 1 114 ? -4.008  -7.414  5.541   1.00 30.98 ? 1046 ARG A CG  1 
ATOM   760  C CD  . ARG A 1 114 ? -5.433  -7.145  5.063   1.00 32.39 ? 1046 ARG A CD  1 
ATOM   761  N NE  . ARG A 1 114 ? -6.090  -6.160  5.921   1.00 35.87 ? 1046 ARG A NE  1 
ATOM   762  C CZ  . ARG A 1 114 ? -6.858  -5.153  5.498   1.00 34.83 ? 1046 ARG A CZ  1 
ATOM   763  N NH1 . ARG A 1 114 ? -7.090  -4.945  4.202   1.00 36.85 ? 1046 ARG A NH1 1 
ATOM   764  N NH2 . ARG A 1 114 ? -7.387  -4.344  6.397   1.00 37.41 ? 1046 ARG A NH2 1 
ATOM   765  N N   . GLU A 1 115 ? -0.556  -5.515  3.465   1.00 20.37 ? 1047 GLU A N   1 
ATOM   766  C CA  . GLU A 1 115 ? -0.152  -4.551  2.444   1.00 21.84 ? 1047 GLU A CA  1 
ATOM   767  C C   . GLU A 1 115 ? -0.851  -4.897  1.157   1.00 22.66 ? 1047 GLU A C   1 
ATOM   768  O O   . GLU A 1 115 ? -0.777  -6.049  0.686   1.00 21.54 ? 1047 GLU A O   1 
ATOM   769  C CB  . GLU A 1 115 ? 1.361   -4.555  2.220   1.00 23.02 ? 1047 GLU A CB  1 
ATOM   770  C CG  . GLU A 1 115 ? 2.156   -4.095  3.431   1.00 26.64 ? 1047 GLU A CG  1 
ATOM   771  C CD  . GLU A 1 115 ? 3.650   -3.947  3.180   1.00 29.71 ? 1047 GLU A CD  1 
ATOM   772  O OE1 . GLU A 1 115 ? 4.079   -3.943  1.998   1.00 27.91 ? 1047 GLU A OE1 1 
ATOM   773  O OE2 . GLU A 1 115 ? 4.404   -3.815  4.201   1.00 32.54 ? 1047 GLU A OE2 1 
ATOM   774  N N   . GLU A 1 116 ? -1.490  -3.905  0.557   1.00 20.00 ? 1048 GLU A N   1 
ATOM   775  C CA  . GLU A 1 116 ? -2.284  -4.104  -0.648  1.00 23.62 ? 1048 GLU A CA  1 
ATOM   776  C C   . GLU A 1 116 ? -1.869  -3.120  -1.721  1.00 22.91 ? 1048 GLU A C   1 
ATOM   777  O O   . GLU A 1 116 ? -2.093  -1.912  -1.563  1.00 23.50 ? 1048 GLU A O   1 
ATOM   778  C CB  . GLU A 1 116 ? -3.776  -3.936  -0.344  1.00 26.92 ? 1048 GLU A CB  1 
ATOM   779  C CG  . GLU A 1 116 ? -4.381  -5.136  0.387   1.00 32.08 ? 1048 GLU A CG  1 
ATOM   780  C CD  . GLU A 1 116 ? -5.841  -4.948  0.813   1.00 37.93 ? 1048 GLU A CD  1 
ATOM   781  O OE1 . GLU A 1 116 ? -6.552  -4.065  0.257   1.00 41.38 ? 1048 GLU A OE1 1 
ATOM   782  O OE2 . GLU A 1 116 ? -6.271  -5.698  1.727   1.00 36.31 ? 1048 GLU A OE2 1 
ATOM   783  N N   . SER A 1 117 ? -1.282  -3.652  -2.783  1.00 22.69 ? 1049 SER A N   1 
ATOM   784  C CA  . SER A 1 117 ? -0.841  -2.878  -3.931  1.00 22.29 ? 1049 SER A CA  1 
ATOM   785  C C   . SER A 1 117 ? -1.835  -2.945  -5.064  1.00 23.26 ? 1049 SER A C   1 
ATOM   786  O O   . SER A 1 117 ? -2.254  -4.017  -5.452  1.00 22.99 ? 1049 SER A O   1 
ATOM   787  C CB  . SER A 1 117 ? 0.507   -3.380  -4.407  1.00 21.80 ? 1049 SER A CB  1 
ATOM   788  O OG  . SER A 1 117 ? 1.443   -3.092  -3.410  1.00 23.91 ? 1049 SER A OG  1 
ATOM   789  N N   . VAL A 1 118 ? -2.204  -1.789  -5.601  1.00 24.61 ? 1050 VAL A N   1 
ATOM   790  C CA  . VAL A 1 118 ? -3.052  -1.718  -6.797  1.00 25.78 ? 1050 VAL A CA  1 
ATOM   791  C C   . VAL A 1 118 ? -2.173  -1.265  -7.958  1.00 29.19 ? 1050 VAL A C   1 
ATOM   792  O O   . VAL A 1 118 ? -1.597  -0.161  -7.939  1.00 28.44 ? 1050 VAL A O   1 
ATOM   793  C CB  . VAL A 1 118 ? -4.229  -0.753  -6.615  1.00 26.47 ? 1050 VAL A CB  1 
ATOM   794  C CG1 . VAL A 1 118 ? -5.113  -0.743  -7.865  1.00 29.86 ? 1050 VAL A CG1 1 
ATOM   795  C CG2 . VAL A 1 118 ? -5.042  -1.139  -5.403  1.00 28.14 ? 1050 VAL A CG2 1 
ATOM   796  N N   . LEU A 1 119 ? -2.010  -2.149  -8.932  1.00 29.79 ? 1051 LEU A N   1 
ATOM   797  C CA  . LEU A 1 119 ? -1.162  -1.886  -10.071 1.00 32.28 ? 1051 LEU A CA  1 
ATOM   798  C C   . LEU A 1 119 ? -1.965  -1.003  -11.006 1.00 33.91 ? 1051 LEU A C   1 
ATOM   799  O O   . LEU A 1 119 ? -3.176  -0.854  -10.826 1.00 32.05 ? 1051 LEU A O   1 
ATOM   800  C CB  . LEU A 1 119 ? -0.741  -3.187  -10.756 1.00 32.98 ? 1051 LEU A CB  1 
ATOM   801  C CG  . LEU A 1 119 ? 0.020   -4.242  -9.935  1.00 33.55 ? 1051 LEU A CG  1 
ATOM   802  C CD1 . LEU A 1 119 ? 0.544   -5.357  -10.829 1.00 34.67 ? 1051 LEU A CD1 1 
ATOM   803  C CD2 . LEU A 1 119 ? 1.183   -3.663  -9.147  1.00 31.10 ? 1051 LEU A CD2 1 
ATOM   804  N N   . THR A 1 120 ? -1.305  -0.372  -11.978 1.00 39.61 ? 1052 THR A N   1 
ATOM   805  C CA  . THR A 1 120 ? -2.026  0.601   -12.804 1.00 42.60 ? 1052 THR A CA  1 
ATOM   806  C C   . THR A 1 120 ? -3.141  -0.053  -13.619 1.00 44.76 ? 1052 THR A C   1 
ATOM   807  O O   . THR A 1 120 ? -4.230  0.521   -13.749 1.00 45.40 ? 1052 THR A O   1 
ATOM   808  C CB  . THR A 1 120 ? -1.110  1.461   -13.704 1.00 45.01 ? 1052 THR A CB  1 
ATOM   809  O OG1 . THR A 1 120 ? -1.938  2.270   -14.551 1.00 51.57 ? 1052 THR A OG1 1 
ATOM   810  C CG2 . THR A 1 120 ? -0.182  0.617   -14.558 1.00 41.08 ? 1052 THR A CG2 1 
ATOM   811  N N   . ASP A 1 121 ? -2.907  -1.272  -14.110 1.00 44.07 ? 1053 ASP A N   1 
ATOM   812  C CA  . ASP A 1 121 ? -3.979  -2.040  -14.780 1.00 42.87 ? 1053 ASP A CA  1 
ATOM   813  C C   . ASP A 1 121 ? -5.074  -2.587  -13.836 1.00 39.71 ? 1053 ASP A C   1 
ATOM   814  O O   . ASP A 1 121 ? -5.953  -3.331  -14.287 1.00 46.59 ? 1053 ASP A O   1 
ATOM   815  C CB  . ASP A 1 121 ? -3.386  -3.181  -15.619 1.00 40.38 ? 1053 ASP A CB  1 
ATOM   816  C CG  . ASP A 1 121 ? -2.942  -4.367  -14.781 1.00 41.52 ? 1053 ASP A CG  1 
ATOM   817  O OD1 . ASP A 1 121 ? -3.136  -4.338  -13.546 1.00 37.87 ? 1053 ASP A OD1 1 
ATOM   818  O OD2 . ASP A 1 121 ? -2.402  -5.339  -15.371 1.00 40.43 ? 1053 ASP A OD2 1 
ATOM   819  N N   . GLY A 1 122 ? -5.014  -2.250  -12.543 1.00 34.08 ? 1054 GLY A N   1 
ATOM   820  C CA  . GLY A 1 122 ? -6.081  -2.572  -11.595 1.00 31.36 ? 1054 GLY A CA  1 
ATOM   821  C C   . GLY A 1 122 ? -5.938  -3.898  -10.853 1.00 28.44 ? 1054 GLY A C   1 
ATOM   822  O O   . GLY A 1 122 ? -6.731  -4.186  -9.966  1.00 28.97 ? 1054 GLY A O   1 
ATOM   823  N N   . THR A 1 123 ? -4.935  -4.698  -11.208 1.00 27.30 ? 1055 THR A N   1 
ATOM   824  C CA  . THR A 1 123 ? -4.578  -5.897  -10.427 1.00 28.15 ? 1055 THR A CA  1 
ATOM   825  C C   . THR A 1 123 ? -4.273  -5.532  -8.983  1.00 26.29 ? 1055 THR A C   1 
ATOM   826  O O   . THR A 1 123 ? -3.606  -4.545  -8.721  1.00 22.76 ? 1055 THR A O   1 
ATOM   827  C CB  . THR A 1 123 ? -3.339  -6.553  -11.036 1.00 28.45 ? 1055 THR A CB  1 
ATOM   828  O OG1 . THR A 1 123 ? -3.576  -6.763  -12.433 1.00 34.50 ? 1055 THR A OG1 1 
ATOM   829  C CG2 . THR A 1 123 ? -2.993  -7.881  -10.347 1.00 29.48 ? 1055 THR A CG2 1 
ATOM   830  N N   . ILE A 1 124 ? -4.780  -6.310  -8.033  1.00 25.01 ? 1056 ILE A N   1 
ATOM   831  C CA  . ILE A 1 124 ? -4.510  -6.031  -6.638  1.00 24.01 ? 1056 ILE A CA  1 
ATOM   832  C C   . ILE A 1 124 ? -3.662  -7.175  -6.099  1.00 22.66 ? 1056 ILE A C   1 
ATOM   833  O O   . ILE A 1 124 ? -4.011  -8.326  -6.283  1.00 21.33 ? 1056 ILE A O   1 
ATOM   834  C CB  . ILE A 1 124 ? -5.797  -5.908  -5.834  1.00 26.05 ? 1056 ILE A CB  1 
ATOM   835  C CG1 . ILE A 1 124 ? -6.672  -4.794  -6.433  1.00 26.60 ? 1056 ILE A CG1 1 
ATOM   836  C CG2 . ILE A 1 124 ? -5.518  -5.610  -4.373  1.00 26.63 ? 1056 ILE A CG2 1 
ATOM   837  C CD1 . ILE A 1 124 ? -8.068  -4.780  -5.863  1.00 28.22 ? 1056 ILE A CD1 1 
ATOM   838  N N   . ILE A 1 125 ? -2.542  -6.837  -5.466  1.00 22.28 ? 1057 ILE A N   1 
ATOM   839  C CA  . ILE A 1 125 ? -1.682  -7.814  -4.809  1.00 22.15 ? 1057 ILE A CA  1 
ATOM   840  C C   . ILE A 1 125 ? -1.647  -7.564  -3.321  1.00 21.64 ? 1057 ILE A C   1 
ATOM   841  O O   . ILE A 1 125 ? -1.201  -6.498  -2.870  1.00 21.57 ? 1057 ILE A O   1 
ATOM   842  C CB  . ILE A 1 125 ? -0.250  -7.731  -5.328  1.00 23.80 ? 1057 ILE A CB  1 
ATOM   843  C CG1 . ILE A 1 125 ? -0.239  -7.914  -6.834  1.00 25.86 ? 1057 ILE A CG1 1 
ATOM   844  C CG2 . ILE A 1 125 ? 0.630   -8.776  -4.651  1.00 23.60 ? 1057 ILE A CG2 1 
ATOM   845  C CD1 . ILE A 1 125 ? 1.031   -7.440  -7.468  1.00 28.36 ? 1057 ILE A CD1 1 
ATOM   846  N N   . GLN A 1 126 ? -2.079  -8.552  -2.543  1.00 20.83 ? 1058 GLN A N   1 
ATOM   847  C CA  . GLN A 1 126 ? -2.174  -8.406  -1.114  1.00 21.16 ? 1058 GLN A CA  1 
ATOM   848  C C   . GLN A 1 126 ? -1.133  -9.312  -0.439  1.00 19.27 ? 1058 GLN A C   1 
ATOM   849  O O   . GLN A 1 126 ? -1.066  -10.491 -0.742  1.00 18.71 ? 1058 GLN A O   1 
ATOM   850  C CB  . GLN A 1 126 ? -3.572  -8.784  -0.680  1.00 23.81 ? 1058 GLN A CB  1 
ATOM   851  C CG  . GLN A 1 126 ? -3.794  -8.830  0.808   1.00 26.28 ? 1058 GLN A CG  1 
ATOM   852  C CD  . GLN A 1 126 ? -5.121  -9.473  1.144   1.00 30.57 ? 1058 GLN A CD  1 
ATOM   853  O OE1 . GLN A 1 126 ? -5.309  -10.690 0.942   1.00 28.62 ? 1058 GLN A OE1 1 
ATOM   854  N NE2 . GLN A 1 126 ? -6.069  -8.666  1.622   1.00 31.64 ? 1058 GLN A NE2 1 
ATOM   855  N N   . LEU A 1 127 ? -0.334  -8.732  0.457   1.00 18.04 ? 1059 LEU A N   1 
ATOM   856  C CA  . LEU A 1 127 ? 0.607   -9.483  1.282   1.00 18.41 ? 1059 LEU A CA  1 
ATOM   857  C C   . LEU A 1 127 ? 0.043   -9.508  2.694   1.00 18.16 ? 1059 LEU A C   1 
ATOM   858  O O   . LEU A 1 127 ? -0.229  -8.461  3.291   1.00 18.62 ? 1059 LEU A O   1 
ATOM   859  C CB  . LEU A 1 127 ? 1.992   -8.827  1.269   1.00 18.63 ? 1059 LEU A CB  1 
ATOM   860  C CG  . LEU A 1 127 ? 2.626   -8.608  -0.088  1.00 20.48 ? 1059 LEU A CG  1 
ATOM   861  C CD1 . LEU A 1 127 ? 4.087   -8.159  0.111   1.00 21.70 ? 1059 LEU A CD1 1 
ATOM   862  C CD2 . LEU A 1 127 ? 2.561   -9.829  -0.982  1.00 20.81 ? 1059 LEU A CD2 1 
ATOM   863  N N   . ASN A 1 128 ? -0.105  -10.712 3.250   1.00 18.16 ? 1060 ASN A N   1 
ATOM   864  C CA  . ASN A 1 128 ? -0.792  -10.859 4.501   1.00 18.99 ? 1060 ASN A CA  1 
ATOM   865  C C   . ASN A 1 128 ? 0.131   -11.283 5.626   1.00 19.87 ? 1060 ASN A C   1 
ATOM   866  O O   . ASN A 1 128 ? 1.101   -11.958 5.369   1.00 20.15 ? 1060 ASN A O   1 
ATOM   867  C CB  . ASN A 1 128 ? -1.889  -11.925 4.357   1.00 19.69 ? 1060 ASN A CB  1 
ATOM   868  C CG  . ASN A 1 128 ? -2.990  -11.491 3.428   1.00 20.61 ? 1060 ASN A CG  1 
ATOM   869  O OD1 . ASN A 1 128 ? -3.539  -10.390 3.585   1.00 20.23 ? 1060 ASN A OD1 1 
ATOM   870  N ND2 . ASN A 1 128 ? -3.338  -12.335 2.471   1.00 20.31 ? 1060 ASN A ND2 1 
ATOM   871  N N   . PRO A 1 129 ? -0.187  -10.900 6.876   1.00 22.31 ? 1061 PRO A N   1 
ATOM   872  C CA  . PRO A 1 129 ? 0.715   -11.222 7.996   1.00 23.03 ? 1061 PRO A CA  1 
ATOM   873  C C   . PRO A 1 129 ? 1.000   -12.713 8.190   1.00 23.28 ? 1061 PRO A C   1 
ATOM   874  O O   . PRO A 1 129 ? 2.027   -13.058 8.743   1.00 26.91 ? 1061 PRO A O   1 
ATOM   875  C CB  . PRO A 1 129 ? -0.005  -10.639 9.230   1.00 23.98 ? 1061 PRO A CB  1 
ATOM   876  C CG  . PRO A 1 129 ? -0.968  -9.657  8.702   1.00 24.59 ? 1061 PRO A CG  1 
ATOM   877  C CD  . PRO A 1 129 ? -1.267  -9.972  7.274   1.00 22.40 ? 1061 PRO A CD  1 
ATOM   878  N N   . ASP A 1 130 ? 0.110   -13.579 7.717   1.00 22.48 ? 1062 ASP A N   1 
ATOM   879  C CA  . ASP A 1 130 ? 0.268   -15.029 7.835   1.00 22.71 ? 1062 ASP A CA  1 
ATOM   880  C C   . ASP A 1 130 ? 1.172   -15.669 6.778   1.00 20.54 ? 1062 ASP A C   1 
ATOM   881  O O   . ASP A 1 130 ? 1.295   -16.896 6.713   1.00 22.36 ? 1062 ASP A O   1 
ATOM   882  C CB  . ASP A 1 130 ? -1.100  -15.702 7.810   1.00 23.76 ? 1062 ASP A CB  1 
ATOM   883  C CG  . ASP A 1 130 ? -1.777  -15.671 6.435   1.00 25.15 ? 1062 ASP A CG  1 
ATOM   884  O OD1 . ASP A 1 130 ? -1.223  -15.129 5.455   1.00 21.90 ? 1062 ASP A OD1 1 
ATOM   885  O OD2 . ASP A 1 130 ? -2.901  -16.209 6.354   1.00 27.47 ? 1062 ASP A OD2 1 
ATOM   886  N N   . GLY A 1 131 ? 1.803   -14.865 5.943   1.00 18.71 ? 1063 GLY A N   1 
ATOM   887  C CA  . GLY A 1 131 ? 2.742   -15.422 4.972   1.00 19.68 ? 1063 GLY A CA  1 
ATOM   888  C C   . GLY A 1 131 ? 2.147   -15.507 3.583   1.00 19.10 ? 1063 GLY A C   1 
ATOM   889  O O   . GLY A 1 131 ? 2.884   -15.621 2.607   1.00 20.28 ? 1063 GLY A O   1 
ATOM   890  N N   . SER A 1 132 ? 0.830   -15.373 3.471   1.00 19.20 ? 1064 SER A N   1 
ATOM   891  C CA  . SER A 1 132 ? 0.163   -15.550 2.164   1.00 17.96 ? 1064 SER A CA  1 
ATOM   892  C C   . SER A 1 132 ? 0.265   -14.336 1.245   1.00 18.65 ? 1064 SER A C   1 
ATOM   893  O O   . SER A 1 132 ? 0.477   -13.190 1.667   1.00 16.54 ? 1064 SER A O   1 
ATOM   894  C CB  . SER A 1 132 ? -1.307  -15.934 2.339   1.00 18.03 ? 1064 SER A CB  1 
ATOM   895  O OG  . SER A 1 132 ? -2.049  -14.953 3.045   1.00 17.15 ? 1064 SER A OG  1 
ATOM   896  N N   . LYS A 1 133 ? 0.076   -14.616 -0.034  1.00 18.59 ? 1065 LYS A N   1 
ATOM   897  C CA  . LYS A 1 133 ? 0.056   -13.593 -1.064  1.00 18.71 ? 1065 LYS A CA  1 
ATOM   898  C C   . LYS A 1 133 ? -1.207  -13.866 -1.858  1.00 18.65 ? 1065 LYS A C   1 
ATOM   899  O O   . LYS A 1 133 ? -1.455  -15.007 -2.277  1.00 19.67 ? 1065 LYS A O   1 
ATOM   900  C CB  . LYS A 1 133 ? 1.272   -13.664 -1.951  1.00 19.69 ? 1065 LYS A CB  1 
ATOM   901  C CG  . LYS A 1 133 ? 1.288   -12.566 -3.004  1.00 22.82 ? 1065 LYS A CG  1 
ATOM   902  C CD  . LYS A 1 133 ? 2.574   -12.562 -3.810  1.00 25.87 ? 1065 LYS A CD  1 
ATOM   903  C CE  . LYS A 1 133 ? 2.483   -13.511 -4.970  1.00 30.03 ? 1065 LYS A CE  1 
ATOM   904  N NZ  . LYS A 1 133 ? 3.819   -13.624 -5.599  1.00 35.98 ? 1065 LYS A NZ  1 
ATOM   905  N N   . VAL A 1 134 ? -2.052  -12.846 -1.973  1.00 19.21 ? 1066 VAL A N   1 
ATOM   906  C CA  . VAL A 1 134 ? -3.298  -12.952 -2.730  1.00 18.98 ? 1066 VAL A CA  1 
ATOM   907  C C   . VAL A 1 134 ? -3.284  -11.974 -3.886  1.00 19.42 ? 1066 VAL A C   1 
ATOM   908  O O   . VAL A 1 134 ? -3.002  -10.776 -3.709  1.00 19.75 ? 1066 VAL A O   1 
ATOM   909  C CB  . VAL A 1 134 ? -4.526  -12.702 -1.854  1.00 20.41 ? 1066 VAL A CB  1 
ATOM   910  C CG1 . VAL A 1 134 ? -5.790  -12.806 -2.700  1.00 21.03 ? 1066 VAL A CG1 1 
ATOM   911  C CG2 . VAL A 1 134 ? -4.584  -13.726 -0.717  1.00 20.86 ? 1066 VAL A CG2 1 
ATOM   912  N N   . ILE A 1 135 ? -3.604  -12.492 -5.072  1.00 19.76 ? 1067 ILE A N   1 
ATOM   913  C CA  . ILE A 1 135 ? -3.663  -11.684 -6.272  1.00 21.58 ? 1067 ILE A CA  1 
ATOM   914  C C   . ILE A 1 135 ? -5.113  -11.694 -6.785  1.00 22.64 ? 1067 ILE A C   1 
ATOM   915  O O   . ILE A 1 135 ? -5.675  -12.762 -7.073  1.00 21.73 ? 1067 ILE A O   1 
ATOM   916  C CB  . ILE A 1 135 ? -2.737  -12.190 -7.362  1.00 24.43 ? 1067 ILE A CB  1 
ATOM   917  C CG1 . ILE A 1 135 ? -1.329  -12.394 -6.806  1.00 26.25 ? 1067 ILE A CG1 1 
ATOM   918  C CG2 . ILE A 1 135 ? -2.716  -11.192 -8.524  1.00 24.73 ? 1067 ILE A CG2 1 
ATOM   919  C CD1 . ILE A 1 135 ? -0.387  -13.061 -7.772  1.00 28.37 ? 1067 ILE A CD1 1 
ATOM   920  N N   . GLN A 1 136 ? -5.704  -10.504 -6.884  1.00 23.07 ? 1068 GLN A N   1 
ATOM   921  C CA  . GLN A 1 136 ? -7.062  -10.327 -7.448  1.00 23.71 ? 1068 GLN A CA  1 
ATOM   922  C C   . GLN A 1 136 ? -6.890  -9.727  -8.847  1.00 25.27 ? 1068 GLN A C   1 
ATOM   923  O O   . GLN A 1 136 ? -6.537  -8.554  -8.991  1.00 25.11 ? 1068 GLN A O   1 
ATOM   924  C CB  . GLN A 1 136 ? -7.915  -9.440  -6.538  1.00 25.18 ? 1068 GLN A CB  1 
ATOM   925  C CG  . GLN A 1 136 ? -9.334  -9.138  -7.000  1.00 30.12 ? 1068 GLN A CG  1 
ATOM   926  C CD  . GLN A 1 136 ? -10.240 -10.353 -6.960  1.00 31.36 ? 1068 GLN A CD  1 
ATOM   927  O OE1 . GLN A 1 136 ? -10.583 -10.872 -5.873  1.00 32.95 ? 1068 GLN A OE1 1 
ATOM   928  N NE2 . GLN A 1 136 ? -10.640 -10.816 -8.142  1.00 31.43 ? 1068 GLN A NE2 1 
ATOM   929  N N   . PHE A 1 137 ? -7.118  -10.539 -9.870  1.00 25.09 ? 1069 PHE A N   1 
ATOM   930  C CA  . PHE A 1 137 ? -7.017  -10.074 -11.257 1.00 27.48 ? 1069 PHE A CA  1 
ATOM   931  C C   . PHE A 1 137 ? -8.296  -9.335  -11.685 1.00 26.93 ? 1069 PHE A C   1 
ATOM   932  O O   . PHE A 1 137 ? -9.366  -9.497  -11.075 1.00 25.61 ? 1069 PHE A O   1 
ATOM   933  C CB  . PHE A 1 137 ? -6.727  -11.238 -12.208 1.00 27.68 ? 1069 PHE A CB  1 
ATOM   934  C CG  . PHE A 1 137 ? -5.461  -11.985 -11.893 1.00 29.41 ? 1069 PHE A CG  1 
ATOM   935  C CD1 . PHE A 1 137 ? -4.236  -11.552 -12.394 1.00 30.85 ? 1069 PHE A CD1 1 
ATOM   936  C CD2 . PHE A 1 137 ? -5.485  -13.127 -11.078 1.00 29.36 ? 1069 PHE A CD2 1 
ATOM   937  C CE1 . PHE A 1 137 ? -3.072  -12.251 -12.111 1.00 29.98 ? 1069 PHE A CE1 1 
ATOM   938  C CE2 . PHE A 1 137 ? -4.323  -13.806 -10.789 1.00 31.13 ? 1069 PHE A CE2 1 
ATOM   939  C CZ  . PHE A 1 137 ? -3.122  -13.381 -11.316 1.00 30.88 ? 1069 PHE A CZ  1 
ATOM   940  N N   . ASN A 1 138 ? -8.162  -8.520  -12.734 1.00 30.12 ? 1070 ASN A N   1 
ATOM   941  C CA  A ASN A 1 138 ? -9.267  -7.760  -13.351 0.55 33.18 ? 1070 ASN A CA  1 
ATOM   942  C CA  B ASN A 1 138 ? -9.295  -7.746  -13.248 0.45 32.59 ? 1070 ASN A CA  1 
ATOM   943  C C   . ASN A 1 138 ? -10.414 -8.633  -13.806 1.00 34.20 ? 1070 ASN A C   1 
ATOM   944  O O   . ASN A 1 138 ? -11.565 -8.194  -13.865 1.00 35.59 ? 1070 ASN A O   1 
ATOM   945  C CB  A ASN A 1 138 ? -8.776  -7.035  -14.616 0.55 32.74 ? 1070 ASN A CB  1 
ATOM   946  C CB  B ASN A 1 138 ? -8.840  -6.729  -14.315 0.45 32.34 ? 1070 ASN A CB  1 
ATOM   947  C CG  A ASN A 1 138 ? -7.898  -5.849  -14.312 0.55 33.77 ? 1070 ASN A CG  1 
ATOM   948  C CG  B ASN A 1 138 ? -8.317  -7.392  -15.580 0.45 32.00 ? 1070 ASN A CG  1 
ATOM   949  O OD1 A ASN A 1 138 ? -8.192  -5.059  -13.421 0.55 31.94 ? 1070 ASN A OD1 1 
ATOM   950  O OD1 B ASN A 1 138 ? -7.687  -8.441  -15.532 0.45 33.48 ? 1070 ASN A OD1 1 
ATOM   951  N ND2 A ASN A 1 138 ? -6.817  -5.706  -15.074 0.55 33.67 ? 1070 ASN A ND2 1 
ATOM   952  N ND2 B ASN A 1 138 ? -8.571  -6.768  -16.721 0.45 33.27 ? 1070 ASN A ND2 1 
ATOM   953  N N   . THR A 1 139 ? -10.064 -9.861  -14.200 1.00 35.22 ? 1071 THR A N   1 
ATOM   954  C CA  . THR A 1 139 ? -11.020 -10.832 -14.701 1.00 35.34 ? 1071 THR A CA  1 
ATOM   955  C C   . THR A 1 139 ? -11.954 -11.372 -13.624 1.00 35.23 ? 1071 THR A C   1 
ATOM   956  O O   . THR A 1 139 ? -12.901 -12.091 -13.945 1.00 35.82 ? 1071 THR A O   1 
ATOM   957  C CB  . THR A 1 139 ? -10.308 -12.058 -15.283 1.00 38.83 ? 1071 THR A CB  1 
ATOM   958  O OG1 . THR A 1 139 ? -9.729  -12.832 -14.217 1.00 39.56 ? 1071 THR A OG1 1 
ATOM   959  C CG2 . THR A 1 139 ? -9.222  -11.648 -16.274 1.00 40.42 ? 1071 THR A CG2 1 
ATOM   960  N N   . GLY A 1 140 ? -11.696 -11.059 -12.357 1.00 28.88 ? 1072 GLY A N   1 
ATOM   961  C CA  . GLY A 1 140 ? -12.445 -11.664 -11.258 1.00 29.40 ? 1072 GLY A CA  1 
ATOM   962  C C   . GLY A 1 140 ? -11.726 -12.850 -10.610 1.00 26.51 ? 1072 GLY A C   1 
ATOM   963  O O   . GLY A 1 140 ? -11.978 -13.164 -9.454  1.00 26.93 ? 1072 GLY A O   1 
ATOM   964  N N   . GLN A 1 141 ? -10.824 -13.495 -11.333 1.00 25.17 ? 1073 GLN A N   1 
ATOM   965  C CA  . GLN A 1 141 ? -10.084 -14.612 -10.758 1.00 26.24 ? 1073 GLN A CA  1 
ATOM   966  C C   . GLN A 1 141 ? -9.196  -14.144 -9.621  1.00 23.81 ? 1073 GLN A C   1 
ATOM   967  O O   . GLN A 1 141 ? -8.682  -13.023 -9.653  1.00 21.23 ? 1073 GLN A O   1 
ATOM   968  C CB  . GLN A 1 141 ? -9.237  -15.301 -11.808 1.00 27.58 ? 1073 GLN A CB  1 
ATOM   969  C CG  . GLN A 1 141 ? -10.101 -16.107 -12.756 1.00 31.91 ? 1073 GLN A CG  1 
ATOM   970  C CD  . GLN A 1 141 ? -9.323  -16.672 -13.908 1.00 34.87 ? 1073 GLN A CD  1 
ATOM   971  O OE1 . GLN A 1 141 ? -8.211  -17.170 -13.732 1.00 39.15 ? 1073 GLN A OE1 1 
ATOM   972  N NE2 . GLN A 1 141 ? -9.909  -16.614 -15.104 1.00 38.31 ? 1073 GLN A NE2 1 
ATOM   973  N N   . ARG A 1 142 ? -9.011  -15.013 -8.628  1.00 22.06 ? 1074 ARG A N   1 
ATOM   974  C CA  . ARG A 1 142 ? -8.228  -14.671 -7.432  1.00 22.32 ? 1074 ARG A CA  1 
ATOM   975  C C   . ARG A 1 142 ? -7.273  -15.818 -7.171  1.00 23.52 ? 1074 ARG A C   1 
ATOM   976  O O   . ARG A 1 142 ? -7.708  -16.972 -7.134  1.00 24.68 ? 1074 ARG A O   1 
ATOM   977  C CB  . ARG A 1 142 ? -9.186  -14.503 -6.241  1.00 24.02 ? 1074 ARG A CB  1 
ATOM   978  C CG  . ARG A 1 142 ? -8.689  -13.768 -5.016  1.00 26.89 ? 1074 ARG A CG  1 
ATOM   979  C CD  . ARG A 1 142 ? -9.809  -13.720 -3.969  1.00 28.40 ? 1074 ARG A CD  1 
ATOM   980  N NE  . ARG A 1 142 ? -9.377  -13.345 -2.614  1.00 33.32 ? 1074 ARG A NE  1 
ATOM   981  C CZ  . ARG A 1 142 ? -9.528  -14.094 -1.506  1.00 38.72 ? 1074 ARG A CZ  1 
ATOM   982  N NH1 . ARG A 1 142 ? -10.102 -15.300 -1.535  1.00 42.29 ? 1074 ARG A NH1 1 
ATOM   983  N NH2 . ARG A 1 142 ? -9.113  -13.635 -0.332  1.00 40.81 ? 1074 ARG A NH2 1 
ATOM   984  N N   . GLU A 1 143 ? -5.986  -15.518 -6.992  1.00 20.49 ? 1075 GLU A N   1 
ATOM   985  C CA  . GLU A 1 143 ? -4.957  -16.519 -6.702  1.00 22.78 ? 1075 GLU A CA  1 
ATOM   986  C C   . GLU A 1 143 ? -4.551  -16.338 -5.255  1.00 22.88 ? 1075 GLU A C   1 
ATOM   987  O O   . GLU A 1 143 ? -4.244  -15.194 -4.844  1.00 22.28 ? 1075 GLU A O   1 
ATOM   988  C CB  . GLU A 1 143 ? -3.704  -16.232 -7.519  1.00 28.55 ? 1075 GLU A CB  1 
ATOM   989  C CG  . GLU A 1 143 ? -3.324  -17.197 -8.607  1.00 32.60 ? 1075 GLU A CG  1 
ATOM   990  C CD  . GLU A 1 143 ? -1.820  -17.208 -8.830  1.00 36.57 ? 1075 GLU A CD  1 
ATOM   991  O OE1 . GLU A 1 143 ? -1.234  -16.142 -9.101  1.00 39.18 ? 1075 GLU A OE1 1 
ATOM   992  O OE2 . GLU A 1 143 ? -1.201  -18.277 -8.679  1.00 45.12 ? 1075 GLU A OE2 1 
ATOM   993  N N   . ILE A 1 144 ? -4.527  -17.433 -4.492  1.00 19.88 ? 1076 ILE A N   1 
ATOM   994  C CA  . ILE A 1 144 ? -4.071  -17.436 -3.126  1.00 19.74 ? 1076 ILE A CA  1 
ATOM   995  C C   . ILE A 1 144 ? -2.858  -18.367 -3.019  1.00 19.91 ? 1076 ILE A C   1 
ATOM   996  O O   . ILE A 1 144 ? -2.969  -19.568 -3.281  1.00 20.34 ? 1076 ILE A O   1 
ATOM   997  C CB  . ILE A 1 144 ? -5.167  -17.873 -2.136  1.00 20.42 ? 1076 ILE A CB  1 
ATOM   998  C CG1 . ILE A 1 144 ? -6.426  -17.018 -2.273  1.00 21.55 ? 1076 ILE A CG1 1 
ATOM   999  C CG2 . ILE A 1 144 ? -4.667  -17.830 -0.690  1.00 20.19 ? 1076 ILE A CG2 1 
ATOM   1000 C CD1 . ILE A 1 144 ? -7.394  -17.558 -3.308  1.00 22.46 ? 1076 ILE A CD1 1 
ATOM   1001 N N   . HIS A 1 145 ? -1.722  -17.810 -2.601  1.00 20.23 ? 1077 HIS A N   1 
ATOM   1002 C CA  . HIS A 1 145 ? -0.462  -18.537 -2.470  1.00 21.45 ? 1077 HIS A CA  1 
ATOM   1003 C C   . HIS A 1 145 ? -0.126  -18.607 -0.991  1.00 19.94 ? 1077 HIS A C   1 
ATOM   1004 O O   . HIS A 1 145 ? 0.011   -17.571 -0.343  1.00 19.34 ? 1077 HIS A O   1 
ATOM   1005 C CB  . HIS A 1 145 ? 0.709   -17.802 -3.122  1.00 25.99 ? 1077 HIS A CB  1 
ATOM   1006 C CG  . HIS A 1 145 ? 0.645   -17.691 -4.600  1.00 32.95 ? 1077 HIS A CG  1 
ATOM   1007 N ND1 . HIS A 1 145 ? 1.533   -18.342 -5.429  1.00 35.96 ? 1077 HIS A ND1 1 
ATOM   1008 C CD2 . HIS A 1 145 ? -0.152  -16.950 -5.406  1.00 38.33 ? 1077 HIS A CD2 1 
ATOM   1009 C CE1 . HIS A 1 145 ? 1.264   -18.028 -6.686  1.00 39.82 ? 1077 HIS A CE1 1 
ATOM   1010 N NE2 . HIS A 1 145 ? 0.243   -17.189 -6.698  1.00 39.82 ? 1077 HIS A NE2 1 
ATOM   1011 N N   . THR A 1 146 ? 0.031   -19.826 -0.481  1.00 18.53 ? 1078 THR A N   1 
ATOM   1012 C CA  . THR A 1 146 ? 0.553   -20.082 0.856   1.00 18.83 ? 1078 THR A CA  1 
ATOM   1013 C C   . THR A 1 146 ? 1.768   -21.005 0.750   1.00 20.47 ? 1078 THR A C   1 
ATOM   1014 O O   . THR A 1 146 ? 2.106   -21.464 -0.325  1.00 18.52 ? 1078 THR A O   1 
ATOM   1015 C CB  . THR A 1 146 ? -0.513  -20.720 1.753   1.00 18.54 ? 1078 THR A CB  1 
ATOM   1016 O OG1 . THR A 1 146 ? -0.720  -22.095 1.390   1.00 17.83 ? 1078 THR A OG1 1 
ATOM   1017 C CG2 . THR A 1 146 ? -1.808  -19.957 1.669   1.00 18.39 ? 1078 THR A CG2 1 
ATOM   1018 N N   . ALA A 1 147 ? 2.432   -21.255 1.883   1.00 23.39 ? 1079 ALA A N   1 
ATOM   1019 C CA  . ALA A 1 147 ? 3.565   -22.206 1.940   1.00 23.60 ? 1079 ALA A CA  1 
ATOM   1020 C C   . ALA A 1 147 ? 3.168   -23.611 1.520   1.00 24.59 ? 1079 ALA A C   1 
ATOM   1021 O O   . ALA A 1 147 ? 4.001   -24.365 0.978   1.00 25.66 ? 1079 ALA A O   1 
ATOM   1022 C CB  . ALA A 1 147 ? 4.147   -22.241 3.358   1.00 23.65 ? 1079 ALA A CB  1 
ATOM   1023 N N   . ASP A 1 148 ? 1.885   -23.930 1.692   1.00 23.15 ? 1080 ASP A N   1 
ATOM   1024 C CA  . ASP A 1 148 ? 1.350   -25.272 1.445   1.00 23.62 ? 1080 ASP A CA  1 
ATOM   1025 C C   . ASP A 1 148 ? 0.583   -25.485 0.132   1.00 21.91 ? 1080 ASP A C   1 
ATOM   1026 O O   . ASP A 1 148 ? 0.368   -26.637 -0.299  1.00 21.24 ? 1080 ASP A O   1 
ATOM   1027 C CB  . ASP A 1 148 ? 0.429   -25.615 2.581   1.00 24.91 ? 1080 ASP A CB  1 
ATOM   1028 C CG  . ASP A 1 148 ? 1.178   -25.806 3.879   1.00 28.11 ? 1080 ASP A CG  1 
ATOM   1029 O OD1 . ASP A 1 148 ? 2.330   -26.301 3.808   1.00 31.48 ? 1080 ASP A OD1 1 
ATOM   1030 O OD2 . ASP A 1 148 ? 0.613   -25.449 4.927   1.00 25.85 ? 1080 ASP A OD2 1 
ATOM   1031 N N   . PHE A 1 149 ? 0.141   -24.395 -0.494  1.00 19.36 ? 1081 PHE A N   1 
ATOM   1032 C CA  . PHE A 1 149 ? -0.641  -24.543 -1.735  1.00 19.12 ? 1081 PHE A CA  1 
ATOM   1033 C C   . PHE A 1 149 ? -0.728  -23.254 -2.524  1.00 18.07 ? 1081 PHE A C   1 
ATOM   1034 O O   . PHE A 1 149 ? -0.487  -22.162 -1.996  1.00 16.33 ? 1081 PHE A O   1 
ATOM   1035 C CB  . PHE A 1 149 ? -2.063  -25.070 -1.449  1.00 19.14 ? 1081 PHE A CB  1 
ATOM   1036 C CG  . PHE A 1 149 ? -2.913  -24.150 -0.619  1.00 18.74 ? 1081 PHE A CG  1 
ATOM   1037 C CD1 . PHE A 1 149 ? -3.476  -23.010 -1.195  1.00 19.31 ? 1081 PHE A CD1 1 
ATOM   1038 C CD2 . PHE A 1 149 ? -3.212  -24.430 0.705   1.00 19.06 ? 1081 PHE A CD2 1 
ATOM   1039 C CE1 . PHE A 1 149 ? -4.282  -22.175 -0.451  1.00 19.53 ? 1081 PHE A CE1 1 
ATOM   1040 C CE2 . PHE A 1 149 ? -4.030  -23.585 1.458   1.00 19.85 ? 1081 PHE A CE2 1 
ATOM   1041 C CZ  . PHE A 1 149 ? -4.562  -22.452 0.872   1.00 19.55 ? 1081 PHE A CZ  1 
ATOM   1042 N N   . LYS A 1 150 ? -1.059  -23.418 -3.805  1.00 19.39 ? 1082 LYS A N   1 
ATOM   1043 C CA  A LYS A 1 150 ? -1.405  -22.315 -4.689  0.47 19.00 ? 1082 LYS A CA  1 
ATOM   1044 C CA  B LYS A 1 150 ? -1.406  -22.317 -4.695  0.53 19.33 ? 1082 LYS A CA  1 
ATOM   1045 C C   . LYS A 1 150 ? -2.818  -22.586 -5.162  1.00 19.27 ? 1082 LYS A C   1 
ATOM   1046 O O   . LYS A 1 150 ? -3.099  -23.658 -5.725  1.00 19.03 ? 1082 LYS A O   1 
ATOM   1047 C CB  A LYS A 1 150 ? -0.465  -22.232 -5.877  0.47 20.48 ? 1082 LYS A CB  1 
ATOM   1048 C CB  B LYS A 1 150 ? -0.484  -22.250 -5.898  0.53 21.64 ? 1082 LYS A CB  1 
ATOM   1049 C CG  A LYS A 1 150 ? 1.011   -22.160 -5.514  0.47 21.81 ? 1082 LYS A CG  1 
ATOM   1050 C CG  B LYS A 1 150 ? -0.755  -21.054 -6.794  0.53 23.48 ? 1082 LYS A CG  1 
ATOM   1051 C CD  A LYS A 1 150 ? 1.833   -21.859 -6.750  0.47 22.79 ? 1082 LYS A CD  1 
ATOM   1052 C CD  B LYS A 1 150 ? -0.334  -21.290 -8.240  0.53 26.21 ? 1082 LYS A CD  1 
ATOM   1053 C CE  A LYS A 1 150 ? 3.309   -22.155 -6.550  0.47 23.96 ? 1082 LYS A CE  1 
ATOM   1054 C CE  B LYS A 1 150 ? 1.138   -21.676 -8.365  0.53 28.24 ? 1082 LYS A CE  1 
ATOM   1055 N NZ  A LYS A 1 150 ? 4.030   -22.138 -7.849  0.47 24.55 ? 1082 LYS A NZ  1 
ATOM   1056 N NZ  B LYS A 1 150 ? 1.648   -21.600 -9.765  0.53 30.37 ? 1082 LYS A NZ  1 
ATOM   1057 N N   . ARG A 1 151 ? -3.699  -21.632 -4.919  1.00 18.56 ? 1083 ARG A N   1 
ATOM   1058 C CA  . ARG A 1 151 ? -5.117  -21.816 -5.173  1.00 19.17 ? 1083 ARG A CA  1 
ATOM   1059 C C   . ARG A 1 151 ? -5.647  -20.768 -6.121  1.00 19.50 ? 1083 ARG A C   1 
ATOM   1060 O O   . ARG A 1 151 ? -5.325  -19.574 -6.002  1.00 19.50 ? 1083 ARG A O   1 
ATOM   1061 C CB  . ARG A 1 151 ? -5.861  -21.732 -3.858  1.00 18.99 ? 1083 ARG A CB  1 
ATOM   1062 C CG  . ARG A 1 151 ? -7.377  -21.665 -3.959  1.00 19.36 ? 1083 ARG A CG  1 
ATOM   1063 C CD  . ARG A 1 151 ? -7.941  -21.653 -2.573  1.00 20.20 ? 1083 ARG A CD  1 
ATOM   1064 N NE  . ARG A 1 151 ? -7.813  -22.994 -2.016  1.00 22.72 ? 1083 ARG A NE  1 
ATOM   1065 C CZ  . ARG A 1 151 ? -7.850  -23.288 -0.721  1.00 23.84 ? 1083 ARG A CZ  1 
ATOM   1066 N NH1 . ARG A 1 151 ? -7.950  -22.331 0.175   1.00 23.25 ? 1083 ARG A NH1 1 
ATOM   1067 N NH2 . ARG A 1 151 ? -7.775  -24.564 -0.333  1.00 27.03 ? 1083 ARG A NH2 1 
ATOM   1068 N N   . ARG A 1 152 ? -6.486  -21.207 -7.050  1.00 18.57 ? 1084 ARG A N   1 
ATOM   1069 C CA  . ARG A 1 152 ? -7.177  -20.271 -7.888  1.00 20.21 ? 1084 ARG A CA  1 
ATOM   1070 C C   . ARG A 1 152 ? -8.685  -20.358 -7.683  1.00 19.59 ? 1084 ARG A C   1 
ATOM   1071 O O   . ARG A 1 152 ? -9.282  -21.474 -7.752  1.00 19.72 ? 1084 ARG A O   1 
ATOM   1072 C CB  . ARG A 1 152 ? -6.800  -20.511 -9.332  1.00 22.76 ? 1084 ARG A CB  1 
ATOM   1073 C CG  . ARG A 1 152 ? -7.245  -19.384 -10.234 1.00 29.91 ? 1084 ARG A CG  1 
ATOM   1074 C CD  . ARG A 1 152 ? -6.334  -19.277 -11.447 1.00 34.17 ? 1084 ARG A CD  1 
ATOM   1075 N NE  . ARG A 1 152 ? -6.489  -17.973 -12.069 1.00 36.93 ? 1084 ARG A NE  1 
ATOM   1076 C CZ  . ARG A 1 152 ? -5.526  -17.067 -12.229 1.00 40.24 ? 1084 ARG A CZ  1 
ATOM   1077 N NH1 . ARG A 1 152 ? -4.268  -17.293 -11.843 1.00 39.55 ? 1084 ARG A NH1 1 
ATOM   1078 N NH2 . ARG A 1 152 ? -5.835  -15.921 -12.822 1.00 42.63 ? 1084 ARG A NH2 1 
ATOM   1079 N N   . GLU A 1 153 ? -9.289  -19.188 -7.422  1.00 21.25 ? 1085 GLU A N   1 
ATOM   1080 C CA  . GLU A 1 153 ? -10.737 -19.035 -7.250  1.00 21.42 ? 1085 GLU A CA  1 
ATOM   1081 C C   . GLU A 1 153 ? -11.330 -18.278 -8.410  1.00 24.75 ? 1085 GLU A C   1 
ATOM   1082 O O   . GLU A 1 153 ? -10.756 -17.257 -8.891  1.00 22.61 ? 1085 GLU A O   1 
ATOM   1083 C CB  . GLU A 1 153 ? -11.092 -18.309 -5.969  1.00 23.51 ? 1085 GLU A CB  1 
ATOM   1084 C CG  . GLU A 1 153 ? -10.562 -18.977 -4.712  1.00 24.19 ? 1085 GLU A CG  1 
ATOM   1085 C CD  . GLU A 1 153 ? -10.818 -18.200 -3.451  1.00 26.92 ? 1085 GLU A CD  1 
ATOM   1086 O OE1 . GLU A 1 153 ? -11.100 -16.969 -3.507  1.00 29.64 ? 1085 GLU A OE1 1 
ATOM   1087 O OE2 . GLU A 1 153 ? -10.677 -18.822 -2.380  1.00 29.46 ? 1085 GLU A OE2 1 
ATOM   1088 N N   . TYR A 1 154 ? -12.497 -18.769 -8.837  1.00 24.57 ? 1086 TYR A N   1 
ATOM   1089 C CA  . TYR A 1 154 ? -13.209 -18.264 -10.025 1.00 25.54 ? 1086 TYR A CA  1 
ATOM   1090 C C   . TYR A 1 154 ? -14.566 -17.739 -9.607  1.00 25.92 ? 1086 TYR A C   1 
ATOM   1091 O O   . TYR A 1 154 ? -15.155 -18.221 -8.636  1.00 26.02 ? 1086 TYR A O   1 
ATOM   1092 C CB  . TYR A 1 154 ? -13.372 -19.370 -11.075 1.00 25.93 ? 1086 TYR A CB  1 
ATOM   1093 C CG  . TYR A 1 154 ? -12.067 -19.951 -11.581 1.00 26.79 ? 1086 TYR A CG  1 
ATOM   1094 C CD1 . TYR A 1 154 ? -11.343 -20.888 -10.827 1.00 29.13 ? 1086 TYR A CD1 1 
ATOM   1095 C CD2 . TYR A 1 154 ? -11.551 -19.589 -12.824 1.00 30.44 ? 1086 TYR A CD2 1 
ATOM   1096 C CE1 . TYR A 1 154 ? -10.157 -21.429 -11.305 1.00 29.13 ? 1086 TYR A CE1 1 
ATOM   1097 C CE2 . TYR A 1 154 ? -10.364 -20.126 -13.302 1.00 30.37 ? 1086 TYR A CE2 1 
ATOM   1098 C CZ  . TYR A 1 154 ? -9.666  -21.032 -12.537 1.00 31.63 ? 1086 TYR A CZ  1 
ATOM   1099 O OH  . TYR A 1 154 ? -8.466  -21.558 -13.000 1.00 33.33 ? 1086 TYR A OH  1 
ATOM   1100 N N   . PRO A 1 155 ? -15.070 -16.719 -10.312 1.00 26.60 ? 1087 PRO A N   1 
ATOM   1101 C CA  . PRO A 1 155 ? -16.336 -16.066 -9.958  1.00 28.45 ? 1087 PRO A CA  1 
ATOM   1102 C C   . PRO A 1 155 ? -17.526 -17.035 -9.753  1.00 28.53 ? 1087 PRO A C   1 
ATOM   1103 O O   . PRO A 1 155 ? -18.371 -16.822 -8.858  1.00 29.17 ? 1087 PRO A O   1 
ATOM   1104 C CB  . PRO A 1 155 ? -16.552 -15.095 -11.129 1.00 29.76 ? 1087 PRO A CB  1 
ATOM   1105 C CG  . PRO A 1 155 ? -15.157 -14.761 -11.569 1.00 29.09 ? 1087 PRO A CG  1 
ATOM   1106 C CD  . PRO A 1 155 ? -14.420 -16.081 -11.473 1.00 28.71 ? 1087 PRO A CD  1 
ATOM   1107 N N   . ASP A 1 156 ? -17.583 -18.112 -10.518 1.00 28.15 ? 1088 ASP A N   1 
ATOM   1108 C CA  . ASP A 1 156 ? -18.686 -19.079 -10.366 1.00 28.91 ? 1088 ASP A CA  1 
ATOM   1109 C C   . ASP A 1 156 ? -18.573 -19.986 -9.119  1.00 29.92 ? 1088 ASP A C   1 
ATOM   1110 O O   . ASP A 1 156 ? -19.468 -20.778 -8.826  1.00 30.79 ? 1088 ASP A O   1 
ATOM   1111 C CB  . ASP A 1 156 ? -18.829 -19.918 -11.640 1.00 30.07 ? 1088 ASP A CB  1 
ATOM   1112 C CG  . ASP A 1 156 ? -17.711 -20.916 -11.819 1.00 30.72 ? 1088 ASP A CG  1 
ATOM   1113 O OD1 . ASP A 1 156 ? -16.783 -20.924 -10.984 1.00 28.76 ? 1088 ASP A OD1 1 
ATOM   1114 O OD2 . ASP A 1 156 ? -17.764 -21.680 -12.819 1.00 30.69 ? 1088 ASP A OD2 1 
ATOM   1115 N N   . GLY A 1 157 ? -17.473 -19.889 -8.385  1.00 28.79 ? 1089 GLY A N   1 
ATOM   1116 C CA  . GLY A 1 157 ? -17.349 -20.634 -7.146  1.00 26.51 ? 1089 GLY A CA  1 
ATOM   1117 C C   . GLY A 1 157 ? -16.412 -21.805 -7.264  1.00 26.07 ? 1089 GLY A C   1 
ATOM   1118 O O   . GLY A 1 157 ? -16.130 -22.452 -6.262  1.00 25.12 ? 1089 GLY A O   1 
ATOM   1119 N N   . THR A 1 158 ? -15.967 -22.104 -8.483  1.00 24.28 ? 1090 THR A N   1 
ATOM   1120 C CA  . THR A 1 158 ? -14.926 -23.104 -8.705  1.00 25.45 ? 1090 THR A CA  1 
ATOM   1121 C C   . THR A 1 158 ? -13.651 -22.700 -7.982  1.00 25.17 ? 1090 THR A C   1 
ATOM   1122 O O   . THR A 1 158 ? -13.326 -21.518 -7.917  1.00 23.41 ? 1090 THR A O   1 
ATOM   1123 C CB  . THR A 1 158 ? -14.582 -23.270 -10.186 1.00 26.07 ? 1090 THR A CB  1 
ATOM   1124 O OG1 . THR A 1 158 ? -15.765 -23.569 -10.918 1.00 28.54 ? 1090 THR A OG1 1 
ATOM   1125 C CG2 . THR A 1 158 ? -13.585 -24.389 -10.402 1.00 26.38 ? 1090 THR A CG2 1 
ATOM   1126 N N   . VAL A 1 159 ? -12.977 -23.691 -7.412  1.00 23.31 ? 1091 VAL A N   1 
ATOM   1127 C CA  . VAL A 1 159 ? -11.725 -23.496 -6.698  1.00 22.66 ? 1091 VAL A CA  1 
ATOM   1128 C C   . VAL A 1 159 ? -10.774 -24.612 -7.161  1.00 22.57 ? 1091 VAL A C   1 
ATOM   1129 O O   . VAL A 1 159 ? -11.142 -25.798 -7.094  1.00 22.30 ? 1091 VAL A O   1 
ATOM   1130 C CB  . VAL A 1 159 ? -11.923 -23.529 -5.158  1.00 22.54 ? 1091 VAL A CB  1 
ATOM   1131 C CG1 . VAL A 1 159 ? -10.620 -23.202 -4.447  1.00 22.26 ? 1091 VAL A CG1 1 
ATOM   1132 C CG2 . VAL A 1 159 ? -13.004 -22.562 -4.695  1.00 22.96 ? 1091 VAL A CG2 1 
ATOM   1133 N N   . LYS A 1 160 ? -9.585  -24.272 -7.669  1.00 20.78 ? 1092 LYS A N   1 
ATOM   1134 C CA  . LYS A 1 160 ? -8.558  -25.264 -7.996  1.00 19.90 ? 1092 LYS A CA  1 
ATOM   1135 C C   . LYS A 1 160 ? -7.387  -25.024 -7.079  1.00 19.04 ? 1092 LYS A C   1 
ATOM   1136 O O   . LYS A 1 160 ? -6.908  -23.900 -6.980  1.00 17.44 ? 1092 LYS A O   1 
ATOM   1137 C CB  . LYS A 1 160 ? -8.114  -25.150 -9.432  1.00 22.81 ? 1092 LYS A CB  1 
ATOM   1138 C CG  . LYS A 1 160 ? -9.227  -25.493 -10.405 1.00 27.02 ? 1092 LYS A CG  1 
ATOM   1139 C CD  . LYS A 1 160 ? -8.677  -25.707 -11.806 1.00 30.51 ? 1092 LYS A CD  1 
ATOM   1140 C CE  . LYS A 1 160 ? -9.508  -24.984 -12.865 1.00 34.38 ? 1092 LYS A CE  1 
ATOM   1141 N NZ  . LYS A 1 160 ? -10.618 -25.829 -13.385 1.00 38.48 ? 1092 LYS A NZ  1 
ATOM   1142 N N   . THR A 1 161 ? -6.954  -26.068 -6.379  1.00 17.02 ? 1093 THR A N   1 
ATOM   1143 C CA  . THR A 1 161 ? -5.863  -25.951 -5.439  1.00 17.07 ? 1093 THR A CA  1 
ATOM   1144 C C   . THR A 1 161 ? -4.798  -26.964 -5.797  1.00 17.53 ? 1093 THR A C   1 
ATOM   1145 O O   . THR A 1 161 ? -5.077  -28.172 -5.951  1.00 18.12 ? 1093 THR A O   1 
ATOM   1146 C CB  . THR A 1 161 ? -6.347  -26.158 -3.977  1.00 16.68 ? 1093 THR A CB  1 
ATOM   1147 O OG1 . THR A 1 161 ? -7.432  -25.264 -3.698  1.00 16.98 ? 1093 THR A OG1 1 
ATOM   1148 C CG2 . THR A 1 161 ? -5.200  -25.939 -2.952  1.00 16.83 ? 1093 THR A CG2 1 
ATOM   1149 N N   . VAL A 1 162 ? -3.557  -26.496 -5.867  1.00 17.11 ? 1094 VAL A N   1 
ATOM   1150 C CA  . VAL A 1 162 ? -2.425  -27.354 -6.097  1.00 18.08 ? 1094 VAL A CA  1 
ATOM   1151 C C   . VAL A 1 162 ? -1.557  -27.315 -4.852  1.00 17.61 ? 1094 VAL A C   1 
ATOM   1152 O O   . VAL A 1 162 ? -1.089  -26.264 -4.444  1.00 16.62 ? 1094 VAL A O   1 
ATOM   1153 C CB  . VAL A 1 162 ? -1.633  -26.930 -7.328  1.00 19.94 ? 1094 VAL A CB  1 
ATOM   1154 C CG1 . VAL A 1 162 ? -0.493  -27.907 -7.542  1.00 20.52 ? 1094 VAL A CG1 1 
ATOM   1155 C CG2 . VAL A 1 162 ? -2.540  -26.849 -8.561  1.00 19.66 ? 1094 VAL A CG2 1 
ATOM   1156 N N   . TYR A 1 163 ? -1.352  -28.479 -4.240  1.00 18.97 ? 1095 TYR A N   1 
ATOM   1157 C CA  . TYR A 1 163 ? -0.561  -28.588 -3.011  1.00 20.52 ? 1095 TYR A CA  1 
ATOM   1158 C C   . TYR A 1 163 ? 0.925   -28.730 -3.332  1.00 22.13 ? 1095 TYR A C   1 
ATOM   1159 O O   . TYR A 1 163 ? 1.280   -29.089 -4.467  1.00 19.85 ? 1095 TYR A O   1 
ATOM   1160 C CB  . TYR A 1 163 ? -1.092  -29.770 -2.186  1.00 20.04 ? 1095 TYR A CB  1 
ATOM   1161 C CG  . TYR A 1 163 ? -2.400  -29.428 -1.491  1.00 22.04 ? 1095 TYR A CG  1 
ATOM   1162 C CD1 . TYR A 1 163 ? -2.391  -28.809 -0.254  1.00 22.00 ? 1095 TYR A CD1 1 
ATOM   1163 C CD2 . TYR A 1 163 ? -3.630  -29.663 -2.078  1.00 22.30 ? 1095 TYR A CD2 1 
ATOM   1164 C CE1 . TYR A 1 163 ? -3.553  -28.460 0.387   1.00 22.72 ? 1095 TYR A CE1 1 
ATOM   1165 C CE2 . TYR A 1 163 ? -4.816  -29.299 -1.440  1.00 22.85 ? 1095 TYR A CE2 1 
ATOM   1166 C CZ  . TYR A 1 163 ? -4.761  -28.687 -0.203  1.00 21.72 ? 1095 TYR A CZ  1 
ATOM   1167 O OH  . TYR A 1 163 ? -5.862  -28.300 0.519   1.00 25.91 ? 1095 TYR A OH  1 
ATOM   1168 N N   . SER A 1 164 ? 1.786   -28.424 -2.347  1.00 24.08 ? 1096 SER A N   1 
ATOM   1169 C CA  A SER A 1 164 ? 3.245   -28.483 -2.540  0.62 26.03 ? 1096 SER A CA  1 
ATOM   1170 C CA  B SER A 1 164 ? 3.240   -28.485 -2.554  0.38 25.97 ? 1096 SER A CA  1 
ATOM   1171 C C   . SER A 1 164 ? 3.687   -29.900 -2.959  1.00 27.57 ? 1096 SER A C   1 
ATOM   1172 O O   . SER A 1 164 ? 4.688   -30.070 -3.671  1.00 30.40 ? 1096 SER A O   1 
ATOM   1173 C CB  A SER A 1 164 ? 3.994   -28.034 -1.266  0.62 26.06 ? 1096 SER A CB  1 
ATOM   1174 C CB  B SER A 1 164 ? 4.000   -27.995 -1.306  0.38 26.02 ? 1096 SER A CB  1 
ATOM   1175 O OG  A SER A 1 164 ? 3.659   -26.703 -0.901  0.62 25.66 ? 1096 SER A OG  1 
ATOM   1176 O OG  B SER A 1 164 ? 3.452   -28.532 -0.114  0.38 25.77 ? 1096 SER A OG  1 
ATOM   1177 N N   . ASP A 1 165 ? 2.934   -30.916 -2.533  1.00 27.16 ? 1097 ASP A N   1 
ATOM   1178 C CA  . ASP A 1 165 ? 3.211   -32.313 -2.912  1.00 28.31 ? 1097 ASP A CA  1 
ATOM   1179 C C   . ASP A 1 165 ? 2.679   -32.735 -4.282  1.00 27.80 ? 1097 ASP A C   1 
ATOM   1180 O O   . ASP A 1 165 ? 2.817   -33.907 -4.675  1.00 28.62 ? 1097 ASP A O   1 
ATOM   1181 C CB  . ASP A 1 165 ? 2.686   -33.272 -1.843  1.00 29.29 ? 1097 ASP A CB  1 
ATOM   1182 C CG  . ASP A 1 165 ? 1.160   -33.347 -1.793  1.00 30.52 ? 1097 ASP A CG  1 
ATOM   1183 O OD1 . ASP A 1 165 ? 0.458   -32.753 -2.655  1.00 26.51 ? 1097 ASP A OD1 1 
ATOM   1184 O OD2 . ASP A 1 165 ? 0.665   -34.016 -0.861  1.00 31.29 ? 1097 ASP A OD2 1 
ATOM   1185 N N   . GLY A 1 166 ? 2.044   -31.804 -4.991  1.00 23.90 ? 1098 GLY A N   1 
ATOM   1186 C CA  . GLY A 1 166 ? 1.591   -32.056 -6.348  1.00 22.56 ? 1098 GLY A CA  1 
ATOM   1187 C C   . GLY A 1 166 ? 0.134   -32.515 -6.461  1.00 19.55 ? 1098 GLY A C   1 
ATOM   1188 O O   . GLY A 1 166 ? -0.405  -32.530 -7.564  1.00 16.99 ? 1098 GLY A O   1 
ATOM   1189 N N   . ARG A 1 167 ? -0.507  -32.854 -5.342  1.00 20.22 ? 1099 ARG A N   1 
ATOM   1190 C CA  . ARG A 1 167 ? -1.942  -33.167 -5.393  1.00 19.01 ? 1099 ARG A CA  1 
ATOM   1191 C C   . ARG A 1 167 ? -2.711  -31.957 -5.868  1.00 18.06 ? 1099 ARG A C   1 
ATOM   1192 O O   . ARG A 1 167 ? -2.297  -30.815 -5.623  1.00 18.32 ? 1099 ARG A O   1 
ATOM   1193 C CB  . ARG A 1 167 ? -2.434  -33.602 -4.047  1.00 21.52 ? 1099 ARG A CB  1 
ATOM   1194 C CG  . ARG A 1 167 ? -1.945  -34.986 -3.688  1.00 23.58 ? 1099 ARG A CG  1 
ATOM   1195 C CD  . ARG A 1 167 ? -2.358  -35.257 -2.269  1.00 27.11 ? 1099 ARG A CD  1 
ATOM   1196 N NE  . ARG A 1 167 ? -2.511  -36.659 -2.010  1.00 29.09 ? 1099 ARG A NE  1 
ATOM   1197 C CZ  . ARG A 1 167 ? -3.026  -37.120 -0.877  1.00 28.30 ? 1099 ARG A CZ  1 
ATOM   1198 N NH1 . ARG A 1 167 ? -3.398  -36.259 0.077   1.00 25.19 ? 1099 ARG A NH1 1 
ATOM   1199 N NH2 . ARG A 1 167 ? -3.140  -38.433 -0.706  1.00 30.54 ? 1099 ARG A NH2 1 
ATOM   1200 N N   . GLN A 1 168 ? -3.836  -32.209 -6.534  1.00 17.01 ? 1100 GLN A N   1 
ATOM   1201 C CA  A GLN A 1 168 ? -4.674  -31.150 -7.087  0.50 17.54 ? 1100 GLN A CA  1 
ATOM   1202 C CA  B GLN A 1 168 ? -4.651  -31.145 -7.083  0.50 18.74 ? 1100 GLN A CA  1 
ATOM   1203 C C   . GLN A 1 168 ? -6.118  -31.400 -6.724  1.00 17.42 ? 1100 GLN A C   1 
ATOM   1204 O O   . GLN A 1 168 ? -6.628  -32.520 -6.919  1.00 16.20 ? 1100 GLN A O   1 
ATOM   1205 C CB  A GLN A 1 168 ? -4.588  -31.094 -8.604  0.50 17.83 ? 1100 GLN A CB  1 
ATOM   1206 C CB  B GLN A 1 168 ? -4.447  -31.014 -8.604  0.50 21.05 ? 1100 GLN A CB  1 
ATOM   1207 C CG  A GLN A 1 168 ? -5.064  -29.766 -9.168  0.50 18.23 ? 1100 GLN A CG  1 
ATOM   1208 C CG  B GLN A 1 168 ? -4.687  -32.274 -9.426  0.50 23.81 ? 1100 GLN A CG  1 
ATOM   1209 C CD  A GLN A 1 168 ? -6.558  -29.718 -9.480  0.50 18.94 ? 1100 GLN A CD  1 
ATOM   1210 C CD  B GLN A 1 168 ? -3.429  -32.937 -10.013 0.50 25.57 ? 1100 GLN A CD  1 
ATOM   1211 O OE1 A GLN A 1 168 ? -7.209  -30.742 -9.743  0.50 19.99 ? 1100 GLN A OE1 1 
ATOM   1212 O OE1 B GLN A 1 168 ? -3.285  -33.025 -11.240 0.50 28.23 ? 1100 GLN A OE1 1 
ATOM   1213 N NE2 A GLN A 1 168 ? -7.098  -28.515 -9.486  0.50 19.90 ? 1100 GLN A NE2 1 
ATOM   1214 N NE2 B GLN A 1 168 ? -2.542  -33.438 -9.151  0.50 23.63 ? 1100 GLN A NE2 1 
ATOM   1215 N N   . GLU A 1 169 ? -6.776  -30.370 -6.205  1.00 16.98 ? 1101 GLU A N   1 
ATOM   1216 C CA  . GLU A 1 169 ? -8.173  -30.460 -5.833  1.00 17.28 ? 1101 GLU A CA  1 
ATOM   1217 C C   . GLU A 1 169 ? -8.995  -29.469 -6.649  1.00 16.85 ? 1101 GLU A C   1 
ATOM   1218 O O   . GLU A 1 169 ? -8.632  -28.265 -6.755  1.00 16.82 ? 1101 GLU A O   1 
ATOM   1219 C CB  . GLU A 1 169 ? -8.327  -30.144 -4.370  1.00 18.01 ? 1101 GLU A CB  1 
ATOM   1220 C CG  . GLU A 1 169 ? -9.737  -30.320 -3.814  1.00 19.08 ? 1101 GLU A CG  1 
ATOM   1221 C CD  . GLU A 1 169 ? -9.899  -29.695 -2.439  1.00 21.88 ? 1101 GLU A CD  1 
ATOM   1222 O OE1 . GLU A 1 169 ? -9.907  -28.439 -2.321  1.00 21.29 ? 1101 GLU A OE1 1 
ATOM   1223 O OE2 . GLU A 1 169 ? -10.017 -30.457 -1.447  1.00 23.28 ? 1101 GLU A OE2 1 
ATOM   1224 N N   . THR A 1 170 ? -10.100 -29.955 -7.220  1.00 15.61 ? 1102 THR A N   1 
ATOM   1225 C CA  . THR A 1 170 ? -11.054 -29.064 -7.838  1.00 16.66 ? 1102 THR A CA  1 
ATOM   1226 C C   . THR A 1 170 ? -12.348 -29.109 -7.027  1.00 17.59 ? 1102 THR A C   1 
ATOM   1227 O O   . THR A 1 170 ? -12.907 -30.182 -6.864  1.00 17.02 ? 1102 THR A O   1 
ATOM   1228 C CB  . THR A 1 170 ? -11.319 -29.398 -9.320  1.00 18.83 ? 1102 THR A CB  1 
ATOM   1229 O OG1 . THR A 1 170 ? -10.127 -29.254 -10.103 1.00 20.37 ? 1102 THR A OG1 1 
ATOM   1230 C CG2 . THR A 1 170 ? -12.370 -28.465 -9.909  1.00 20.47 ? 1102 THR A CG2 1 
ATOM   1231 N N   . GLN A 1 171 ? -12.803 -27.942 -6.549  1.00 16.79 ? 1103 GLN A N   1 
ATOM   1232 C CA  . GLN A 1 171 ? -14.112 -27.775 -5.933  1.00 17.55 ? 1103 GLN A CA  1 
ATOM   1233 C C   . GLN A 1 171 ? -15.007 -27.123 -6.981  1.00 17.96 ? 1103 GLN A C   1 
ATOM   1234 O O   . GLN A 1 171 ? -14.747 -26.012 -7.428  1.00 21.38 ? 1103 GLN A O   1 
ATOM   1235 C CB  . GLN A 1 171 ? -14.094 -26.903 -4.683  1.00 18.87 ? 1103 GLN A CB  1 
ATOM   1236 C CG  . GLN A 1 171 ? -13.192 -27.407 -3.545  1.00 19.31 ? 1103 GLN A CG  1 
ATOM   1237 C CD  . GLN A 1 171 ? -13.236 -26.539 -2.310  1.00 22.59 ? 1103 GLN A CD  1 
ATOM   1238 O OE1 . GLN A 1 171 ? -14.281 -25.948 -1.964  1.00 26.15 ? 1103 GLN A OE1 1 
ATOM   1239 N NE2 . GLN A 1 171 ? -12.092 -26.422 -1.634  1.00 24.94 ? 1103 GLN A NE2 1 
ATOM   1240 N N   . TYR A 1 172 ? -16.066 -27.814 -7.359  1.00 18.49 ? 1104 TYR A N   1 
ATOM   1241 C CA  . TYR A 1 172 ? -16.980 -27.280 -8.356  1.00 17.45 ? 1104 TYR A CA  1 
ATOM   1242 C C   . TYR A 1 172 ? -18.062 -26.418 -7.696  1.00 17.82 ? 1104 TYR A C   1 
ATOM   1243 O O   . TYR A 1 172 ? -18.325 -26.584 -6.524  1.00 19.58 ? 1104 TYR A O   1 
ATOM   1244 C CB  . TYR A 1 172 ? -17.635 -28.443 -9.093  1.00 18.20 ? 1104 TYR A CB  1 
ATOM   1245 C CG  . TYR A 1 172 ? -16.667 -29.292 -9.880  1.00 19.81 ? 1104 TYR A CG  1 
ATOM   1246 C CD1 . TYR A 1 172 ? -15.939 -30.317 -9.252  1.00 19.94 ? 1104 TYR A CD1 1 
ATOM   1247 C CD2 . TYR A 1 172 ? -16.428 -29.041 -11.220 1.00 22.02 ? 1104 TYR A CD2 1 
ATOM   1248 C CE1 . TYR A 1 172 ? -15.038 -31.096 -9.955  1.00 21.68 ? 1104 TYR A CE1 1 
ATOM   1249 C CE2 . TYR A 1 172 ? -15.517 -29.814 -11.935 1.00 25.14 ? 1104 TYR A CE2 1 
ATOM   1250 C CZ  . TYR A 1 172 ? -14.842 -30.853 -11.298 1.00 24.28 ? 1104 TYR A CZ  1 
ATOM   1251 O OH  . TYR A 1 172 ? -13.936 -31.661 -11.969 1.00 28.97 ? 1104 TYR A OH  1 
ATOM   1252 N N   . PRO A 1 173 ? -18.717 -25.519 -8.471  1.00 20.15 ? 1105 PRO A N   1 
ATOM   1253 C CA  . PRO A 1 173 ? -19.809 -24.709 -7.917  1.00 20.07 ? 1105 PRO A CA  1 
ATOM   1254 C C   . PRO A 1 173 ? -20.924 -25.539 -7.279  1.00 19.58 ? 1105 PRO A C   1 
ATOM   1255 O O   . PRO A 1 173 ? -21.681 -25.019 -6.452  1.00 22.87 ? 1105 PRO A O   1 
ATOM   1256 C CB  . PRO A 1 173 ? -20.358 -23.961 -9.135  1.00 21.45 ? 1105 PRO A CB  1 
ATOM   1257 C CG  . PRO A 1 173 ? -19.365 -24.104 -10.208 1.00 22.43 ? 1105 PRO A CG  1 
ATOM   1258 C CD  . PRO A 1 173 ? -18.521 -25.310 -9.915  1.00 20.67 ? 1105 PRO A CD  1 
ATOM   1259 N N   . THR A 1 174 ? -21.023 -26.818 -7.673  1.00 17.32 ? 1106 THR A N   1 
ATOM   1260 C CA  . THR A 1 174 ? -22.123 -27.696 -7.270  1.00 17.56 ? 1106 THR A CA  1 
ATOM   1261 C C   . THR A 1 174 ? -21.979 -28.294 -5.893  1.00 19.90 ? 1106 THR A C   1 
ATOM   1262 O O   . THR A 1 174 ? -22.895 -28.969 -5.430  1.00 22.19 ? 1106 THR A O   1 
ATOM   1263 C CB  . THR A 1 174 ? -22.171 -28.912 -8.190  1.00 16.42 ? 1106 THR A CB  1 
ATOM   1264 O OG1 . THR A 1 174 ? -20.853 -29.509 -8.220  1.00 15.71 ? 1106 THR A OG1 1 
ATOM   1265 C CG2 . THR A 1 174 ? -22.595 -28.519 -9.621  1.00 17.73 ? 1106 THR A CG2 1 
ATOM   1266 N N   . GLY A 1 175 ? -20.787 -28.154 -5.319  1.00 20.00 ? 1107 GLY A N   1 
ATOM   1267 C CA  . GLY A 1 175 ? -20.413 -28.892 -4.104  1.00 21.59 ? 1107 GLY A CA  1 
ATOM   1268 C C   . GLY A 1 175 ? -19.493 -30.069 -4.348  1.00 21.21 ? 1107 GLY A C   1 
ATOM   1269 O O   . GLY A 1 175 ? -18.832 -30.543 -3.397  1.00 22.82 ? 1107 GLY A O   1 
ATOM   1270 N N   . ARG A 1 176 ? -19.395 -30.551 -5.600  1.00 17.35 ? 1108 ARG A N   1 
ATOM   1271 C CA  . ARG A 1 176 ? -18.481 -31.662 -5.898  1.00 17.37 ? 1108 ARG A CA  1 
ATOM   1272 C C   . ARG A 1 176 ? -17.035 -31.277 -5.620  1.00 16.51 ? 1108 ARG A C   1 
ATOM   1273 O O   . ARG A 1 176 ? -16.613 -30.160 -5.907  1.00 16.27 ? 1108 ARG A O   1 
ATOM   1274 C CB  . ARG A 1 176 ? -18.612 -32.079 -7.351  1.00 18.57 ? 1108 ARG A CB  1 
ATOM   1275 C CG  . ARG A 1 176 ? -17.782 -33.283 -7.757  1.00 20.50 ? 1108 ARG A CG  1 
ATOM   1276 C CD  . ARG A 1 176 ? -18.112 -33.631 -9.194  1.00 22.84 ? 1108 ARG A CD  1 
ATOM   1277 N NE  . ARG A 1 176 ? -17.239 -34.652 -9.740  1.00 26.99 ? 1108 ARG A NE  1 
ATOM   1278 C CZ  . ARG A 1 176 ? -16.784 -34.719 -10.995 1.00 29.65 ? 1108 ARG A CZ  1 
ATOM   1279 N NH1 . ARG A 1 176 ? -17.076 -33.802 -11.905 1.00 31.42 ? 1108 ARG A NH1 1 
ATOM   1280 N NH2 . ARG A 1 176 ? -15.996 -35.724 -11.343 1.00 31.29 ? 1108 ARG A NH2 1 
ATOM   1281 N N   . VAL A 1 177 ? -16.308 -32.199 -5.017  1.00 15.62 ? 1109 VAL A N   1 
ATOM   1282 C CA  . VAL A 1 177 ? -14.875 -32.043 -4.750  1.00 15.31 ? 1109 VAL A CA  1 
ATOM   1283 C C   . VAL A 1 177 ? -14.135 -33.253 -5.340  1.00 16.81 ? 1109 VAL A C   1 
ATOM   1284 O O   . VAL A 1 177 ? -14.401 -34.422 -4.998  1.00 16.07 ? 1109 VAL A O   1 
ATOM   1285 C CB  . VAL A 1 177 ? -14.561 -31.919 -3.252  1.00 15.69 ? 1109 VAL A CB  1 
ATOM   1286 C CG1 . VAL A 1 177 ? -13.042 -31.817 -3.043  1.00 16.65 ? 1109 VAL A CG1 1 
ATOM   1287 C CG2 . VAL A 1 177 ? -15.310 -30.753 -2.572  1.00 16.44 ? 1109 VAL A CG2 1 
ATOM   1288 N N   . ARG A 1 178 ? -13.209 -32.982 -6.252  1.00 16.06 ? 1110 ARG A N   1 
ATOM   1289 C CA  . ARG A 1 178 ? -12.404 -34.005 -6.877  1.00 16.90 ? 1110 ARG A CA  1 
ATOM   1290 C C   . ARG A 1 178 ? -10.944 -33.790 -6.570  1.00 17.12 ? 1110 ARG A C   1 
ATOM   1291 O O   . ARG A 1 178 ? -10.404 -32.710 -6.860  1.00 18.87 ? 1110 ARG A O   1 
ATOM   1292 C CB  . ARG A 1 178 ? -12.612 -33.981 -8.363  1.00 19.83 ? 1110 ARG A CB  1 
ATOM   1293 C CG  . ARG A 1 178 ? -11.891 -35.061 -9.125  1.00 21.55 ? 1110 ARG A CG  1 
ATOM   1294 C CD  . ARG A 1 178 ? -12.186 -34.908 -10.624 1.00 25.99 ? 1110 ARG A CD  1 
ATOM   1295 N NE  . ARG A 1 178 ? -11.487 -33.713 -11.148 1.00 28.68 ? 1110 ARG A NE  1 
ATOM   1296 C CZ  . ARG A 1 178 ? -11.452 -33.318 -12.426 1.00 32.64 ? 1110 ARG A CZ  1 
ATOM   1297 N NH1 . ARG A 1 178 ? -12.101 -33.987 -13.379 1.00 32.16 ? 1110 ARG A NH1 1 
ATOM   1298 N NH2 . ARG A 1 178 ? -10.765 -32.222 -12.748 1.00 33.44 ? 1110 ARG A NH2 1 
ATOM   1299 N N   . LEU A 1 179 ? -10.298 -34.802 -5.991  1.00 15.50 ? 1111 LEU A N   1 
ATOM   1300 C CA  . LEU A 1 179 ? -8.889  -34.751 -5.620  1.00 16.17 ? 1111 LEU A CA  1 
ATOM   1301 C C   . LEU A 1 179 ? -8.080  -35.713 -6.475  1.00 16.48 ? 1111 LEU A C   1 
ATOM   1302 O O   . LEU A 1 179 ? -8.453  -36.861 -6.682  1.00 15.21 ? 1111 LEU A O   1 
ATOM   1303 C CB  . LEU A 1 179 ? -8.711  -35.080 -4.136  1.00 17.36 ? 1111 LEU A CB  1 
ATOM   1304 C CG  . LEU A 1 179 ? -7.278  -34.970 -3.567  1.00 18.74 ? 1111 LEU A CG  1 
ATOM   1305 C CD1 . LEU A 1 179 ? -6.740  -33.534 -3.584  1.00 18.66 ? 1111 LEU A CD1 1 
ATOM   1306 C CD2 . LEU A 1 179 ? -7.292  -35.516 -2.140  1.00 19.67 ? 1111 LEU A CD2 1 
ATOM   1307 N N   . LYS A 1 180 ? -6.973  -35.226 -7.026  1.00 15.74 ? 1112 LYS A N   1 
ATOM   1308 C CA  . LYS A 1 180 ? -6.070  -36.063 -7.801  1.00 16.80 ? 1112 LYS A CA  1 
ATOM   1309 C C   . LYS A 1 180 ? -4.687  -36.192 -7.173  1.00 19.64 ? 1112 LYS A C   1 
ATOM   1310 O O   . LYS A 1 180 ? -4.216  -35.277 -6.514  1.00 19.05 ? 1112 LYS A O   1 
ATOM   1311 C CB  . LYS A 1 180 ? -5.964  -35.526 -9.201  1.00 17.80 ? 1112 LYS A CB  1 
ATOM   1312 C CG  . LYS A 1 180 ? -7.301  -35.411 -9.912  1.00 19.11 ? 1112 LYS A CG  1 
ATOM   1313 C CD  . LYS A 1 180 ? -7.052  -34.737 -11.250 1.00 20.99 ? 1112 LYS A CD  1 
ATOM   1314 C CE  . LYS A 1 180 ? -8.201  -34.896 -12.200 1.00 23.63 ? 1112 LYS A CE  1 
ATOM   1315 N NZ  . LYS A 1 180 ? -7.945  -34.139 -13.468 1.00 24.61 ? 1112 LYS A NZ  1 
ATOM   1316 N N   . ASP A 1 181 ? -4.052  -37.350 -7.393  1.00 21.01 ? 1113 ASP A N   1 
ATOM   1317 C CA  . ASP A 1 181 ? -2.656  -37.565 -7.015  1.00 22.82 ? 1113 ASP A CA  1 
ATOM   1318 C C   . ASP A 1 181 ? -1.735  -36.749 -7.938  1.00 23.00 ? 1113 ASP A C   1 
ATOM   1319 O O   . ASP A 1 181 ? -2.205  -36.147 -8.905  1.00 21.33 ? 1113 ASP A O   1 
ATOM   1320 C CB  . ASP A 1 181 ? -2.331  -39.080 -7.002  1.00 25.36 ? 1113 ASP A CB  1 
ATOM   1321 C CG  . ASP A 1 181 ? -2.185  -39.701 -8.393  1.00 24.91 ? 1113 ASP A CG  1 
ATOM   1322 O OD1 . ASP A 1 181 ? -2.132  -39.033 -9.442  1.00 27.27 ? 1113 ASP A OD1 1 
ATOM   1323 O OD2 . ASP A 1 181 ? -2.141  -40.965 -8.429  1.00 31.58 ? 1113 ASP A OD2 1 
ATOM   1324 N N   . PRO A 1 182 ? -0.420  -36.726 -7.651  1.00 26.57 ? 1114 PRO A N   1 
ATOM   1325 C CA  . PRO A 1 182 ? 0.432   -35.869 -8.488  1.00 27.58 ? 1114 PRO A CA  1 
ATOM   1326 C C   . PRO A 1 182 ? 0.577   -36.315 -9.960  1.00 27.63 ? 1114 PRO A C   1 
ATOM   1327 O O   . PRO A 1 182 ? 0.993   -35.521 -10.805 1.00 27.13 ? 1114 PRO A O   1 
ATOM   1328 C CB  . PRO A 1 182 ? 1.773   -35.880 -7.752  1.00 26.66 ? 1114 PRO A CB  1 
ATOM   1329 C CG  . PRO A 1 182 ? 1.440   -36.268 -6.348  1.00 27.94 ? 1114 PRO A CG  1 
ATOM   1330 C CD  . PRO A 1 182 ? 0.307   -37.249 -6.487  1.00 27.26 ? 1114 PRO A CD  1 
ATOM   1331 N N   . GLN A 1 183 ? 0.188   -37.544 -10.297 1.00 27.02 ? 1115 GLN A N   1 
ATOM   1332 C CA  . GLN A 1 183 ? 0.180   -37.971 -11.696 1.00 28.35 ? 1115 GLN A CA  1 
ATOM   1333 C C   . GLN A 1 183 ? -1.136  -37.697 -12.415 1.00 25.90 ? 1115 GLN A C   1 
ATOM   1334 O O   . GLN A 1 183 ? -1.289  -37.927 -13.621 1.00 26.39 ? 1115 GLN A O   1 
ATOM   1335 C CB  . GLN A 1 183 ? 0.547   -39.450 -11.794 1.00 31.77 ? 1115 GLN A CB  1 
ATOM   1336 C CG  . GLN A 1 183 ? 2.004   -39.720 -11.455 1.00 35.64 ? 1115 GLN A CG  1 
ATOM   1337 C CD  . GLN A 1 183 ? 2.307   -39.588 -9.969  1.00 38.08 ? 1115 GLN A CD  1 
ATOM   1338 O OE1 . GLN A 1 183 ? 1.663   -40.224 -9.125  1.00 42.64 ? 1115 GLN A OE1 1 
ATOM   1339 N NE2 . GLN A 1 183 ? 3.297   -38.770 -9.640  1.00 39.44 ? 1115 GLN A NE2 1 
ATOM   1340 N N   . GLY A 1 184 ? -2.120  -37.223 -11.667 1.00 24.75 ? 1116 GLY A N   1 
ATOM   1341 C CA  . GLY A 1 184 ? -3.372  -36.838 -12.271 1.00 22.73 ? 1116 GLY A CA  1 
ATOM   1342 C C   . GLY A 1 184 ? -4.479  -37.855 -12.051 1.00 24.19 ? 1116 GLY A C   1 
ATOM   1343 O O   . GLY A 1 184 ? -5.576  -37.665 -12.562 1.00 25.03 ? 1116 GLY A O   1 
ATOM   1344 N N   . LYS A 1 185 ? -4.190  -38.916 -11.303 1.00 24.22 ? 1117 LYS A N   1 
ATOM   1345 C CA  . LYS A 1 185 ? -5.205  -39.936 -11.049 1.00 25.97 ? 1117 LYS A CA  1 
ATOM   1346 C C   . LYS A 1 185 ? -6.125  -39.471 -9.945  1.00 23.29 ? 1117 LYS A C   1 
ATOM   1347 O O   . LYS A 1 185 ? -5.660  -39.018 -8.906  1.00 21.00 ? 1117 LYS A O   1 
ATOM   1348 C CB  . LYS A 1 185 ? -4.568  -41.246 -10.639 1.00 29.99 ? 1117 LYS A CB  1 
ATOM   1349 C CG  . LYS A 1 185 ? -5.512  -42.425 -10.750 1.00 35.25 ? 1117 LYS A CG  1 
ATOM   1350 C CD  . LYS A 1 185 ? -4.808  -43.721 -10.386 1.00 39.34 ? 1117 LYS A CD  1 
ATOM   1351 C CE  . LYS A 1 185 ? -5.422  -44.882 -11.152 1.00 44.00 ? 1117 LYS A CE  1 
ATOM   1352 N NZ  . LYS A 1 185 ? -6.876  -45.036 -10.850 1.00 45.06 ? 1117 LYS A NZ  1 
ATOM   1353 N N   . VAL A 1 186 ? -7.426  -39.650 -10.159 1.00 23.48 ? 1118 VAL A N   1 
ATOM   1354 C CA  . VAL A 1 186 ? -8.449  -39.291 -9.156  1.00 23.76 ? 1118 VAL A CA  1 
ATOM   1355 C C   . VAL A 1 186 ? -8.422  -40.231 -7.938  1.00 22.60 ? 1118 VAL A C   1 
ATOM   1356 O O   . VAL A 1 186 ? -8.501  -41.476 -8.068  1.00 25.25 ? 1118 VAL A O   1 
ATOM   1357 C CB  . VAL A 1 186 ? -9.853  -39.264 -9.781  1.00 23.43 ? 1118 VAL A CB  1 
ATOM   1358 C CG1 . VAL A 1 186 ? -10.921 -39.009 -8.712  1.00 24.11 ? 1118 VAL A CG1 1 
ATOM   1359 C CG2 . VAL A 1 186 ? -9.926  -38.201 -10.861 1.00 24.20 ? 1118 VAL A CG2 1 
ATOM   1360 N N   . ILE A 1 187 ? -8.288  -39.655 -6.762  1.00 22.77 ? 1119 ILE A N   1 
ATOM   1361 C CA  . ILE A 1 187 ? -8.273  -40.420 -5.501  1.00 24.75 ? 1119 ILE A CA  1 
ATOM   1362 C C   . ILE A 1 187 ? -9.459  -40.126 -4.575  1.00 26.88 ? 1119 ILE A C   1 
ATOM   1363 O O   . ILE A 1 187 ? -9.700  -40.864 -3.616  1.00 28.23 ? 1119 ILE A O   1 
ATOM   1364 C CB  . ILE A 1 187 ? -6.932  -40.267 -4.734  1.00 24.91 ? 1119 ILE A CB  1 
ATOM   1365 C CG1 . ILE A 1 187 ? -6.598  -38.808 -4.489  1.00 26.02 ? 1119 ILE A CG1 1 
ATOM   1366 C CG2 . ILE A 1 187 ? -5.781  -40.931 -5.484  1.00 26.29 ? 1119 ILE A CG2 1 
ATOM   1367 C CD1 . ILE A 1 187 ? -5.547  -38.591 -3.440  1.00 28.38 ? 1119 ILE A CD1 1 
ATOM   1368 N N   . MET A 1 188 ? -10.211 -39.061 -4.861  1.00 26.13 ? 1120 MET A N   1 
ATOM   1369 C CA  . MET A 1 188 ? -11.405 -38.698 -4.085  1.00 25.56 ? 1120 MET A CA  1 
ATOM   1370 C C   . MET A 1 188 ? -12.326 -37.963 -5.057  1.00 23.47 ? 1120 MET A C   1 
ATOM   1371 O O   . MET A 1 188 ? -11.875 -37.098 -5.804  1.00 19.93 ? 1120 MET A O   1 
ATOM   1372 C CB  . MET A 1 188 ? -11.058 -37.775 -2.919  1.00 28.98 ? 1120 MET A CB  1 
ATOM   1373 C CG  . MET A 1 188 ? -11.038 -38.386 -1.531  1.00 32.86 ? 1120 MET A CG  1 
ATOM   1374 S SD  . MET A 1 188 ? -12.682 -38.739 -0.842  1.00 33.49 ? 1120 MET A SD  1 
ATOM   1375 C CE  . MET A 1 188 ? -12.067 -39.827 0.427   1.00 35.66 ? 1120 MET A CE  1 
ATOM   1376 N N   . ASP A 1 189 ? -13.602 -38.310 -5.061  1.00 20.63 ? 1121 ASP A N   1 
ATOM   1377 C CA  . ASP A 1 189 ? -14.600 -37.606 -5.874  1.00 18.47 ? 1121 ASP A CA  1 
ATOM   1378 C C   . ASP A 1 189 ? -15.903 -37.748 -5.127  1.00 18.62 ? 1121 ASP A C   1 
ATOM   1379 O O   . ASP A 1 189 ? -16.516 -38.844 -5.125  1.00 19.02 ? 1121 ASP A O   1 
ATOM   1380 C CB  . ASP A 1 189 ? -14.689 -38.200 -7.278  1.00 19.58 ? 1121 ASP A CB  1 
ATOM   1381 C CG  . ASP A 1 189 ? -15.551 -37.380 -8.211  1.00 21.11 ? 1121 ASP A CG  1 
ATOM   1382 O OD1 . ASP A 1 189 ? -16.223 -36.432 -7.779  1.00 20.41 ? 1121 ASP A OD1 1 
ATOM   1383 O OD2 . ASP A 1 189 ? -15.551 -37.673 -9.423  1.00 25.55 ? 1121 ASP A OD2 1 
ATOM   1384 N N   . THR A 1 190 ? -16.313 -36.666 -4.488  1.00 17.69 ? 1122 THR A N   1 
ATOM   1385 C CA  . THR A 1 190 ? -17.463 -36.675 -3.615  1.00 16.67 ? 1122 THR A CA  1 
ATOM   1386 C C   . THR A 1 190 ? -18.422 -35.529 -3.928  1.00 18.23 ? 1122 THR A C   1 
ATOM   1387 O O   . THR A 1 190 ? -18.028 -34.464 -4.403  1.00 17.62 ? 1122 THR A O   1 
ATOM   1388 C CB  . THR A 1 190 ? -17.070 -36.609 -2.120  1.00 16.18 ? 1122 THR A CB  1 
ATOM   1389 O OG1 . THR A 1 190 ? -16.422 -35.367 -1.815  1.00 16.12 ? 1122 THR A OG1 1 
ATOM   1390 C CG2 . THR A 1 190 ? -16.100 -37.711 -1.742  1.00 15.61 ? 1122 THR A CG2 1 
ATOM   1391 N N   . LYS A 1 191 ? -19.698 -35.757 -3.616  1.00 20.05 ? 1123 LYS A N   1 
ATOM   1392 C CA  . LYS A 1 191 ? -20.721 -34.720 -3.699  1.00 22.19 ? 1123 LYS A CA  1 
ATOM   1393 C C   . LYS A 1 191 ? -21.902 -35.061 -2.789  1.00 24.23 ? 1123 LYS A C   1 
ATOM   1394 O O   . LYS A 1 191 ? -22.302 -36.217 -2.721  1.00 25.02 ? 1123 LYS A O   1 
ATOM   1395 C CB  . LYS A 1 191 ? -21.227 -34.610 -5.136  1.00 23.68 ? 1123 LYS A CB  1 
ATOM   1396 C CG  . LYS A 1 191 ? -22.215 -33.463 -5.336  1.00 25.52 ? 1123 LYS A CG  1 
ATOM   1397 C CD  . LYS A 1 191 ? -22.524 -33.269 -6.800  1.00 26.31 ? 1123 LYS A CD  1 
ATOM   1398 C CE  . LYS A 1 191 ? -23.277 -31.986 -7.081  1.00 26.19 ? 1123 LYS A CE  1 
ATOM   1399 N NZ  . LYS A 1 191 ? -24.629 -31.969 -6.464  1.00 27.54 ? 1123 LYS A NZ  1 
ATOM   1400 N N   . ALA A 1 192 ? -22.445 -34.073 -2.084  1.00 27.57 ? 1124 ALA A N   1 
ATOM   1401 C CA  . ALA A 1 192 ? -23.563 -34.351 -1.165  1.00 31.27 ? 1124 ALA A CA  1 
ATOM   1402 C C   . ALA A 1 192 ? -24.802 -34.818 -1.945  1.00 33.45 ? 1124 ALA A C   1 
ATOM   1403 O O   . ALA A 1 192 ? -25.070 -34.388 -3.071  1.00 32.14 ? 1124 ALA A O   1 
ATOM   1404 C CB  . ALA A 1 192 ? -23.879 -33.130 -0.310  1.00 33.70 ? 1124 ALA A CB  1 
ATOM   1405 O OXT . ALA A 1 192 ? -25.565 -35.672 -1.486  1.00 38.23 ? 1124 ALA A OXT 1 
HETATM 1406 O O   . HOH B 2 .   ? 11.677  28.642  16.247  1.00 40.83 ? 2001 HOH A O   1 
HETATM 1407 O O   . HOH B 2 .   ? 14.291  43.083  6.000   1.00 43.21 ? 2002 HOH A O   1 
HETATM 1408 O O   . HOH B 2 .   ? 6.395   29.108  12.643  1.00 30.81 ? 2003 HOH A O   1 
HETATM 1409 O O   . HOH B 2 .   ? 16.350  20.777  12.904  1.00 36.39 ? 2004 HOH A O   1 
HETATM 1410 O O   . HOH B 2 .   ? 14.735  22.739  14.001  1.00 53.05 ? 2005 HOH A O   1 
HETATM 1411 O O   . HOH B 2 .   ? 11.239  25.409  15.532  1.00 44.33 ? 2006 HOH A O   1 
HETATM 1412 O O   . HOH B 2 .   ? 11.693  22.797  14.328  1.00 35.76 ? 2007 HOH A O   1 
HETATM 1413 O O   . HOH B 2 .   ? -3.367  22.287  -1.718  1.00 45.37 ? 2008 HOH A O   1 
HETATM 1414 O O   . HOH B 2 .   ? 7.048   11.421  9.127   1.00 50.48 ? 2009 HOH A O   1 
HETATM 1415 O O   . HOH B 2 .   ? 1.191   10.130  11.548  1.00 51.30 ? 2010 HOH A O   1 
HETATM 1416 O O   . HOH B 2 .   ? 11.690  6.886   3.096   1.00 47.54 ? 2011 HOH A O   1 
HETATM 1417 O O   . HOH B 2 .   ? -6.122  9.231   -3.677  1.00 43.52 ? 2012 HOH A O   1 
HETATM 1418 O O   . HOH B 2 .   ? -5.281  2.031   -3.867  1.00 35.79 ? 2013 HOH A O   1 
HETATM 1419 O O   . HOH B 2 .   ? -5.349  2.680   -6.650  1.00 36.01 ? 2014 HOH A O   1 
HETATM 1420 O O   . HOH B 2 .   ? -4.428  -9.626  10.852  1.00 50.74 ? 2015 HOH A O   1 
HETATM 1421 O O   . HOH B 2 .   ? 3.396   -6.437  -3.988  1.00 37.90 ? 2016 HOH A O   1 
HETATM 1422 O O   . HOH B 2 .   ? -5.445  -13.051 6.114   1.00 44.91 ? 2017 HOH A O   1 
HETATM 1423 O O   . HOH B 2 .   ? -2.739  -13.263 10.448  1.00 46.16 ? 2018 HOH A O   1 
HETATM 1424 O O   . HOH B 2 .   ? -3.773  -20.979 4.672   1.00 36.10 ? 2019 HOH A O   1 
HETATM 1425 O O   . HOH B 2 .   ? -6.775  -18.632 2.097   1.00 47.39 ? 2020 HOH A O   1 
HETATM 1426 O O   . HOH B 2 .   ? 7.481   -23.133 2.025   1.00 50.20 ? 2021 HOH A O   1 
HETATM 1427 O O   . HOH B 2 .   ? -14.924 -19.911 -3.716  1.00 32.65 ? 2022 HOH A O   1 
HETATM 1428 O O   . HOH B 2 .   ? 2.341   -29.594 -9.077  1.00 36.67 ? 2023 HOH A O   1 
HETATM 1429 O O   . HOH B 2 .   ? -6.737  -19.893 7.289   1.00 41.55 ? 2024 HOH A O   1 
HETATM 1430 O O   . HOH B 2 .   ? 5.318   42.223  7.936   1.00 45.98 ? 2025 HOH A O   1 
HETATM 1431 O O   . HOH B 2 .   ? 8.833   37.252  12.232  1.00 45.68 ? 2026 HOH A O   1 
HETATM 1432 O O   . HOH B 2 .   ? 16.666  39.829  14.716  1.00 38.90 ? 2027 HOH A O   1 
HETATM 1433 O O   . HOH B 2 .   ? 20.590  38.378  15.127  1.00 46.62 ? 2028 HOH A O   1 
HETATM 1434 O O   . HOH B 2 .   ? 17.601  36.947  17.914  1.00 32.41 ? 2029 HOH A O   1 
HETATM 1435 O O   . HOH B 2 .   ? 20.158  37.052  17.349  1.00 49.89 ? 2030 HOH A O   1 
HETATM 1436 O O   . HOH B 2 .   ? 22.181  35.588  13.696  1.00 36.50 ? 2031 HOH A O   1 
HETATM 1437 O O   . HOH B 2 .   ? 24.578  35.291  16.437  1.00 38.66 ? 2032 HOH A O   1 
HETATM 1438 O O   . HOH B 2 .   ? 24.152  29.953  11.174  1.00 30.03 ? 2033 HOH A O   1 
HETATM 1439 O O   . HOH B 2 .   ? 20.338  34.399  8.837   1.00 25.57 ? 2034 HOH A O   1 
HETATM 1440 O O   . HOH B 2 .   ? 18.934  30.587  7.988   1.00 26.86 ? 2035 HOH A O   1 
HETATM 1441 O O   . HOH B 2 .   ? 14.967  37.415  5.079   1.00 26.54 ? 2036 HOH A O   1 
HETATM 1442 O O   . HOH B 2 .   ? 14.259  34.727  5.649   1.00 39.76 ? 2037 HOH A O   1 
HETATM 1443 O O   . HOH B 2 .   ? 9.596   31.115  17.308  1.00 49.98 ? 2038 HOH A O   1 
HETATM 1444 O O   . HOH B 2 .   ? 12.564  36.613  1.745   1.00 19.92 ? 2039 HOH A O   1 
HETATM 1445 O O   . HOH B 2 .   ? 8.661   38.901  3.372   1.00 24.01 ? 2040 HOH A O   1 
HETATM 1446 O O   . HOH B 2 .   ? 12.332  41.256  5.587   1.00 29.74 ? 2041 HOH A O   1 
HETATM 1447 O O   . HOH B 2 .   ? 3.634   41.467  6.191   1.00 37.06 ? 2042 HOH A O   1 
HETATM 1448 O O   . HOH B 2 .   ? 1.679   34.443  1.435   1.00 28.81 ? 2043 HOH A O   1 
HETATM 1449 O O   . HOH B 2 .   ? 3.625   38.049  0.129   1.00 32.88 ? 2044 HOH A O   1 
HETATM 1450 O O   . HOH B 2 .   ? -2.263  38.272  -1.267  1.00 36.12 ? 2045 HOH A O   1 
HETATM 1451 O O   . HOH B 2 .   ? 0.235   31.833  8.519   1.00 29.87 ? 2046 HOH A O   1 
HETATM 1452 O O   . HOH B 2 .   ? 2.581   30.911  0.775   1.00 19.73 ? 2047 HOH A O   1 
HETATM 1453 O O   . HOH B 2 .   ? 6.383   28.462  9.809   1.00 22.62 ? 2048 HOH A O   1 
HETATM 1454 O O   . HOH B 2 .   ? 11.994  33.116  6.134   1.00 31.80 ? 2049 HOH A O   1 
HETATM 1455 O O   . HOH B 2 .   ? 11.880  32.687  3.755   1.00 41.85 ? 2050 HOH A O   1 
HETATM 1456 O O   . HOH B 2 .   ? 16.773  27.415  5.341   1.00 17.96 ? 2051 HOH A O   1 
HETATM 1457 O O   . HOH B 2 .   ? 18.234  23.562  11.626  1.00 32.48 ? 2052 HOH A O   1 
HETATM 1458 O O   . HOH B 2 .   ? 20.383  20.229  5.940   1.00 44.51 ? 2053 HOH A O   1 
HETATM 1459 O O   . HOH B 2 .   ? 15.842  22.289  11.376  1.00 36.92 ? 2054 HOH A O   1 
HETATM 1460 O O   . HOH B 2 .   ? 20.661  18.954  9.385   1.00 44.37 ? 2055 HOH A O   1 
HETATM 1461 O O   . HOH B 2 .   ? 18.042  18.945  6.412   1.00 29.29 ? 2056 HOH A O   1 
HETATM 1462 O O   . HOH B 2 .   ? 9.077   27.706  13.948  1.00 37.56 ? 2057 HOH A O   1 
HETATM 1463 O O   . HOH B 2 .   ? 9.361   23.004  12.941  1.00 38.69 ? 2058 HOH A O   1 
HETATM 1464 O O   . HOH B 2 .   ? 8.923   24.458  15.887  1.00 48.32 ? 2059 HOH A O   1 
HETATM 1465 O O   . HOH B 2 .   ? 4.138   26.255  12.607  1.00 32.82 ? 2060 HOH A O   1 
HETATM 1466 O O   . HOH B 2 .   ? -1.959  29.324  11.432  1.00 39.61 ? 2061 HOH A O   1 
HETATM 1467 O O   . HOH B 2 .   ? -4.789  28.610  4.374   1.00 40.99 ? 2062 HOH A O   1 
HETATM 1468 O O   . HOH B 2 .   ? -7.891  24.831  9.912   1.00 44.64 ? 2063 HOH A O   1 
HETATM 1469 O O   . HOH B 2 .   ? -0.592  21.437  10.682  1.00 34.55 ? 2064 HOH A O   1 
HETATM 1470 O O   . HOH B 2 .   ? -2.090  21.083  0.760   1.00 37.99 ? 2065 HOH A O   1 
HETATM 1471 O O   . HOH B 2 .   ? 0.495   25.084  -0.402  1.00 23.20 ? 2066 HOH A O   1 
HETATM 1472 O O   . HOH B 2 .   ? 5.026   19.334  8.315   1.00 21.56 ? 2067 HOH A O   1 
HETATM 1473 O O   . HOH B 2 .   ? 11.521  19.847  12.777  1.00 47.32 ? 2068 HOH A O   1 
HETATM 1474 O O   . HOH B 2 .   ? 13.113  18.231  12.302  1.00 40.07 ? 2069 HOH A O   1 
HETATM 1475 O O   . HOH B 2 .   ? 18.182  20.414  -0.498  1.00 49.92 ? 2070 HOH A O   1 
HETATM 1476 O O   . HOH B 2 .   ? 9.332   14.268  10.308  1.00 45.66 ? 2071 HOH A O   1 
HETATM 1477 O O   . HOH B 2 .   ? 20.952  16.599  -0.236  1.00 41.34 ? 2072 HOH A O   1 
HETATM 1478 O O   . HOH B 2 .   ? 16.956  16.163  5.463   1.00 44.72 ? 2073 HOH A O   1 
HETATM 1479 O O   . HOH B 2 .   ? 21.430  20.595  3.116   1.00 40.23 ? 2074 HOH A O   1 
HETATM 1480 O O   . HOH B 2 .   ? 10.792  15.860  -2.941  1.00 39.47 ? 2075 HOH A O   1 
HETATM 1481 O O   . HOH B 2 .   ? 9.965   17.756  -2.008  1.00 42.29 ? 2076 HOH A O   1 
HETATM 1482 O O   . HOH B 2 .   ? 12.771  16.660  -4.463  1.00 52.59 ? 2077 HOH A O   1 
HETATM 1483 O O   . HOH B 2 .   ? 8.762   21.864  -0.161  1.00 29.02 ? 2078 HOH A O   1 
HETATM 1484 O O   . HOH B 2 .   ? 11.023  19.936  -3.032  1.00 38.78 ? 2079 HOH A O   1 
HETATM 1485 O O   . HOH B 2 .   ? 4.165   16.519  11.543  1.00 34.10 ? 2080 HOH A O   1 
HETATM 1486 O O   . HOH B 2 .   ? -1.569  17.903  12.948  1.00 33.75 ? 2081 HOH A O   1 
HETATM 1487 O O   . HOH B 2 .   ? -0.464  17.277  0.491   1.00 25.79 ? 2082 HOH A O   1 
HETATM 1488 O O   . HOH B 2 .   ? -6.986  19.326  8.256   1.00 20.48 ? 2083 HOH A O   1 
HETATM 1489 O O   . HOH B 2 .   ? -4.449  20.232  15.335  1.00 33.73 ? 2084 HOH A O   1 
HETATM 1490 O O   . HOH B 2 .   ? -8.906  13.896  11.870  1.00 25.05 ? 2085 HOH A O   1 
HETATM 1491 O O   . HOH B 2 .   ? -8.325  13.084  7.170   1.00 45.64 ? 2086 HOH A O   1 
HETATM 1492 O O   . HOH B 2 .   ? -2.488  10.855  10.876  1.00 36.57 ? 2087 HOH A O   1 
HETATM 1493 O O   . HOH B 2 .   ? 0.254   13.975  12.553  1.00 41.42 ? 2088 HOH A O   1 
HETATM 1494 O O   . HOH B 2 .   ? 5.069   10.427  10.043  1.00 49.70 ? 2089 HOH A O   1 
HETATM 1495 O O   . HOH B 2 .   ? 2.826   11.638  13.234  1.00 40.89 ? 2090 HOH A O   1 
HETATM 1496 O O   . HOH B 2 .   ? 3.877   9.817   -6.453  1.00 35.60 ? 2091 HOH A O   1 
HETATM 1497 O O   . HOH B 2 .   ? 10.284  2.646   -0.920  1.00 51.93 ? 2092 HOH A O   1 
HETATM 1498 O O   . HOH B 2 .   ? 0.273   8.056   -1.807  1.00 25.36 ? 2093 HOH A O   1 
HETATM 1499 O O   . HOH B 2 .   ? 6.447   8.763   4.973   1.00 30.98 ? 2094 HOH A O   1 
HETATM 1500 O O   . HOH B 2 .   ? 9.244   6.467   4.440   1.00 39.81 ? 2095 HOH A O   1 
HETATM 1501 O O   . HOH B 2 .   ? -6.458  7.803   -0.998  1.00 31.33 ? 2096 HOH A O   1 
HETATM 1502 O O   . HOH B 2 .   ? 1.551   5.778   9.136   1.00 44.46 ? 2097 HOH A O   1 
HETATM 1503 O O   . HOH B 2 .   ? -0.933  6.503   9.656   1.00 35.48 ? 2098 HOH A O   1 
HETATM 1504 O O   . HOH B 2 .   ? -1.325  8.528   11.301  1.00 36.90 ? 2099 HOH A O   1 
HETATM 1505 O O   . HOH B 2 .   ? -8.455  8.445   8.189   1.00 33.41 ? 2100 HOH A O   1 
HETATM 1506 O O   . HOH B 2 .   ? -3.865  7.054   13.662  1.00 48.76 ? 2101 HOH A O   1 
HETATM 1507 O O   . HOH B 2 .   ? -11.034 3.641   8.726   1.00 47.92 ? 2102 HOH A O   1 
HETATM 1508 O O   . HOH B 2 .   ? -0.214  1.136   8.614   1.00 40.89 ? 2103 HOH A O   1 
HETATM 1509 O O   . HOH B 2 .   ? -5.173  3.727   0.839   1.00 42.24 ? 2104 HOH A O   1 
HETATM 1510 O O   . HOH B 2 .   ? -5.903  4.954   -3.221  1.00 42.54 ? 2105 HOH A O   1 
HETATM 1511 O O   . HOH B 2 .   ? 3.411   8.850   -8.918  1.00 53.00 ? 2106 HOH A O   1 
HETATM 1512 O O   . HOH B 2 .   ? 8.591   2.848   -9.237  1.00 37.63 ? 2107 HOH A O   1 
HETATM 1513 O O   . HOH B 2 .   ? 6.806   -0.307  -7.524  1.00 47.07 ? 2108 HOH A O   1 
HETATM 1514 O O   . HOH B 2 .   ? -2.781  2.218   -8.771  1.00 41.81 ? 2109 HOH A O   1 
HETATM 1515 O O   . HOH B 2 .   ? -3.639  0.533   -2.310  1.00 25.00 ? 2110 HOH A O   1 
HETATM 1516 O O   . HOH B 2 .   ? -5.538  -1.055  -1.343  1.00 37.59 ? 2111 HOH A O   1 
HETATM 1517 O O   . HOH B 2 .   ? -7.095  -0.606  7.586   1.00 40.92 ? 2112 HOH A O   1 
HETATM 1518 O O   . HOH B 2 .   ? -6.311  -2.956  9.695   1.00 34.78 ? 2113 HOH A O   1 
HETATM 1519 O O   . HOH B 2 .   ? -2.762  -8.728  12.158  1.00 39.88 ? 2114 HOH A O   1 
HETATM 1520 O O   . HOH B 2 .   ? -4.817  -9.060  8.317   1.00 39.25 ? 2115 HOH A O   1 
HETATM 1521 O O   . HOH B 2 .   ? 3.107   -3.910  6.539   1.00 36.67 ? 2116 HOH A O   1 
HETATM 1522 O O   . HOH B 2 .   ? 1.437   -5.348  -1.893  1.00 25.92 ? 2117 HOH A O   1 
HETATM 1523 O O   . HOH B 2 .   ? 3.647   -4.842  -0.334  1.00 35.56 ? 2118 HOH A O   1 
HETATM 1524 O O   . HOH B 2 .   ? 6.422   -2.233  4.295   1.00 37.10 ? 2119 HOH A O   1 
HETATM 1525 O O   . HOH B 2 .   ? 3.761   -2.151  -4.446  1.00 38.23 ? 2120 HOH A O   1 
HETATM 1526 O O   . HOH B 2 .   ? -0.102  -2.466  -14.534 1.00 40.78 ? 2121 HOH A O   1 
HETATM 1527 O O   . HOH B 2 .   ? -7.037  0.644   -13.978 1.00 42.55 ? 2122 HOH A O   1 
HETATM 1528 O O   . HOH B 2 .   ? -6.911  -0.851  -16.198 1.00 49.39 ? 2123 HOH A O   1 
HETATM 1529 O O   . HOH B 2 .   ? -8.987  -2.496  -8.388  1.00 37.96 ? 2124 HOH A O   1 
HETATM 1530 O O   . HOH B 2 .   ? -8.290  -6.610  -9.961  1.00 32.31 ? 2125 HOH A O   1 
HETATM 1531 O O   . HOH B 2 .   ? -5.606  -8.022  -13.726 1.00 32.39 ? 2126 HOH A O   1 
HETATM 1532 O O   . HOH B 2 .   ? -6.859  -12.125 1.982   1.00 44.12 ? 2127 HOH A O   1 
HETATM 1533 O O   . HOH B 2 .   ? -6.255  -10.894 4.727   1.00 41.61 ? 2128 HOH A O   1 
HETATM 1534 O O   . HOH B 2 .   ? -3.001  -12.831 7.425   1.00 25.30 ? 2129 HOH A O   1 
HETATM 1535 O O   . HOH B 2 .   ? 4.385   -15.476 8.185   1.00 31.55 ? 2130 HOH A O   1 
HETATM 1536 O O   . HOH B 2 .   ? 3.059   -15.543 10.290  1.00 35.94 ? 2131 HOH A O   1 
HETATM 1537 O O   . HOH B 2 .   ? 2.723   -12.572 11.465  1.00 37.98 ? 2132 HOH A O   1 
HETATM 1538 O O   . HOH B 2 .   ? 4.541   -12.764 6.911   1.00 18.67 ? 2133 HOH A O   1 
HETATM 1539 O O   . HOH B 2 .   ? 3.855   -10.187 8.335   1.00 43.74 ? 2134 HOH A O   1 
HETATM 1540 O O   . HOH B 2 .   ? -3.426  -18.079 4.556   1.00 49.91 ? 2135 HOH A O   1 
HETATM 1541 O O   . HOH B 2 .   ? -3.759  -17.947 8.378   1.00 39.54 ? 2136 HOH A O   1 
HETATM 1542 O O   . HOH B 2 .   ? -4.891  -16.442 2.682   1.00 44.08 ? 2137 HOH A O   1 
HETATM 1543 O O   . HOH B 2 .   ? 4.706   -8.994  -4.103  1.00 47.69 ? 2138 HOH A O   1 
HETATM 1544 O O   . HOH B 2 .   ? -7.639  -14.009 -14.856 1.00 38.52 ? 2139 HOH A O   1 
HETATM 1545 O O   . HOH B 2 .   ? -13.227 -15.393 -8.178  1.00 29.20 ? 2140 HOH A O   1 
HETATM 1546 O O   . HOH B 2 .   ? 0.996   -15.363 -10.237 1.00 48.80 ? 2141 HOH A O   1 
HETATM 1547 O O   . HOH B 2 .   ? 3.234   -20.092 -3.982  1.00 42.51 ? 2142 HOH A O   1 
HETATM 1548 O O   . HOH B 2 .   ? -2.031  -23.140 4.059   1.00 29.70 ? 2143 HOH A O   1 
HETATM 1549 O O   . HOH B 2 .   ? 1.736   -19.873 4.456   1.00 33.88 ? 2144 HOH A O   1 
HETATM 1550 O O   . HOH B 2 .   ? 4.415   -27.561 2.228   1.00 42.82 ? 2145 HOH A O   1 
HETATM 1551 O O   . HOH B 2 .   ? 6.351   -23.631 -0.209  1.00 48.79 ? 2146 HOH A O   1 
HETATM 1552 O O   . HOH B 2 .   ? 1.029   -28.871 1.658   1.00 44.07 ? 2147 HOH A O   1 
HETATM 1553 O O   . HOH B 2 .   ? 2.203   -21.913 -13.367 1.00 36.87 ? 2148 HOH A O   1 
HETATM 1554 O O   . HOH B 2 .   ? -8.737  -19.183 -0.211  1.00 36.02 ? 2149 HOH A O   1 
HETATM 1555 O O   . HOH B 2 .   ? -12.930 -15.466 -4.955  1.00 32.78 ? 2150 HOH A O   1 
HETATM 1556 O O   . HOH B 2 .   ? -12.183 -20.965 -1.892  1.00 39.53 ? 2151 HOH A O   1 
HETATM 1557 O O   . HOH B 2 .   ? -14.572 -19.445 -6.184  1.00 35.69 ? 2152 HOH A O   1 
HETATM 1558 O O   . HOH B 2 .   ? -6.614  -22.989 -12.513 1.00 36.16 ? 2153 HOH A O   1 
HETATM 1559 O O   . HOH B 2 .   ? -16.440 -18.169 -13.083 1.00 23.73 ? 2154 HOH A O   1 
HETATM 1560 O O   . HOH B 2 .   ? -19.962 -17.915 -7.091  1.00 40.55 ? 2155 HOH A O   1 
HETATM 1561 O O   . HOH B 2 .   ? -18.649 -14.433 -7.218  1.00 29.17 ? 2156 HOH A O   1 
HETATM 1562 O O   . HOH B 2 .   ? -14.900 -21.669 -13.916 1.00 37.78 ? 2157 HOH A O   1 
HETATM 1563 O O   . HOH B 2 .   ? -17.571 -23.726 -4.381  1.00 38.30 ? 2158 HOH A O   1 
HETATM 1564 O O   . HOH B 2 .   ? -9.720  -26.589 -4.257  1.00 16.76 ? 2159 HOH A O   1 
HETATM 1565 O O   . HOH B 2 .   ? 1.654   -25.710 -4.833  1.00 28.88 ? 2160 HOH A O   1 
HETATM 1566 O O   . HOH B 2 .   ? 3.288   -28.401 -6.490  1.00 37.79 ? 2161 HOH A O   1 
HETATM 1567 O O   . HOH B 2 .   ? 1.518   -30.833 0.124   1.00 38.26 ? 2162 HOH A O   1 
HETATM 1568 O O   . HOH B 2 .   ? 5.235   -31.390 -6.112  1.00 44.65 ? 2163 HOH A O   1 
HETATM 1569 O O   . HOH B 2 .   ? 3.146   -24.438 -3.298  1.00 36.36 ? 2164 HOH A O   1 
HETATM 1570 O O   . HOH B 2 .   ? 0.172   -31.297 -9.818  1.00 30.55 ? 2165 HOH A O   1 
HETATM 1571 O O   . HOH B 2 .   ? -2.357  -40.220 -2.803  1.00 49.64 ? 2166 HOH A O   1 
HETATM 1572 O O   . HOH B 2 .   ? -9.195  -32.463 -9.497  1.00 21.62 ? 2167 HOH A O   1 
HETATM 1573 O O   . HOH B 2 .   ? -8.196  -31.308 -12.618 1.00 46.44 ? 2168 HOH A O   1 
HETATM 1574 O O   . HOH B 2 .   ? -0.176  -33.359 -11.831 1.00 39.51 ? 2169 HOH A O   1 
HETATM 1575 O O   . HOH B 2 .   ? -9.812  -33.174 -0.691  1.00 21.85 ? 2170 HOH A O   1 
HETATM 1576 O O   . HOH B 2 .   ? -17.383 -27.858 -4.067  1.00 30.26 ? 2171 HOH A O   1 
HETATM 1577 O O   . HOH B 2 .   ? -13.793 -30.994 -14.455 1.00 43.64 ? 2172 HOH A O   1 
HETATM 1578 O O   . HOH B 2 .   ? -21.788 -22.425 -5.288  1.00 41.99 ? 2173 HOH A O   1 
HETATM 1579 O O   . HOH B 2 .   ? -24.356 -31.586 -3.864  1.00 41.16 ? 2174 HOH A O   1 
HETATM 1580 O O   . HOH B 2 .   ? -20.877 -31.691 -10.170 1.00 22.10 ? 2175 HOH A O   1 
HETATM 1581 O O   . HOH B 2 .   ? -21.417 -31.411 -1.840  1.00 33.34 ? 2176 HOH A O   1 
HETATM 1582 O O   . HOH B 2 .   ? -18.996 -31.348 -12.010 1.00 39.74 ? 2177 HOH A O   1 
HETATM 1583 O O   . HOH B 2 .   ? -13.481 -38.079 -11.543 1.00 55.60 ? 2178 HOH A O   1 
HETATM 1584 O O   . HOH B 2 .   ? -0.502  -42.298 -9.968  1.00 40.27 ? 2179 HOH A O   1 
HETATM 1585 O O   . HOH B 2 .   ? 4.016   -36.933 -11.546 1.00 47.65 ? 2180 HOH A O   1 
HETATM 1586 O O   . HOH B 2 .   ? 2.899   -33.411 -9.973  1.00 48.30 ? 2181 HOH A O   1 
HETATM 1587 O O   . HOH B 2 .   ? 3.198   -33.631 -12.571 1.00 43.85 ? 2182 HOH A O   1 
HETATM 1588 O O   . HOH B 2 .   ? -7.847  -39.035 -13.924 1.00 45.75 ? 2183 HOH A O   1 
HETATM 1589 O O   . HOH B 2 .   ? -9.314  -42.781 -10.976 1.00 47.25 ? 2184 HOH A O   1 
HETATM 1590 O O   . HOH B 2 .   ? -8.329  -41.016 -12.478 1.00 31.21 ? 2185 HOH A O   1 
HETATM 1591 O O   . HOH B 2 .   ? -18.853 -36.850 -7.180  1.00 34.60 ? 2186 HOH A O   1 
HETATM 1592 O O   . HOH B 2 .   ? -14.141 -40.895 -3.836  1.00 24.36 ? 2187 HOH A O   1 
HETATM 1593 O O   . HOH B 2 .   ? -16.663 -42.067 -3.547  1.00 45.56 ? 2188 HOH A O   1 
HETATM 1594 O O   . HOH B 2 .   ? -27.453 -33.046 -3.672  1.00 41.47 ? 2189 HOH A O   1 
HETATM 1595 O O   . HOH B 2 .   ? -25.347 -36.143 -5.392  1.00 38.27 ? 2190 HOH A O   1 
# 
